data_4A8Q
#
_entry.id   4A8Q
#
_cell.length_a   107.440
_cell.length_b   92.850
_cell.length_c   141.230
_cell.angle_alpha   90.00
_cell.angle_beta   101.85
_cell.angle_gamma   90.00
#
_symmetry.space_group_name_H-M   'P 1 21 1'
#
loop_
_entity.id
_entity.type
_entity.pdbx_description
1 polymer 'RNA-DIRECTED RNA POLYMERASE'
2 polymer "5'-D(*DTP*TP*CP*GP*CP*GP)-3'"
3 non-polymer 'MAGNESIUM ION'
4 non-polymer "ADENOSINE-5'-TRIPHOSPHATE"
5 water water
#
loop_
_entity_poly.entity_id
_entity_poly.type
_entity_poly.pdbx_seq_one_letter_code
_entity_poly.pdbx_strand_id
1 'polypeptide(L)'
;MPRRAPAFPLSDIKAQMLFANNIKAQQASKRSFKEGAIETYEGLLSVDPRFLSFKNELSRYLTDHFPANVDEYGRVYGNG
VRTNFFGMRHMNGFPMIPATWPLASNLKKRADADLADGPVSERDNLLFRAAVRLMFSDLEPVPLKIRKGSSTCIPYFSND
MGTKIEIAERALEKAEEAGNLMLQGKFDDAYQLHQMGGAYYVVYRAQSTDAITLDPKTGKFVSKDRMVADFEYAVTGGEQ
GSLFAASKDASRLKEQYGIDVPDGFFCERRRTAMGGPFALNAPIMAVAQPVRNKIYSKYAYTFHHTTRLNKEEKVKEWSL
CVATDVSDHDTFWPGWLRDLICDELLNMGYAPWWVKLFETSLKLPVYVGAPAPEQGHTLLGDPSNPDLEVGLSSGQGATD
LMGTLLMSITYLVMQLDHTAPHLNSRIKDMPSACRFLDSYWQGHEEIRQISKSDDAMLGWTKGRALVGGHRLFEMLKEGK
VNPSPYMKISYEHGGAFLGDILLYDSRREPGSAIFVGNINSMLNNQFSPEYGVQSGVRDRSKRKRPFPGLAWASMKDTYG
ACPIYSDVLEAIERCWWNAFGESYRAYREDMLKRDTLELSRYVASMARQAGLAELTPIDLEVLADPNKLQYKWTQADVSA
NIHEVLMHGVSVEKTERFLRSVMPR
;
A,B,C
2 'polydeoxyribonucleotide' (DT)(DT)(DC)(DG)(DC)(DG) F,G,H
#
# COMPACT_ATOMS: atom_id res chain seq x y z
N PRO A 2 -11.29 30.18 2.75
CA PRO A 2 -10.22 29.95 3.73
C PRO A 2 -8.82 29.91 3.11
N ARG A 3 -8.54 30.92 2.23
CA ARG A 3 -7.30 31.21 1.48
C ARG A 3 -6.92 30.18 0.43
N ARG A 4 -7.10 30.51 -0.86
CA ARG A 4 -6.66 29.60 -1.93
C ARG A 4 -5.15 29.73 -2.05
N ALA A 5 -4.48 28.62 -2.35
CA ALA A 5 -3.04 28.60 -2.53
C ALA A 5 -2.69 29.33 -3.82
N PRO A 6 -1.62 30.14 -3.85
CA PRO A 6 -1.25 30.77 -5.13
C PRO A 6 -0.76 29.69 -6.08
N ALA A 7 -1.02 29.86 -7.37
CA ALA A 7 -0.57 28.90 -8.38
C ALA A 7 0.11 29.68 -9.50
N PHE A 8 1.24 29.16 -10.01
CA PHE A 8 2.04 29.80 -11.04
C PHE A 8 2.28 28.85 -12.19
N PRO A 9 2.01 29.28 -13.44
CA PRO A 9 2.31 28.41 -14.58
C PRO A 9 3.83 28.29 -14.77
N LEU A 10 4.28 27.25 -15.50
CA LEU A 10 5.71 27.05 -15.77
C LEU A 10 6.39 28.30 -16.36
N SER A 11 5.67 29.06 -17.21
CA SER A 11 6.18 30.31 -17.81
C SER A 11 6.58 31.38 -16.77
N ASP A 12 5.94 31.37 -15.58
CA ASP A 12 6.20 32.34 -14.51
C ASP A 12 7.61 32.22 -14.00
N ILE A 13 8.25 33.35 -13.68
CA ILE A 13 9.61 33.39 -13.14
C ILE A 13 9.76 32.53 -11.90
N LYS A 14 8.73 32.50 -11.02
CA LYS A 14 8.74 31.69 -9.80
C LYS A 14 8.91 30.20 -10.09
N ALA A 15 8.31 29.71 -11.19
CA ALA A 15 8.44 28.31 -11.63
C ALA A 15 9.74 28.11 -12.40
N GLN A 16 10.13 29.08 -13.24
CA GLN A 16 11.37 29.00 -14.02
C GLN A 16 12.61 28.88 -13.13
N MET A 17 12.60 29.56 -11.96
CA MET A 17 13.68 29.57 -10.98
C MET A 17 13.88 28.20 -10.32
N LEU A 18 12.89 27.29 -10.44
CA LEU A 18 12.99 25.94 -9.88
C LEU A 18 13.83 25.00 -10.73
N PHE A 19 14.16 25.40 -11.95
CA PHE A 19 14.87 24.54 -12.89
C PHE A 19 16.11 25.20 -13.39
N ALA A 20 17.26 24.59 -13.08
CA ALA A 20 18.58 25.08 -13.48
C ALA A 20 18.76 25.08 -15.02
N ASN A 21 19.74 25.86 -15.52
CA ASN A 21 20.03 25.96 -16.94
C ASN A 21 20.85 24.76 -17.48
N ASN A 22 20.21 23.56 -17.41
CA ASN A 22 20.75 22.31 -17.94
C ASN A 22 19.61 21.50 -18.54
N ILE A 23 19.94 20.63 -19.49
CA ILE A 23 18.98 19.79 -20.22
C ILE A 23 18.09 18.93 -19.31
N LYS A 24 18.66 18.26 -18.33
CA LYS A 24 17.90 17.41 -17.41
C LYS A 24 16.83 18.18 -16.63
N ALA A 25 17.21 19.34 -16.06
CA ALA A 25 16.29 20.18 -15.28
C ALA A 25 15.20 20.75 -16.15
N GLN A 26 15.57 21.22 -17.36
CA GLN A 26 14.62 21.78 -18.32
C GLN A 26 13.65 20.71 -18.82
N GLN A 27 14.14 19.48 -19.08
CA GLN A 27 13.28 18.37 -19.50
C GLN A 27 12.29 18.02 -18.40
N ALA A 28 12.73 18.06 -17.11
CA ALA A 28 11.88 17.75 -15.97
C ALA A 28 10.74 18.75 -15.85
N SER A 29 11.04 20.03 -16.09
CA SER A 29 10.05 21.10 -16.01
C SER A 29 8.91 20.90 -17.02
N LYS A 30 9.29 20.56 -18.26
CA LYS A 30 8.41 20.41 -19.42
C LYS A 30 7.80 19.03 -19.64
N ARG A 31 8.36 17.96 -19.05
CA ARG A 31 7.91 16.58 -19.28
C ARG A 31 6.38 16.45 -19.35
N SER A 32 5.88 16.01 -20.50
CA SER A 32 4.43 15.85 -20.69
C SER A 32 4.00 14.47 -20.18
N PHE A 33 2.67 14.22 -20.13
CA PHE A 33 2.15 12.93 -19.67
C PHE A 33 2.71 11.83 -20.57
N LYS A 34 3.28 10.80 -19.95
CA LYS A 34 3.89 9.65 -20.64
C LYS A 34 3.34 8.34 -20.05
N GLU A 35 3.15 7.36 -20.92
CA GLU A 35 2.67 6.02 -20.61
C GLU A 35 3.17 5.02 -21.64
N GLY A 36 3.23 3.76 -21.24
CA GLY A 36 3.70 2.67 -22.09
C GLY A 36 3.91 1.42 -21.29
N ALA A 37 3.85 0.25 -21.96
CA ALA A 37 4.04 -1.04 -21.32
C ALA A 37 5.41 -1.11 -20.67
N ILE A 38 5.49 -1.67 -19.47
CA ILE A 38 6.78 -1.82 -18.81
C ILE A 38 7.44 -3.11 -19.32
N GLU A 39 8.77 -3.14 -19.32
CA GLU A 39 9.48 -4.35 -19.69
C GLU A 39 9.56 -5.12 -18.37
N THR A 40 8.50 -5.93 -18.09
CA THR A 40 8.32 -6.74 -16.87
C THR A 40 9.60 -7.51 -16.53
N TYR A 41 10.16 -8.21 -17.52
CA TYR A 41 11.43 -8.93 -17.48
C TYR A 41 12.08 -8.70 -18.83
N GLU A 42 13.40 -8.92 -18.95
CA GLU A 42 14.13 -8.72 -20.20
C GLU A 42 13.40 -9.43 -21.34
N GLY A 43 13.01 -8.68 -22.35
CA GLY A 43 12.31 -9.21 -23.52
C GLY A 43 10.86 -9.60 -23.33
N LEU A 44 10.20 -9.14 -22.25
CA LEU A 44 8.78 -9.43 -21.98
C LEU A 44 8.07 -8.16 -21.56
N LEU A 45 7.07 -7.72 -22.35
CA LEU A 45 6.26 -6.54 -22.01
C LEU A 45 5.06 -6.94 -21.15
N SER A 46 4.62 -6.04 -20.26
CA SER A 46 3.48 -6.27 -19.37
C SER A 46 2.17 -6.53 -20.14
N VAL A 47 2.10 -6.09 -21.41
CA VAL A 47 0.91 -6.26 -22.24
C VAL A 47 1.02 -7.38 -23.27
N ASP A 48 2.12 -8.16 -23.22
CA ASP A 48 2.33 -9.30 -24.12
C ASP A 48 1.08 -10.22 -24.04
N PRO A 49 0.45 -10.59 -25.18
CA PRO A 49 -0.76 -11.42 -25.12
C PRO A 49 -0.64 -12.71 -24.32
N ARG A 50 0.53 -13.40 -24.38
CA ARG A 50 0.75 -14.64 -23.62
C ARG A 50 0.73 -14.34 -22.13
N PHE A 51 1.37 -13.22 -21.71
CA PHE A 51 1.45 -12.79 -20.32
C PHE A 51 0.08 -12.44 -19.73
N LEU A 52 -0.76 -11.72 -20.51
CA LEU A 52 -2.11 -11.38 -20.05
C LEU A 52 -3.01 -12.61 -19.97
N SER A 53 -2.81 -13.58 -20.89
CA SER A 53 -3.55 -14.84 -20.91
C SER A 53 -3.21 -15.63 -19.63
N PHE A 54 -1.91 -15.64 -19.28
CA PHE A 54 -1.37 -16.27 -18.09
C PHE A 54 -2.02 -15.66 -16.82
N LYS A 55 -2.01 -14.31 -16.73
CA LYS A 55 -2.59 -13.56 -15.61
C LYS A 55 -4.08 -13.83 -15.50
N ASN A 56 -4.79 -13.93 -16.62
CA ASN A 56 -6.22 -14.21 -16.58
C ASN A 56 -6.44 -15.59 -15.98
N GLU A 57 -5.79 -16.63 -16.53
CA GLU A 57 -5.95 -18.00 -16.05
C GLU A 57 -5.56 -18.15 -14.57
N LEU A 58 -4.37 -17.67 -14.21
CA LEU A 58 -3.87 -17.77 -12.83
C LEU A 58 -4.72 -17.04 -11.78
N SER A 59 -5.10 -15.77 -12.04
CA SER A 59 -5.93 -15.00 -11.09
C SER A 59 -7.28 -15.68 -10.86
N ARG A 60 -7.90 -16.20 -11.93
CA ARG A 60 -9.19 -16.88 -11.85
C ARG A 60 -9.09 -18.19 -11.08
N TYR A 61 -8.05 -18.99 -11.38
CA TYR A 61 -7.80 -20.28 -10.73
C TYR A 61 -7.55 -20.15 -9.23
N LEU A 62 -6.62 -19.26 -8.86
CA LEU A 62 -6.25 -19.06 -7.47
C LEU A 62 -7.41 -18.53 -6.64
N THR A 63 -8.20 -17.58 -7.18
CA THR A 63 -9.37 -17.04 -6.45
C THR A 63 -10.39 -18.15 -6.19
N ASP A 64 -10.63 -18.97 -7.22
CA ASP A 64 -11.58 -20.08 -7.18
C ASP A 64 -11.19 -21.11 -6.11
N HIS A 65 -9.95 -21.60 -6.15
CA HIS A 65 -9.45 -22.64 -5.26
C HIS A 65 -9.00 -22.17 -3.90
N PHE A 66 -8.60 -20.90 -3.78
CA PHE A 66 -8.14 -20.37 -2.51
C PHE A 66 -8.89 -19.11 -2.11
N PRO A 67 -10.19 -19.23 -1.71
CA PRO A 67 -10.94 -18.04 -1.28
C PRO A 67 -10.35 -17.52 0.03
N ALA A 68 -10.54 -16.22 0.30
CA ALA A 68 -10.02 -15.58 1.50
C ALA A 68 -10.51 -16.27 2.79
N ASN A 69 -9.60 -16.41 3.77
CA ASN A 69 -9.89 -16.98 5.09
C ASN A 69 -9.62 -15.89 6.12
N VAL A 70 -10.57 -14.96 6.25
CA VAL A 70 -10.50 -13.82 7.18
C VAL A 70 -11.78 -13.81 8.01
N ASP A 71 -11.65 -13.90 9.33
CA ASP A 71 -12.84 -13.91 10.19
C ASP A 71 -13.50 -12.51 10.37
N GLU A 72 -14.61 -12.46 11.14
CA GLU A 72 -15.44 -11.28 11.45
C GLU A 72 -14.63 -10.14 12.09
N TYR A 73 -13.50 -10.49 12.75
CA TYR A 73 -12.58 -9.56 13.43
C TYR A 73 -11.33 -9.24 12.58
N GLY A 74 -11.37 -9.62 11.30
CA GLY A 74 -10.28 -9.36 10.38
C GLY A 74 -9.04 -10.21 10.62
N ARG A 75 -9.17 -11.30 11.37
CA ARG A 75 -8.03 -12.18 11.63
C ARG A 75 -7.91 -13.19 10.51
N VAL A 76 -6.69 -13.36 9.97
CA VAL A 76 -6.44 -14.35 8.92
C VAL A 76 -6.23 -15.71 9.58
N TYR A 77 -6.82 -16.77 9.00
CA TYR A 77 -6.69 -18.16 9.44
C TYR A 77 -6.49 -19.05 8.21
N GLY A 78 -6.51 -20.37 8.42
CA GLY A 78 -6.45 -21.40 7.38
C GLY A 78 -5.40 -21.23 6.29
N ASN A 79 -5.85 -20.97 5.06
CA ASN A 79 -4.98 -20.84 3.87
C ASN A 79 -4.03 -19.62 3.82
N GLY A 80 -4.22 -18.67 4.74
CA GLY A 80 -3.42 -17.45 4.82
C GLY A 80 -3.70 -16.42 3.74
N VAL A 81 -4.86 -16.52 3.07
CA VAL A 81 -5.30 -15.65 1.97
C VAL A 81 -6.29 -14.61 2.51
N ARG A 82 -6.09 -13.32 2.15
CA ARG A 82 -6.96 -12.23 2.59
C ARG A 82 -7.92 -11.64 1.56
N THR A 83 -7.67 -11.86 0.26
CA THR A 83 -8.57 -11.41 -0.82
C THR A 83 -8.42 -12.28 -2.02
N ASN A 84 -9.13 -11.92 -3.10
CA ASN A 84 -9.05 -12.56 -4.38
C ASN A 84 -7.66 -12.28 -4.97
N PHE A 85 -7.34 -12.90 -6.10
CA PHE A 85 -6.04 -12.75 -6.74
C PHE A 85 -6.13 -11.87 -8.00
N PHE A 86 -7.24 -11.14 -8.15
CA PHE A 86 -7.49 -10.29 -9.32
C PHE A 86 -6.67 -9.02 -9.39
N GLY A 87 -5.96 -8.68 -8.30
CA GLY A 87 -5.12 -7.49 -8.24
C GLY A 87 -4.04 -7.45 -9.32
N MET A 88 -3.62 -8.61 -9.84
CA MET A 88 -2.61 -8.74 -10.91
C MET A 88 -3.13 -8.30 -12.28
N ARG A 89 -4.46 -8.15 -12.44
CA ARG A 89 -5.10 -7.82 -13.72
C ARG A 89 -4.98 -6.35 -14.19
N HIS A 90 -3.76 -5.81 -14.24
CA HIS A 90 -3.56 -4.44 -14.71
C HIS A 90 -2.62 -4.41 -15.90
N MET A 91 -2.79 -3.39 -16.76
CA MET A 91 -1.95 -3.16 -17.93
C MET A 91 -0.81 -2.28 -17.38
N ASN A 92 0.18 -2.93 -16.74
CA ASN A 92 1.30 -2.24 -16.10
C ASN A 92 2.05 -1.27 -16.99
N GLY A 93 2.16 -0.04 -16.52
CA GLY A 93 2.80 1.06 -17.25
C GLY A 93 1.80 2.03 -17.81
N PHE A 94 0.49 1.66 -17.79
CA PHE A 94 -0.61 2.51 -18.25
C PHE A 94 -1.41 2.98 -17.03
N PRO A 95 -1.31 4.29 -16.68
CA PRO A 95 -2.00 4.76 -15.48
C PRO A 95 -3.45 5.10 -15.63
N MET A 96 -4.16 5.15 -14.49
CA MET A 96 -5.51 5.64 -14.44
C MET A 96 -5.41 7.13 -14.83
N ILE A 97 -6.50 7.69 -15.41
CA ILE A 97 -6.52 9.10 -15.83
C ILE A 97 -7.75 9.82 -15.23
N PRO A 98 -7.56 10.97 -14.56
CA PRO A 98 -6.29 11.64 -14.28
C PRO A 98 -5.72 11.21 -12.91
N ALA A 99 -4.49 11.59 -12.60
CA ALA A 99 -3.93 11.35 -11.28
C ALA A 99 -4.37 12.59 -10.48
N THR A 100 -4.31 12.52 -9.14
CA THR A 100 -4.75 13.65 -8.33
C THR A 100 -3.83 14.86 -8.37
N TRP A 101 -4.40 16.03 -8.16
CA TRP A 101 -3.65 17.25 -7.96
C TRP A 101 -3.44 17.23 -6.44
N PRO A 102 -2.20 17.40 -5.93
CA PRO A 102 -2.00 17.32 -4.47
C PRO A 102 -2.65 18.48 -3.74
N LEU A 103 -3.37 18.18 -2.65
CA LEU A 103 -4.06 19.17 -1.82
C LEU A 103 -3.05 20.12 -1.21
N ALA A 104 -3.23 21.45 -1.45
CA ALA A 104 -2.30 22.45 -0.91
C ALA A 104 -2.47 22.64 0.60
N SER A 105 -3.69 22.38 1.12
CA SER A 105 -4.00 22.48 2.55
C SER A 105 -4.88 21.35 2.98
N ASN A 106 -4.50 20.66 4.06
CA ASN A 106 -5.31 19.56 4.57
C ASN A 106 -6.10 19.99 5.81
N LEU A 107 -6.13 21.29 6.14
CA LEU A 107 -6.81 21.77 7.35
C LEU A 107 -8.29 21.45 7.36
N LYS A 108 -9.00 21.77 6.24
CA LYS A 108 -10.43 21.49 6.07
C LYS A 108 -10.67 19.97 6.03
N LYS A 109 -9.78 19.23 5.32
CA LYS A 109 -9.86 17.77 5.20
C LYS A 109 -9.92 17.15 6.61
N ARG A 110 -8.98 17.55 7.49
CA ARG A 110 -8.90 17.07 8.88
C ARG A 110 -10.13 17.49 9.71
N ALA A 111 -10.52 18.79 9.63
CA ALA A 111 -11.67 19.35 10.35
C ALA A 111 -12.96 18.64 9.97
N ASP A 112 -13.18 18.43 8.66
CA ASP A 112 -14.37 17.74 8.17
C ASP A 112 -14.41 16.28 8.60
N ALA A 113 -13.24 15.65 8.82
CA ALA A 113 -13.16 14.26 9.27
C ALA A 113 -13.23 14.18 10.81
N ASP A 114 -13.48 15.32 11.48
CA ASP A 114 -13.54 15.49 12.93
C ASP A 114 -12.26 15.07 13.63
N LEU A 115 -11.13 15.48 13.06
CA LEU A 115 -9.81 15.22 13.61
C LEU A 115 -9.31 16.52 14.24
N ALA A 116 -8.58 16.42 15.37
CA ALA A 116 -8.10 17.55 16.14
C ALA A 116 -7.07 18.44 15.46
N ASP A 117 -7.10 19.75 15.79
CA ASP A 117 -6.18 20.76 15.27
C ASP A 117 -5.00 21.03 16.21
N GLY A 118 -4.80 20.11 17.14
CA GLY A 118 -3.72 20.16 18.10
C GLY A 118 -3.91 19.06 19.13
N PRO A 119 -2.94 18.88 20.06
CA PRO A 119 -3.13 17.90 21.15
C PRO A 119 -4.39 18.23 21.93
N VAL A 120 -5.23 17.22 22.19
CA VAL A 120 -6.53 17.40 22.86
C VAL A 120 -6.38 17.78 24.33
N SER A 121 -5.46 17.11 25.03
CA SER A 121 -5.19 17.29 26.45
C SER A 121 -3.72 17.55 26.71
N GLU A 122 -3.38 17.98 27.95
CA GLU A 122 -1.98 18.23 28.32
C GLU A 122 -1.18 16.94 28.30
N ARG A 123 -1.80 15.80 28.71
CA ARG A 123 -1.16 14.50 28.69
C ARG A 123 -0.65 14.20 27.27
N ASP A 124 -1.53 14.34 26.26
CA ASP A 124 -1.19 14.10 24.86
C ASP A 124 -0.07 15.02 24.41
N ASN A 125 -0.13 16.32 24.78
CA ASN A 125 0.92 17.29 24.47
C ASN A 125 2.26 16.83 25.07
N LEU A 126 2.26 16.32 26.32
CA LEU A 126 3.47 15.84 26.96
C LEU A 126 4.03 14.60 26.25
N LEU A 127 3.14 13.70 25.79
CA LEU A 127 3.54 12.47 25.12
C LEU A 127 4.17 12.74 23.75
N PHE A 128 3.58 13.65 22.95
CA PHE A 128 4.14 14.01 21.66
C PHE A 128 5.51 14.65 21.85
N ARG A 129 5.63 15.55 22.85
CA ARG A 129 6.88 16.21 23.19
C ARG A 129 7.92 15.25 23.76
N ALA A 130 7.47 14.23 24.54
CA ALA A 130 8.37 13.20 25.10
C ALA A 130 8.95 12.36 23.95
N ALA A 131 8.13 12.09 22.90
CA ALA A 131 8.57 11.35 21.71
C ALA A 131 9.72 12.07 21.04
N VAL A 132 9.65 13.41 20.92
CA VAL A 132 10.71 14.25 20.34
C VAL A 132 11.98 14.14 21.20
N ARG A 133 11.84 14.27 22.53
CA ARG A 133 12.96 14.20 23.47
C ARG A 133 13.66 12.85 23.40
N LEU A 134 12.91 11.75 23.38
CA LEU A 134 13.50 10.42 23.32
C LEU A 134 14.13 10.10 21.96
N MET A 135 13.51 10.55 20.86
CA MET A 135 14.01 10.28 19.52
C MET A 135 15.22 11.11 19.12
N PHE A 136 15.26 12.38 19.52
CA PHE A 136 16.30 13.32 19.07
C PHE A 136 17.42 13.66 20.08
N SER A 137 17.48 12.97 21.23
CA SER A 137 18.46 13.33 22.27
C SER A 137 19.95 13.02 22.08
N ASP A 138 20.40 11.82 22.46
CA ASP A 138 21.83 11.45 22.45
C ASP A 138 22.20 10.70 21.19
N LEU A 139 22.20 11.45 20.08
CA LEU A 139 22.48 10.91 18.74
C LEU A 139 23.97 10.83 18.44
N GLU A 140 24.36 9.79 17.69
CA GLU A 140 25.75 9.58 17.27
C GLU A 140 25.88 9.81 15.76
N PRO A 141 26.90 10.58 15.33
CA PRO A 141 27.06 10.85 13.89
C PRO A 141 27.45 9.62 13.09
N VAL A 142 26.91 9.53 11.86
CA VAL A 142 27.13 8.45 10.91
C VAL A 142 27.34 9.07 9.51
N PRO A 143 27.92 8.36 8.52
CA PRO A 143 28.03 8.98 7.19
C PRO A 143 26.63 9.21 6.58
N LEU A 144 26.50 10.26 5.76
CA LEU A 144 25.25 10.61 5.08
C LEU A 144 25.20 9.68 3.88
N LYS A 145 24.34 8.65 3.91
CA LYS A 145 24.22 7.70 2.79
C LYS A 145 23.19 8.18 1.77
N ILE A 146 23.56 8.10 0.48
CA ILE A 146 22.79 8.54 -0.68
C ILE A 146 22.53 7.35 -1.60
N ARG A 147 21.28 7.18 -2.06
CA ARG A 147 20.94 6.11 -3.00
C ARG A 147 21.57 6.39 -4.37
N LYS A 148 22.27 5.41 -4.93
CA LYS A 148 22.91 5.56 -6.23
C LYS A 148 21.84 5.75 -7.32
N GLY A 149 22.07 6.69 -8.21
CA GLY A 149 21.13 6.96 -9.29
C GLY A 149 19.89 7.78 -8.94
N SER A 150 19.71 8.13 -7.64
CA SER A 150 18.61 8.98 -7.19
C SER A 150 18.84 10.41 -7.72
N SER A 151 17.76 11.18 -7.91
CA SER A 151 17.86 12.55 -8.42
C SER A 151 18.05 13.56 -7.30
N THR A 152 18.68 14.70 -7.61
CA THR A 152 18.84 15.80 -6.65
C THR A 152 17.60 16.67 -6.73
N CYS A 153 16.72 16.42 -7.74
CA CYS A 153 15.52 17.18 -8.02
C CYS A 153 15.79 18.69 -8.10
N ILE A 154 14.90 19.54 -7.56
CA ILE A 154 15.05 20.99 -7.68
C ILE A 154 16.34 21.54 -7.03
N PRO A 155 17.16 22.32 -7.78
CA PRO A 155 16.97 22.78 -9.16
C PRO A 155 17.74 22.04 -10.27
N TYR A 156 18.76 21.25 -9.90
CA TYR A 156 19.71 20.61 -10.83
C TYR A 156 19.28 19.34 -11.54
N PHE A 157 18.46 18.48 -10.87
CA PHE A 157 17.99 17.22 -11.43
C PHE A 157 19.15 16.34 -11.87
N SER A 158 20.21 16.29 -11.04
CA SER A 158 21.39 15.48 -11.31
C SER A 158 21.21 14.08 -10.76
N ASN A 159 21.72 13.07 -11.49
CA ASN A 159 21.68 11.67 -11.06
C ASN A 159 23.10 11.15 -10.83
N ASP A 160 24.10 12.04 -10.94
CA ASP A 160 25.52 11.71 -10.81
C ASP A 160 25.98 11.71 -9.37
N MET A 161 26.55 10.59 -8.91
CA MET A 161 27.03 10.45 -7.53
C MET A 161 28.06 11.49 -7.10
N GLY A 162 29.02 11.79 -7.94
CA GLY A 162 30.03 12.81 -7.63
C GLY A 162 29.43 14.18 -7.39
N THR A 163 28.47 14.58 -8.27
CA THR A 163 27.75 15.85 -8.17
C THR A 163 26.91 15.87 -6.89
N LYS A 164 26.23 14.76 -6.60
CA LYS A 164 25.37 14.59 -5.43
C LYS A 164 26.18 14.70 -4.14
N ILE A 165 27.39 14.10 -4.09
CA ILE A 165 28.28 14.21 -2.93
C ILE A 165 28.72 15.67 -2.73
N GLU A 166 29.11 16.38 -3.81
CA GLU A 166 29.51 17.79 -3.77
C GLU A 166 28.34 18.64 -3.24
N ILE A 167 27.11 18.42 -3.77
CA ILE A 167 25.90 19.14 -3.35
C ILE A 167 25.65 18.94 -1.86
N ALA A 168 25.72 17.68 -1.40
CA ALA A 168 25.51 17.31 0.01
C ALA A 168 26.56 17.91 0.93
N GLU A 169 27.85 17.89 0.53
CA GLU A 169 28.94 18.46 1.34
C GLU A 169 28.79 19.96 1.46
N ARG A 170 28.46 20.62 0.34
CA ARG A 170 28.22 22.07 0.28
C ARG A 170 27.02 22.45 1.16
N ALA A 171 25.95 21.61 1.12
CA ALA A 171 24.73 21.80 1.90
C ALA A 171 25.04 21.74 3.39
N LEU A 172 25.87 20.78 3.83
CA LEU A 172 26.25 20.68 5.23
C LEU A 172 27.10 21.88 5.68
N GLU A 173 27.90 22.43 4.75
CA GLU A 173 28.73 23.60 5.02
C GLU A 173 27.92 24.87 5.15
N LYS A 174 26.90 25.02 4.29
CA LYS A 174 26.09 26.23 4.20
C LYS A 174 24.70 26.21 4.84
N ALA A 175 24.28 25.08 5.45
CA ALA A 175 22.97 24.93 6.08
C ALA A 175 22.72 26.00 7.13
N GLU A 176 23.74 26.32 7.95
CA GLU A 176 23.64 27.33 9.00
C GLU A 176 23.31 28.71 8.45
N GLU A 177 24.05 29.13 7.41
CA GLU A 177 23.85 30.40 6.74
C GLU A 177 22.47 30.46 6.08
N ALA A 178 22.02 29.32 5.48
CA ALA A 178 20.71 29.23 4.84
C ALA A 178 19.57 29.30 5.85
N GLY A 179 19.69 28.55 6.95
CA GLY A 179 18.69 28.53 8.01
C GLY A 179 18.51 29.89 8.65
N ASN A 180 19.64 30.62 8.85
CA ASN A 180 19.63 31.96 9.41
C ASN A 180 18.95 32.94 8.48
N LEU A 181 19.13 32.77 7.14
CA LEU A 181 18.44 33.62 6.16
C LEU A 181 16.92 33.39 6.25
N MET A 182 16.50 32.11 6.38
CA MET A 182 15.08 31.75 6.50
C MET A 182 14.50 32.33 7.80
N LEU A 183 15.29 32.35 8.90
CA LEU A 183 14.85 32.94 10.18
C LEU A 183 14.56 34.44 10.02
N GLN A 184 15.22 35.10 9.02
CA GLN A 184 15.01 36.52 8.70
C GLN A 184 13.91 36.70 7.64
N GLY A 185 13.27 35.60 7.26
CA GLY A 185 12.23 35.59 6.24
C GLY A 185 12.78 35.71 4.83
N LYS A 186 14.11 35.55 4.66
CA LYS A 186 14.80 35.64 3.37
C LYS A 186 14.92 34.28 2.67
N PHE A 187 13.75 33.67 2.36
CA PHE A 187 13.64 32.36 1.71
C PHE A 187 14.23 32.38 0.30
N ASP A 188 13.95 33.44 -0.49
CA ASP A 188 14.48 33.57 -1.84
C ASP A 188 15.99 33.62 -1.83
N ASP A 189 16.61 34.35 -0.87
CA ASP A 189 18.08 34.41 -0.76
C ASP A 189 18.66 33.05 -0.40
N ALA A 190 18.02 32.31 0.54
CA ALA A 190 18.49 30.98 0.96
C ALA A 190 18.46 30.03 -0.23
N TYR A 191 17.41 30.14 -1.07
CA TYR A 191 17.24 29.30 -2.26
C TYR A 191 18.24 29.68 -3.35
N GLN A 192 18.34 30.99 -3.64
CA GLN A 192 19.25 31.49 -4.67
C GLN A 192 20.70 31.21 -4.36
N LEU A 193 21.10 31.39 -3.10
CA LEU A 193 22.48 31.15 -2.70
C LEU A 193 22.82 29.70 -2.46
N HIS A 194 21.92 28.94 -1.81
CA HIS A 194 22.22 27.58 -1.37
C HIS A 194 21.32 26.46 -1.86
N GLN A 195 20.34 26.79 -2.73
CA GLN A 195 19.37 25.85 -3.33
C GLN A 195 18.53 25.14 -2.27
N MET A 196 18.34 25.80 -1.10
CA MET A 196 17.55 25.29 0.02
C MET A 196 16.23 26.04 0.01
N GLY A 197 15.22 25.35 -0.50
CA GLY A 197 13.89 25.90 -0.66
C GLY A 197 13.35 25.51 -2.02
N GLY A 198 12.56 26.40 -2.60
CA GLY A 198 11.97 26.17 -3.90
C GLY A 198 10.69 25.36 -3.80
N ALA A 199 10.75 24.06 -4.14
CA ALA A 199 9.56 23.20 -4.11
C ALA A 199 9.89 21.73 -4.20
N TYR A 200 8.89 20.87 -3.93
CA TYR A 200 8.93 19.44 -4.14
C TYR A 200 8.55 19.25 -5.60
N TYR A 201 9.14 18.24 -6.26
CA TYR A 201 8.81 17.95 -7.65
C TYR A 201 7.91 16.74 -7.65
N VAL A 202 6.67 16.90 -8.16
CA VAL A 202 5.69 15.83 -8.12
C VAL A 202 5.88 14.80 -9.18
N VAL A 203 6.16 13.57 -8.76
CA VAL A 203 6.27 12.41 -9.67
C VAL A 203 5.12 11.48 -9.32
N TYR A 204 4.46 10.91 -10.33
CA TYR A 204 3.38 9.99 -10.03
C TYR A 204 3.88 8.56 -10.16
N ARG A 205 3.78 7.78 -9.09
CA ARG A 205 4.26 6.41 -9.02
C ARG A 205 3.12 5.41 -9.13
N ALA A 206 3.37 4.29 -9.79
CA ALA A 206 2.36 3.26 -9.94
C ALA A 206 2.21 2.40 -8.72
N GLN A 207 0.98 2.06 -8.38
CA GLN A 207 0.65 1.07 -7.37
C GLN A 207 0.10 -0.02 -8.31
N SER A 208 1.02 -0.89 -8.77
CA SER A 208 0.83 -1.92 -9.79
C SER A 208 -0.33 -2.87 -9.62
N THR A 209 -0.74 -3.10 -8.37
CA THR A 209 -1.86 -3.95 -8.03
C THR A 209 -2.78 -3.15 -7.13
N ASP A 210 -4.07 -3.22 -7.41
CA ASP A 210 -5.11 -2.54 -6.64
C ASP A 210 -6.34 -3.43 -6.76
N ALA A 211 -7.28 -3.30 -5.81
CA ALA A 211 -8.48 -4.11 -5.73
C ALA A 211 -9.32 -4.17 -7.00
N ILE A 212 -9.69 -5.39 -7.38
CA ILE A 212 -10.57 -5.74 -8.49
C ILE A 212 -11.48 -6.82 -7.96
N THR A 213 -12.77 -6.77 -8.27
CA THR A 213 -13.72 -7.79 -7.86
C THR A 213 -14.43 -8.35 -9.08
N LEU A 214 -14.92 -9.59 -9.00
CA LEU A 214 -15.68 -10.19 -10.08
C LEU A 214 -17.13 -10.21 -9.63
N ASP A 215 -17.99 -9.45 -10.33
CA ASP A 215 -19.42 -9.37 -10.01
C ASP A 215 -20.09 -10.69 -10.44
N PRO A 216 -20.58 -11.52 -9.47
CA PRO A 216 -21.18 -12.81 -9.85
C PRO A 216 -22.43 -12.68 -10.72
N LYS A 217 -23.23 -11.62 -10.49
CA LYS A 217 -24.46 -11.32 -11.23
C LYS A 217 -24.17 -11.16 -12.73
N THR A 218 -23.14 -10.37 -13.07
CA THR A 218 -22.78 -10.07 -14.45
C THR A 218 -21.62 -10.86 -15.06
N GLY A 219 -20.72 -11.38 -14.23
CA GLY A 219 -19.54 -12.08 -14.71
C GLY A 219 -18.48 -11.11 -15.21
N LYS A 220 -18.68 -9.80 -14.94
CA LYS A 220 -17.79 -8.72 -15.33
C LYS A 220 -16.96 -8.25 -14.14
N PHE A 221 -15.71 -7.86 -14.40
CA PHE A 221 -14.80 -7.38 -13.35
C PHE A 221 -15.05 -5.90 -13.07
N VAL A 222 -14.87 -5.50 -11.80
CA VAL A 222 -15.07 -4.12 -11.34
C VAL A 222 -13.79 -3.66 -10.62
N SER A 223 -13.14 -2.58 -11.10
CA SER A 223 -11.93 -2.06 -10.43
C SER A 223 -12.32 -1.09 -9.30
N LYS A 224 -11.52 -1.06 -8.22
CA LYS A 224 -11.76 -0.15 -7.08
C LYS A 224 -11.65 1.32 -7.52
N ASP A 225 -12.68 2.12 -7.24
CA ASP A 225 -12.68 3.55 -7.59
C ASP A 225 -11.68 4.30 -6.73
N ARG A 226 -10.80 5.07 -7.36
CA ARG A 226 -9.79 5.87 -6.66
C ARG A 226 -10.10 7.34 -6.89
N MET A 227 -10.47 8.03 -5.80
CA MET A 227 -10.86 9.44 -5.82
C MET A 227 -9.68 10.35 -6.07
N VAL A 228 -9.86 11.32 -6.94
CA VAL A 228 -8.83 12.29 -7.31
C VAL A 228 -9.39 13.71 -7.22
N ALA A 229 -8.53 14.67 -6.87
CA ALA A 229 -8.90 16.07 -6.78
C ALA A 229 -8.49 16.79 -8.07
N ASP A 230 -9.37 17.66 -8.58
CA ASP A 230 -9.01 18.46 -9.74
C ASP A 230 -8.22 19.66 -9.23
N PHE A 231 -7.64 20.49 -10.13
CA PHE A 231 -6.84 21.65 -9.73
C PHE A 231 -7.55 22.56 -8.71
N GLU A 232 -8.82 22.92 -8.98
CA GLU A 232 -9.61 23.79 -8.12
C GLU A 232 -9.75 23.24 -6.72
N TYR A 233 -10.04 21.94 -6.61
CA TYR A 233 -10.18 21.29 -5.30
C TYR A 233 -8.86 21.35 -4.50
N ALA A 234 -7.72 21.06 -5.16
CA ALA A 234 -6.39 21.04 -4.56
C ALA A 234 -5.94 22.40 -4.01
N VAL A 235 -6.15 23.49 -4.77
CA VAL A 235 -5.75 24.84 -4.37
C VAL A 235 -6.61 25.44 -3.29
N THR A 236 -7.90 25.03 -3.20
CA THR A 236 -8.88 25.53 -2.23
C THR A 236 -9.02 24.60 -1.01
N GLY A 237 -8.20 23.54 -0.95
CA GLY A 237 -8.27 22.54 0.12
C GLY A 237 -9.61 21.84 0.19
N GLY A 238 -10.31 21.78 -0.95
CA GLY A 238 -11.62 21.14 -1.04
C GLY A 238 -12.81 22.06 -0.93
N GLU A 239 -12.61 23.38 -0.66
CA GLU A 239 -13.68 24.38 -0.58
C GLU A 239 -14.45 24.49 -1.90
N GLN A 240 -13.72 24.43 -3.01
CA GLN A 240 -14.26 24.49 -4.37
C GLN A 240 -13.76 23.28 -5.17
N GLY A 241 -14.11 23.23 -6.46
CA GLY A 241 -13.70 22.14 -7.33
C GLY A 241 -14.34 20.81 -6.99
N SER A 242 -13.80 19.73 -7.59
CA SER A 242 -14.36 18.39 -7.36
C SER A 242 -13.39 17.26 -7.07
N LEU A 243 -13.90 16.29 -6.32
CA LEU A 243 -13.26 15.05 -5.94
C LEU A 243 -14.07 13.99 -6.67
N PHE A 244 -13.44 13.27 -7.60
CA PHE A 244 -14.11 12.30 -8.45
C PHE A 244 -13.28 11.03 -8.68
N ALA A 245 -13.91 9.95 -9.14
CA ALA A 245 -13.23 8.69 -9.41
C ALA A 245 -12.42 8.82 -10.71
N ALA A 246 -11.12 8.46 -10.64
CA ALA A 246 -10.27 8.47 -11.84
C ALA A 246 -10.71 7.32 -12.75
N SER A 247 -10.42 7.40 -14.05
CA SER A 247 -10.78 6.32 -14.96
C SER A 247 -9.67 5.27 -15.11
N LYS A 248 -9.97 4.04 -14.71
CA LYS A 248 -9.08 2.88 -14.81
C LYS A 248 -9.41 2.06 -16.06
N ASP A 249 -10.42 2.49 -16.85
CA ASP A 249 -10.83 1.82 -18.09
C ASP A 249 -9.66 1.77 -19.09
N ALA A 250 -9.27 0.54 -19.50
CA ALA A 250 -8.15 0.31 -20.41
C ALA A 250 -8.53 0.14 -21.89
N SER A 251 -9.84 0.25 -22.22
CA SER A 251 -10.35 0.13 -23.59
C SER A 251 -9.61 1.02 -24.57
N ARG A 252 -9.28 2.24 -24.10
CA ARG A 252 -8.55 3.28 -24.83
C ARG A 252 -7.22 2.82 -25.44
N LEU A 253 -6.55 1.83 -24.82
CA LEU A 253 -5.25 1.33 -25.27
C LEU A 253 -5.29 0.68 -26.66
N LYS A 254 -6.44 0.10 -27.03
CA LYS A 254 -6.62 -0.49 -28.35
C LYS A 254 -6.61 0.61 -29.41
N GLU A 255 -7.44 1.64 -29.19
CA GLU A 255 -7.60 2.78 -30.09
C GLU A 255 -6.29 3.59 -30.20
N GLN A 256 -5.71 3.96 -29.04
CA GLN A 256 -4.50 4.78 -28.98
C GLN A 256 -3.22 4.08 -29.39
N TYR A 257 -3.03 2.83 -28.97
CA TYR A 257 -1.75 2.14 -29.17
C TYR A 257 -1.75 0.85 -29.94
N GLY A 258 -2.94 0.35 -30.29
CA GLY A 258 -3.04 -0.92 -30.99
C GLY A 258 -2.77 -2.12 -30.11
N ILE A 259 -3.05 -1.97 -28.79
CA ILE A 259 -2.86 -3.03 -27.81
C ILE A 259 -4.18 -3.76 -27.57
N ASP A 260 -4.20 -5.10 -27.70
CA ASP A 260 -5.41 -5.87 -27.41
C ASP A 260 -5.58 -5.91 -25.89
N VAL A 261 -6.76 -5.49 -25.42
CA VAL A 261 -7.09 -5.43 -24.01
C VAL A 261 -8.04 -6.58 -23.67
N PRO A 262 -7.60 -7.64 -22.95
CA PRO A 262 -8.53 -8.71 -22.58
C PRO A 262 -9.54 -8.19 -21.57
N ASP A 263 -10.68 -8.88 -21.46
CA ASP A 263 -11.74 -8.53 -20.52
C ASP A 263 -11.20 -8.56 -19.10
N GLY A 264 -11.60 -7.56 -18.30
CA GLY A 264 -11.23 -7.46 -16.90
C GLY A 264 -9.79 -7.09 -16.61
N PHE A 265 -9.17 -6.29 -17.50
CA PHE A 265 -7.82 -5.74 -17.33
C PHE A 265 -7.96 -4.22 -17.28
N PHE A 266 -7.28 -3.59 -16.32
CA PHE A 266 -7.44 -2.16 -16.06
C PHE A 266 -6.15 -1.40 -16.04
N CYS A 267 -6.26 -0.06 -16.09
CA CYS A 267 -5.13 0.85 -15.97
C CYS A 267 -4.76 0.89 -14.47
N GLU A 268 -3.49 1.13 -14.17
CA GLU A 268 -2.97 1.12 -12.81
C GLU A 268 -3.32 2.33 -11.99
N ARG A 269 -3.43 2.10 -10.68
CA ARG A 269 -3.60 3.17 -9.72
C ARG A 269 -2.30 3.98 -9.72
N ARG A 270 -2.42 5.30 -9.65
CA ARG A 270 -1.28 6.20 -9.58
C ARG A 270 -1.31 7.01 -8.31
N ARG A 271 -0.19 7.02 -7.59
CA ARG A 271 -0.03 7.72 -6.32
C ARG A 271 0.90 8.91 -6.49
N THR A 272 0.62 10.03 -5.79
CA THR A 272 1.55 11.15 -5.85
C THR A 272 2.76 10.76 -5.03
N ALA A 273 3.92 11.17 -5.48
CA ALA A 273 5.17 10.98 -4.79
C ALA A 273 5.92 12.25 -5.07
N MET A 274 6.73 12.67 -4.14
CA MET A 274 7.42 13.93 -4.33
C MET A 274 8.87 13.78 -4.10
N GLY A 275 9.64 14.52 -4.87
CA GLY A 275 11.08 14.53 -4.75
C GLY A 275 11.52 15.85 -4.16
N GLY A 276 12.23 15.78 -3.05
CA GLY A 276 12.69 16.98 -2.36
C GLY A 276 13.88 17.67 -2.98
N PRO A 277 14.05 18.99 -2.72
CA PRO A 277 15.25 19.69 -3.21
C PRO A 277 16.42 19.18 -2.37
N PHE A 278 17.33 18.41 -3.00
CA PHE A 278 18.44 17.76 -2.30
C PHE A 278 19.27 18.59 -1.33
N ALA A 279 19.57 19.86 -1.67
CA ALA A 279 20.36 20.72 -0.77
C ALA A 279 19.63 20.92 0.55
N LEU A 280 18.29 20.97 0.53
CA LEU A 280 17.51 21.09 1.76
C LEU A 280 17.42 19.74 2.49
N ASN A 281 17.30 18.63 1.73
CA ASN A 281 17.23 17.29 2.33
C ASN A 281 18.50 16.80 2.99
N ALA A 282 19.68 17.09 2.42
CA ALA A 282 20.98 16.66 2.99
C ALA A 282 21.14 17.02 4.49
N PRO A 283 21.00 18.30 4.94
CA PRO A 283 21.10 18.59 6.39
C PRO A 283 20.04 17.89 7.24
N ILE A 284 18.89 17.52 6.66
CA ILE A 284 17.82 16.83 7.39
C ILE A 284 18.17 15.35 7.53
N MET A 285 18.64 14.73 6.45
CA MET A 285 19.06 13.32 6.43
C MET A 285 20.22 13.05 7.40
N ALA A 286 21.14 14.04 7.55
CA ALA A 286 22.29 13.96 8.45
C ALA A 286 21.88 13.83 9.94
N VAL A 287 20.64 14.24 10.26
CA VAL A 287 20.07 14.13 11.60
C VAL A 287 19.11 12.92 11.64
N ALA A 288 18.33 12.71 10.56
CA ALA A 288 17.35 11.61 10.46
C ALA A 288 17.99 10.22 10.62
N GLN A 289 19.13 9.95 9.95
CA GLN A 289 19.78 8.65 10.07
C GLN A 289 20.22 8.37 11.53
N PRO A 290 20.97 9.28 12.23
CA PRO A 290 21.25 9.03 13.65
C PRO A 290 20.00 8.75 14.50
N VAL A 291 18.84 9.40 14.19
CA VAL A 291 17.56 9.19 14.90
C VAL A 291 17.08 7.75 14.71
N ARG A 292 17.13 7.25 13.46
CA ARG A 292 16.74 5.88 13.13
C ARG A 292 17.62 4.90 13.90
N ASN A 293 18.95 5.14 13.92
CA ASN A 293 19.88 4.27 14.64
C ASN A 293 19.55 4.20 16.11
N LYS A 294 19.11 5.33 16.71
CA LYS A 294 18.71 5.36 18.13
C LYS A 294 17.43 4.56 18.36
N ILE A 295 16.36 4.91 17.64
CA ILE A 295 15.07 4.22 17.80
C ILE A 295 15.12 2.73 17.45
N TYR A 296 15.98 2.32 16.49
CA TYR A 296 16.10 0.91 16.12
C TYR A 296 17.01 0.11 17.09
N SER A 297 17.78 0.80 17.96
CA SER A 297 18.63 0.16 18.96
C SER A 297 17.98 0.26 20.34
N LYS A 298 17.88 1.48 20.94
CA LYS A 298 17.26 1.64 22.26
C LYS A 298 15.79 1.23 22.28
N TYR A 299 15.05 1.57 21.22
CA TYR A 299 13.63 1.24 21.18
C TYR A 299 13.29 0.18 20.16
N ALA A 300 14.22 -0.78 19.97
CA ALA A 300 14.09 -1.88 19.02
C ALA A 300 12.81 -2.66 19.17
N TYR A 301 12.30 -2.82 20.41
CA TYR A 301 11.07 -3.56 20.66
C TYR A 301 9.93 -3.01 19.81
N THR A 302 9.68 -1.70 19.89
CA THR A 302 8.58 -1.06 19.20
C THR A 302 8.90 -0.81 17.73
N PHE A 303 10.15 -0.42 17.42
CA PHE A 303 10.56 0.07 16.11
C PHE A 303 11.42 -0.77 15.17
N HIS A 304 12.22 -1.72 15.68
CA HIS A 304 13.10 -2.52 14.82
C HIS A 304 12.51 -3.87 14.45
N HIS A 305 12.05 -3.98 13.20
CA HIS A 305 11.39 -5.17 12.66
C HIS A 305 12.15 -5.75 11.49
N THR A 306 12.53 -7.03 11.62
CA THR A 306 13.31 -7.73 10.61
C THR A 306 12.54 -8.91 10.02
N THR A 307 12.64 -10.07 10.66
CA THR A 307 12.03 -11.31 10.18
C THR A 307 10.66 -11.57 10.75
N ARG A 308 9.93 -12.52 10.14
CA ARG A 308 8.63 -12.98 10.60
C ARG A 308 8.73 -13.54 12.03
N LEU A 309 9.86 -14.20 12.38
CA LEU A 309 10.11 -14.78 13.70
C LEU A 309 10.45 -13.71 14.73
N ASN A 310 11.16 -12.65 14.32
CA ASN A 310 11.50 -11.50 15.16
C ASN A 310 10.20 -10.83 15.66
N LYS A 311 9.19 -10.69 14.75
CA LYS A 311 7.87 -10.13 15.04
C LYS A 311 7.07 -11.09 15.92
N GLU A 312 7.11 -12.38 15.57
CA GLU A 312 6.39 -13.46 16.25
C GLU A 312 6.74 -13.59 17.72
N GLU A 313 8.04 -13.51 18.08
CA GLU A 313 8.53 -13.61 19.46
C GLU A 313 7.85 -12.59 20.38
N LYS A 314 7.62 -11.35 19.88
CA LYS A 314 6.99 -10.27 20.64
C LYS A 314 5.48 -10.51 20.80
N VAL A 315 4.80 -10.73 19.65
CA VAL A 315 3.35 -10.94 19.56
C VAL A 315 2.86 -12.16 20.36
N LYS A 316 3.63 -13.28 20.36
CA LYS A 316 3.27 -14.52 21.07
C LYS A 316 3.08 -14.32 22.57
N GLU A 317 3.79 -13.34 23.16
CA GLU A 317 3.71 -13.02 24.60
C GLU A 317 2.45 -12.21 24.96
N TRP A 318 1.70 -11.73 23.96
CA TRP A 318 0.50 -10.90 24.17
C TRP A 318 -0.74 -11.73 24.38
N SER A 319 -1.70 -11.19 25.13
CA SER A 319 -2.98 -11.85 25.36
C SER A 319 -3.97 -11.42 24.27
N LEU A 320 -3.75 -10.22 23.70
CA LEU A 320 -4.55 -9.65 22.63
C LEU A 320 -3.66 -8.87 21.67
N CYS A 321 -3.90 -9.03 20.36
CA CYS A 321 -3.18 -8.33 19.32
C CYS A 321 -4.21 -7.65 18.41
N VAL A 322 -4.13 -6.31 18.29
CA VAL A 322 -5.07 -5.56 17.46
C VAL A 322 -4.29 -4.96 16.26
N ALA A 323 -4.58 -5.43 15.03
CA ALA A 323 -3.93 -4.95 13.80
C ALA A 323 -4.73 -3.77 13.27
N THR A 324 -4.14 -2.57 13.36
CA THR A 324 -4.81 -1.33 12.97
C THR A 324 -4.57 -0.95 11.53
N ASP A 325 -5.46 -0.06 11.03
CA ASP A 325 -5.44 0.52 9.69
C ASP A 325 -5.66 2.01 9.85
N VAL A 326 -4.86 2.82 9.11
CA VAL A 326 -4.97 4.29 9.08
C VAL A 326 -5.41 4.68 7.70
N SER A 327 -6.43 5.53 7.62
CA SER A 327 -6.92 6.02 6.36
C SER A 327 -6.04 7.16 5.88
N ASP A 328 -5.48 7.02 4.65
CA ASP A 328 -4.71 8.04 3.94
C ASP A 328 -3.75 8.84 4.85
N HIS A 329 -2.83 8.14 5.52
CA HIS A 329 -1.91 8.73 6.48
C HIS A 329 -1.20 10.01 6.04
N ASP A 330 -0.48 9.99 4.91
CA ASP A 330 0.31 11.13 4.46
C ASP A 330 -0.48 12.42 4.24
N THR A 331 -1.67 12.33 3.64
CA THR A 331 -2.50 13.50 3.35
C THR A 331 -3.17 14.07 4.61
N PHE A 332 -3.46 13.20 5.60
CA PHE A 332 -4.05 13.60 6.88
C PHE A 332 -3.02 14.01 7.94
N TRP A 333 -1.71 13.75 7.68
CA TRP A 333 -0.64 14.08 8.64
C TRP A 333 -0.71 15.55 9.03
N PRO A 334 -0.81 15.87 10.34
CA PRO A 334 -1.04 17.26 10.75
C PRO A 334 0.15 18.21 10.84
N GLY A 335 -0.01 19.39 10.24
CA GLY A 335 0.98 20.45 10.31
C GLY A 335 1.22 20.91 11.73
N TRP A 336 0.21 20.78 12.62
CA TRP A 336 0.42 21.15 14.03
C TRP A 336 1.48 20.26 14.68
N LEU A 337 1.65 19.01 14.18
CA LEU A 337 2.69 18.15 14.71
C LEU A 337 4.08 18.62 14.30
N ARG A 338 4.22 19.08 13.04
CA ARG A 338 5.47 19.68 12.53
C ARG A 338 5.86 20.82 13.48
N ASP A 339 4.87 21.71 13.80
CA ASP A 339 5.09 22.86 14.68
C ASP A 339 5.44 22.50 16.11
N LEU A 340 4.78 21.46 16.64
CA LEU A 340 5.04 20.96 18.00
C LEU A 340 6.48 20.37 18.04
N ILE A 341 6.86 19.56 17.02
CA ILE A 341 8.20 18.94 16.94
C ILE A 341 9.26 20.03 16.91
N CYS A 342 9.06 21.03 16.06
CA CYS A 342 10.00 22.14 15.93
C CYS A 342 10.16 22.91 17.23
N ASP A 343 9.04 23.21 17.90
CA ASP A 343 9.03 23.93 19.18
C ASP A 343 9.79 23.13 20.24
N GLU A 344 9.57 21.80 20.28
CA GLU A 344 10.26 20.95 21.25
C GLU A 344 11.75 20.83 20.99
N LEU A 345 12.16 20.73 19.71
CA LEU A 345 13.58 20.69 19.36
C LEU A 345 14.26 21.97 19.81
N LEU A 346 13.58 23.13 19.67
CA LEU A 346 14.11 24.42 20.12
C LEU A 346 14.31 24.40 21.64
N ASN A 347 13.32 23.85 22.40
CA ASN A 347 13.37 23.69 23.87
C ASN A 347 14.52 22.79 24.31
N MET A 348 14.83 21.74 23.51
CA MET A 348 15.93 20.81 23.78
C MET A 348 17.31 21.44 23.57
N GLY A 349 17.36 22.55 22.84
CA GLY A 349 18.60 23.25 22.56
C GLY A 349 19.16 23.03 21.16
N TYR A 350 18.34 22.49 20.22
CA TYR A 350 18.76 22.28 18.83
C TYR A 350 19.00 23.65 18.18
N ALA A 351 19.99 23.74 17.27
CA ALA A 351 20.32 24.96 16.53
C ALA A 351 19.06 25.53 15.88
N PRO A 352 18.67 26.80 16.18
CA PRO A 352 17.43 27.36 15.59
C PRO A 352 17.42 27.36 14.07
N TRP A 353 18.60 27.58 13.45
CA TRP A 353 18.75 27.56 12.00
C TRP A 353 18.40 26.19 11.43
N TRP A 354 18.78 25.09 12.11
CA TRP A 354 18.48 23.73 11.64
C TRP A 354 16.99 23.46 11.74
N VAL A 355 16.39 23.84 12.88
CA VAL A 355 14.96 23.65 13.12
C VAL A 355 14.16 24.39 12.03
N LYS A 356 14.63 25.60 11.64
CA LYS A 356 13.98 26.39 10.58
C LYS A 356 13.99 25.67 9.24
N LEU A 357 15.13 25.01 8.89
CA LEU A 357 15.27 24.25 7.64
C LEU A 357 14.28 23.10 7.67
N PHE A 358 14.20 22.40 8.82
CA PHE A 358 13.31 21.27 9.04
C PHE A 358 11.83 21.68 8.92
N GLU A 359 11.47 22.80 9.58
CA GLU A 359 10.13 23.37 9.52
C GLU A 359 9.78 23.70 8.08
N THR A 360 10.68 24.40 7.36
CA THR A 360 10.47 24.82 5.97
C THR A 360 10.25 23.63 5.02
N SER A 361 10.97 22.50 5.25
CA SER A 361 10.84 21.28 4.45
C SER A 361 9.43 20.68 4.51
N LEU A 362 8.68 21.00 5.58
CA LEU A 362 7.33 20.49 5.78
C LEU A 362 6.23 21.55 5.49
N LYS A 363 6.57 22.63 4.77
CA LYS A 363 5.64 23.72 4.36
C LYS A 363 5.89 24.12 2.93
N LEU A 364 6.82 23.46 2.29
CA LEU A 364 7.25 23.82 0.97
C LEU A 364 6.20 23.71 -0.14
N PRO A 365 6.26 24.64 -1.14
CA PRO A 365 5.43 24.53 -2.34
C PRO A 365 5.68 23.21 -3.11
N VAL A 366 4.79 22.89 -4.07
CA VAL A 366 4.88 21.66 -4.87
C VAL A 366 4.71 21.95 -6.35
N TYR A 367 5.62 21.44 -7.18
CA TYR A 367 5.56 21.62 -8.62
C TYR A 367 4.93 20.38 -9.23
N VAL A 368 3.75 20.56 -9.84
CA VAL A 368 2.97 19.48 -10.44
C VAL A 368 3.39 19.29 -11.89
N GLY A 369 3.86 18.08 -12.18
CA GLY A 369 4.31 17.73 -13.52
C GLY A 369 3.19 17.44 -14.49
N ALA A 370 2.83 16.16 -14.64
CA ALA A 370 1.83 15.76 -15.61
C ALA A 370 0.82 14.73 -15.06
N PRO A 371 -0.27 15.18 -14.40
CA PRO A 371 -1.28 14.23 -13.87
C PRO A 371 -2.10 13.52 -14.95
N ALA A 372 -2.18 14.13 -16.14
CA ALA A 372 -2.95 13.62 -17.27
C ALA A 372 -2.52 14.33 -18.56
N PRO A 373 -2.90 13.86 -19.77
CA PRO A 373 -2.55 14.60 -21.00
C PRO A 373 -3.16 16.00 -20.97
N GLU A 374 -2.40 17.01 -21.45
CA GLU A 374 -2.84 18.42 -21.48
C GLU A 374 -3.15 19.04 -20.10
N GLN A 375 -2.48 18.55 -19.03
CA GLN A 375 -2.65 19.03 -17.65
C GLN A 375 -1.32 19.08 -16.93
N GLY A 376 -1.21 19.97 -15.94
CA GLY A 376 -0.04 20.09 -15.10
C GLY A 376 0.83 21.29 -15.37
N HIS A 377 2.15 21.13 -15.15
CA HIS A 377 3.18 22.17 -15.33
C HIS A 377 2.81 23.43 -14.56
N THR A 378 2.46 23.24 -13.26
CA THR A 378 2.02 24.31 -12.38
C THR A 378 2.65 24.19 -11.01
N LEU A 379 3.14 25.31 -10.49
CA LEU A 379 3.68 25.40 -9.14
C LEU A 379 2.53 25.80 -8.21
N LEU A 380 2.32 25.05 -7.11
CA LEU A 380 1.32 25.36 -6.09
C LEU A 380 2.07 25.89 -4.88
N GLY A 381 1.71 27.08 -4.42
CA GLY A 381 2.38 27.73 -3.30
C GLY A 381 3.49 28.66 -3.76
N ASP A 382 3.81 29.65 -2.93
CA ASP A 382 4.85 30.63 -3.26
C ASP A 382 6.17 30.30 -2.53
N PRO A 383 7.27 30.00 -3.26
CA PRO A 383 8.55 29.69 -2.61
C PRO A 383 9.15 30.82 -1.76
N SER A 384 8.72 32.08 -1.98
CA SER A 384 9.21 33.23 -1.20
C SER A 384 8.72 33.17 0.26
N ASN A 385 7.60 32.49 0.52
CA ASN A 385 7.08 32.32 1.87
C ASN A 385 6.40 30.95 2.00
N PRO A 386 7.19 29.87 2.21
CA PRO A 386 6.60 28.52 2.30
C PRO A 386 5.51 28.42 3.37
N ASP A 387 4.28 28.11 2.95
CA ASP A 387 3.12 28.06 3.84
C ASP A 387 2.09 26.97 3.51
N LEU A 388 2.50 25.93 2.76
CA LEU A 388 1.57 24.85 2.42
C LEU A 388 1.31 23.91 3.59
N GLU A 389 0.17 23.21 3.57
CA GLU A 389 -0.23 22.21 4.57
C GLU A 389 -0.62 20.91 3.84
N VAL A 390 0.33 20.36 3.05
CA VAL A 390 0.08 19.16 2.22
C VAL A 390 -0.07 17.86 3.02
N GLY A 391 0.30 17.91 4.28
CA GLY A 391 0.39 16.75 5.12
C GLY A 391 1.86 16.37 5.16
N LEU A 392 2.18 15.11 4.88
CA LEU A 392 3.56 14.65 4.92
C LEU A 392 4.06 14.45 3.50
N SER A 393 5.09 15.21 3.07
CA SER A 393 5.66 15.08 1.71
C SER A 393 6.51 13.82 1.66
N SER A 394 6.24 12.92 0.69
CA SER A 394 6.99 11.65 0.59
C SER A 394 8.52 11.75 0.44
N GLY A 395 9.01 12.82 -0.17
CA GLY A 395 10.44 13.00 -0.37
C GLY A 395 11.14 13.87 0.63
N GLN A 396 10.50 14.14 1.79
CA GLN A 396 11.12 14.91 2.84
C GLN A 396 12.14 13.97 3.50
N GLY A 397 13.28 14.50 3.94
CA GLY A 397 14.36 13.71 4.52
C GLY A 397 14.07 12.83 5.73
N ALA A 398 12.93 13.07 6.44
CA ALA A 398 12.57 12.33 7.65
C ALA A 398 11.11 11.85 7.66
N THR A 399 10.50 11.63 6.48
CA THR A 399 9.08 11.21 6.45
C THR A 399 8.73 9.98 7.26
N ASP A 400 9.60 8.96 7.25
CA ASP A 400 9.36 7.73 8.01
C ASP A 400 9.25 8.04 9.51
N LEU A 401 10.16 8.88 10.02
CA LEU A 401 10.18 9.29 11.42
C LEU A 401 8.97 10.16 11.76
N MET A 402 8.51 11.00 10.83
CA MET A 402 7.34 11.85 11.05
C MET A 402 6.06 11.06 11.21
N GLY A 403 5.90 10.04 10.39
CA GLY A 403 4.75 9.14 10.46
C GLY A 403 4.82 8.26 11.69
N THR A 404 6.03 7.77 12.02
CA THR A 404 6.28 6.93 13.19
C THR A 404 5.98 7.69 14.50
N LEU A 405 6.48 8.95 14.62
CA LEU A 405 6.26 9.83 15.78
C LEU A 405 4.75 10.03 15.98
N LEU A 406 4.03 10.48 14.92
CA LEU A 406 2.58 10.71 15.00
C LEU A 406 1.85 9.47 15.43
N MET A 407 2.05 8.39 14.67
CA MET A 407 1.32 7.15 14.90
C MET A 407 1.61 6.45 16.20
N SER A 408 2.90 6.35 16.60
CA SER A 408 3.26 5.67 17.87
C SER A 408 2.51 6.31 19.06
N ILE A 409 2.47 7.65 19.10
CA ILE A 409 1.76 8.38 20.16
C ILE A 409 0.25 8.26 19.99
N THR A 410 -0.26 8.33 18.74
CA THR A 410 -1.69 8.16 18.46
C THR A 410 -2.20 6.82 19.03
N TYR A 411 -1.46 5.72 18.78
CA TYR A 411 -1.85 4.39 19.25
C TYR A 411 -1.76 4.29 20.76
N LEU A 412 -0.70 4.87 21.37
CA LEU A 412 -0.53 4.88 22.82
C LEU A 412 -1.71 5.61 23.49
N VAL A 413 -2.10 6.78 22.93
CA VAL A 413 -3.23 7.57 23.43
C VAL A 413 -4.52 6.75 23.35
N MET A 414 -4.72 6.02 22.24
CA MET A 414 -5.87 5.13 22.03
C MET A 414 -5.92 4.05 23.14
N GLN A 415 -4.75 3.46 23.47
CA GLN A 415 -4.65 2.45 24.53
C GLN A 415 -4.94 3.07 25.91
N LEU A 416 -4.45 4.31 26.14
CA LEU A 416 -4.67 5.03 27.41
C LEU A 416 -6.14 5.39 27.58
N ASP A 417 -6.72 6.04 26.56
CA ASP A 417 -8.11 6.47 26.56
C ASP A 417 -9.12 5.34 26.77
N HIS A 418 -8.99 4.26 25.98
CA HIS A 418 -9.97 3.18 25.98
C HIS A 418 -9.69 1.98 26.87
N THR A 419 -8.45 1.82 27.35
CA THR A 419 -8.08 0.61 28.08
C THR A 419 -7.30 0.84 29.38
N ALA A 420 -6.44 1.86 29.44
CA ALA A 420 -5.59 2.05 30.61
C ALA A 420 -5.61 3.42 31.32
N PRO A 421 -6.79 3.89 31.82
CA PRO A 421 -6.80 5.17 32.57
C PRO A 421 -5.98 5.16 33.87
N HIS A 422 -5.66 3.96 34.38
CA HIS A 422 -4.83 3.77 35.57
C HIS A 422 -3.37 4.13 35.32
N LEU A 423 -2.98 4.29 34.05
CA LEU A 423 -1.61 4.70 33.73
C LEU A 423 -1.48 6.22 33.57
N ASN A 424 -2.61 6.95 33.47
CA ASN A 424 -2.60 8.41 33.34
C ASN A 424 -1.83 9.13 34.45
N SER A 425 -1.90 8.62 35.71
CA SER A 425 -1.19 9.20 36.86
C SER A 425 0.33 9.15 36.69
N ARG A 426 0.87 8.26 35.81
CA ARG A 426 2.30 8.15 35.55
C ARG A 426 2.80 9.27 34.60
N ILE A 427 1.87 10.04 33.99
CA ILE A 427 2.20 11.09 33.03
C ILE A 427 1.71 12.43 33.59
N LYS A 428 2.53 13.04 34.47
CA LYS A 428 2.21 14.28 35.19
C LYS A 428 2.90 15.52 34.65
N ASP A 429 4.11 15.35 34.09
CA ASP A 429 4.96 16.42 33.57
C ASP A 429 5.93 15.85 32.54
N MET A 430 6.88 16.66 32.02
CA MET A 430 7.84 16.19 31.02
C MET A 430 8.75 15.05 31.52
N PRO A 431 9.43 15.15 32.70
CA PRO A 431 10.26 14.04 33.17
C PRO A 431 9.52 12.71 33.31
N SER A 432 8.28 12.73 33.88
CA SER A 432 7.48 11.52 34.03
C SER A 432 6.93 11.01 32.69
N ALA A 433 6.59 11.94 31.75
CA ALA A 433 6.11 11.55 30.41
C ALA A 433 7.24 10.80 29.69
N CYS A 434 8.49 11.32 29.81
CA CYS A 434 9.68 10.72 29.20
C CYS A 434 9.97 9.34 29.78
N ARG A 435 9.93 9.20 31.13
CA ARG A 435 10.16 7.93 31.82
C ARG A 435 9.14 6.87 31.43
N PHE A 436 7.85 7.28 31.35
CA PHE A 436 6.78 6.36 30.97
C PHE A 436 6.93 5.90 29.51
N LEU A 437 7.14 6.85 28.59
CA LEU A 437 7.28 6.54 27.17
C LEU A 437 8.49 5.66 26.89
N ASP A 438 9.62 5.94 27.59
CA ASP A 438 10.87 5.16 27.52
C ASP A 438 10.60 3.72 27.90
N SER A 439 9.82 3.50 28.99
CA SER A 439 9.43 2.18 29.45
C SER A 439 8.48 1.48 28.45
N TYR A 440 7.43 2.20 27.99
CA TYR A 440 6.43 1.70 27.03
C TYR A 440 7.09 1.27 25.69
N TRP A 441 8.00 2.12 25.14
CA TRP A 441 8.68 1.84 23.88
C TRP A 441 9.65 0.63 23.94
N GLN A 442 10.12 0.29 25.17
CA GLN A 442 11.00 -0.87 25.38
C GLN A 442 10.17 -2.17 25.61
N GLY A 443 8.85 -2.04 25.57
CA GLY A 443 7.90 -3.15 25.76
C GLY A 443 7.81 -3.60 27.20
N HIS A 444 8.06 -2.67 28.15
CA HIS A 444 8.03 -2.96 29.59
C HIS A 444 6.68 -2.76 30.27
N GLU A 445 5.67 -2.25 29.54
CA GLU A 445 4.35 -2.01 30.12
C GLU A 445 3.35 -3.09 29.72
N GLU A 446 2.18 -3.14 30.40
CA GLU A 446 1.13 -4.13 30.08
C GLU A 446 0.43 -3.83 28.75
N ILE A 447 0.61 -2.60 28.27
CA ILE A 447 0.14 -2.14 26.97
C ILE A 447 1.40 -2.01 26.11
N ARG A 448 1.36 -2.58 24.91
CA ARG A 448 2.52 -2.63 24.01
C ARG A 448 2.14 -2.35 22.58
N GLN A 449 3.16 -2.15 21.72
CA GLN A 449 2.93 -1.96 20.30
C GLN A 449 4.19 -2.26 19.50
N ILE A 450 3.98 -2.61 18.25
CA ILE A 450 5.04 -2.78 17.26
C ILE A 450 4.55 -1.92 16.11
N SER A 451 5.34 -0.94 15.68
CA SER A 451 4.87 -0.06 14.62
C SER A 451 5.95 0.44 13.69
N LYS A 452 5.51 0.92 12.53
CA LYS A 452 6.31 1.59 11.52
C LYS A 452 5.33 2.41 10.71
N SER A 453 5.45 3.76 10.80
CA SER A 453 4.57 4.72 10.14
C SER A 453 3.09 4.35 10.41
N ASP A 454 2.29 4.08 9.36
CA ASP A 454 0.88 3.73 9.43
C ASP A 454 0.58 2.23 9.59
N ASP A 455 1.60 1.38 9.80
CA ASP A 455 1.38 -0.05 10.04
C ASP A 455 1.72 -0.35 11.47
N ALA A 456 0.81 -1.05 12.17
CA ALA A 456 1.03 -1.39 13.57
C ALA A 456 0.21 -2.55 14.02
N MET A 457 0.62 -3.10 15.17
CA MET A 457 -0.08 -4.12 15.91
C MET A 457 0.02 -3.72 17.38
N LEU A 458 -1.14 -3.55 18.00
CA LEU A 458 -1.26 -3.10 19.38
C LEU A 458 -1.48 -4.29 20.30
N GLY A 459 -0.72 -4.36 21.39
CA GLY A 459 -0.80 -5.46 22.32
C GLY A 459 -1.15 -5.17 23.76
N TRP A 460 -1.78 -6.16 24.39
CA TRP A 460 -2.17 -6.16 25.79
C TRP A 460 -1.71 -7.47 26.41
N THR A 461 -1.02 -7.40 27.55
CA THR A 461 -0.63 -8.59 28.29
C THR A 461 -1.75 -8.78 29.34
N LYS A 462 -1.58 -9.73 30.27
CA LYS A 462 -2.54 -9.93 31.35
C LYS A 462 -2.47 -8.69 32.24
N GLY A 463 -3.61 -8.25 32.73
CA GLY A 463 -3.66 -7.07 33.59
C GLY A 463 -4.96 -6.30 33.49
N ARG A 464 -4.97 -5.14 34.14
CA ARG A 464 -6.15 -4.26 34.21
C ARG A 464 -6.60 -3.71 32.87
N ALA A 465 -5.65 -3.45 31.94
CA ALA A 465 -5.94 -2.90 30.63
C ALA A 465 -6.55 -3.90 29.64
N LEU A 466 -6.34 -5.22 29.87
CA LEU A 466 -6.81 -6.28 28.98
C LEU A 466 -8.30 -6.25 28.64
N VAL A 467 -9.15 -6.07 29.64
CA VAL A 467 -10.60 -5.99 29.42
C VAL A 467 -10.97 -4.83 28.48
N GLY A 468 -10.32 -3.68 28.70
CA GLY A 468 -10.50 -2.48 27.88
C GLY A 468 -10.03 -2.72 26.46
N GLY A 469 -8.92 -3.46 26.33
CA GLY A 469 -8.36 -3.86 25.06
C GLY A 469 -9.38 -4.58 24.21
N HIS A 470 -10.17 -5.52 24.83
CA HIS A 470 -11.23 -6.28 24.14
C HIS A 470 -12.41 -5.39 23.72
N ARG A 471 -12.78 -4.37 24.54
CA ARG A 471 -13.85 -3.43 24.21
C ARG A 471 -13.42 -2.56 23.02
N LEU A 472 -12.14 -2.12 23.00
CA LEU A 472 -11.58 -1.30 21.91
C LEU A 472 -11.65 -2.09 20.60
N PHE A 473 -11.25 -3.38 20.63
CA PHE A 473 -11.29 -4.29 19.47
C PHE A 473 -12.73 -4.41 18.98
N GLU A 474 -13.69 -4.53 19.91
CA GLU A 474 -15.11 -4.61 19.59
C GLU A 474 -15.59 -3.30 18.95
N MET A 475 -15.15 -2.14 19.49
CA MET A 475 -15.49 -0.81 18.96
C MET A 475 -14.99 -0.69 17.51
N LEU A 476 -13.76 -1.19 17.23
CA LEU A 476 -13.18 -1.19 15.89
C LEU A 476 -14.01 -2.06 14.95
N LYS A 477 -14.39 -3.30 15.40
CA LYS A 477 -15.23 -4.21 14.61
C LYS A 477 -16.57 -3.55 14.24
N GLU A 478 -17.23 -2.90 15.22
CA GLU A 478 -18.50 -2.20 15.03
C GLU A 478 -18.41 -1.08 14.00
N GLY A 479 -17.26 -0.40 13.98
CA GLY A 479 -16.91 0.65 13.03
C GLY A 479 -17.86 1.85 12.96
N LYS A 480 -18.45 2.23 14.10
CA LYS A 480 -19.36 3.38 14.14
C LYS A 480 -18.71 4.63 14.74
N VAL A 481 -17.69 4.42 15.58
CA VAL A 481 -16.99 5.48 16.29
C VAL A 481 -15.49 5.38 16.05
N ASN A 482 -14.86 6.50 15.65
CA ASN A 482 -13.40 6.55 15.47
C ASN A 482 -12.76 6.57 16.87
N PRO A 483 -11.85 5.63 17.20
CA PRO A 483 -11.27 5.61 18.56
C PRO A 483 -10.21 6.66 18.85
N SER A 484 -9.81 7.44 17.83
CA SER A 484 -8.78 8.46 17.98
C SER A 484 -9.24 9.85 17.60
N PRO A 485 -8.78 10.92 18.32
CA PRO A 485 -9.09 12.27 17.86
C PRO A 485 -8.10 12.76 16.77
N TYR A 486 -6.99 12.02 16.55
CA TYR A 486 -5.90 12.43 15.67
C TYR A 486 -5.91 11.98 14.24
N MET A 487 -6.27 10.72 13.99
CA MET A 487 -6.30 10.12 12.65
C MET A 487 -7.51 9.18 12.55
N LYS A 488 -7.88 8.77 11.32
CA LYS A 488 -9.00 7.86 11.11
C LYS A 488 -8.47 6.42 11.27
N ILE A 489 -8.82 5.79 12.40
CA ILE A 489 -8.36 4.43 12.74
C ILE A 489 -9.49 3.40 12.65
N SER A 490 -9.17 2.24 12.10
CA SER A 490 -10.05 1.09 11.96
C SER A 490 -9.18 -0.15 12.16
N TYR A 491 -9.75 -1.34 12.00
CA TYR A 491 -8.96 -2.56 12.10
C TYR A 491 -8.65 -3.00 10.67
N GLU A 492 -7.50 -3.66 10.47
CA GLU A 492 -7.10 -4.15 9.15
C GLU A 492 -7.91 -5.39 8.80
N HIS A 493 -8.44 -5.46 7.57
CA HIS A 493 -9.17 -6.62 7.07
C HIS A 493 -8.12 -7.66 6.63
N GLY A 494 -7.76 -8.54 7.54
CA GLY A 494 -6.71 -9.51 7.31
C GLY A 494 -5.42 -8.96 7.86
N GLY A 495 -5.33 -8.96 9.19
CA GLY A 495 -4.22 -8.43 9.95
C GLY A 495 -2.85 -8.84 9.48
N ALA A 496 -2.00 -7.87 9.17
CA ALA A 496 -0.62 -8.10 8.74
C ALA A 496 0.27 -6.99 9.27
N PHE A 497 1.56 -7.29 9.44
CA PHE A 497 2.51 -6.30 9.90
C PHE A 497 3.76 -6.35 9.06
N LEU A 498 4.04 -5.24 8.36
CA LEU A 498 5.20 -5.08 7.51
C LEU A 498 5.39 -6.25 6.53
N GLY A 499 4.31 -6.58 5.82
CA GLY A 499 4.26 -7.63 4.81
C GLY A 499 3.92 -9.03 5.27
N ASP A 500 4.09 -9.31 6.59
CA ASP A 500 3.82 -10.64 7.14
C ASP A 500 2.44 -10.75 7.73
N ILE A 501 1.67 -11.73 7.26
CA ILE A 501 0.32 -12.00 7.72
C ILE A 501 0.39 -12.70 9.08
N LEU A 502 -0.42 -12.24 10.07
CA LEU A 502 -0.51 -12.93 11.35
C LEU A 502 -1.56 -14.02 11.19
N LEU A 503 -1.08 -15.28 11.06
CA LEU A 503 -1.93 -16.45 10.83
C LEU A 503 -2.37 -17.06 12.14
N TYR A 504 -3.67 -16.93 12.45
CA TYR A 504 -4.25 -17.48 13.68
C TYR A 504 -4.74 -18.91 13.43
N ASP A 505 -4.88 -19.70 14.51
CA ASP A 505 -5.47 -21.03 14.41
C ASP A 505 -6.89 -20.99 14.97
N SER A 506 -7.47 -22.16 15.30
CA SER A 506 -8.83 -22.29 15.85
C SER A 506 -9.08 -21.48 17.11
N ARG A 507 -8.05 -21.31 17.96
CA ARG A 507 -8.11 -20.57 19.22
C ARG A 507 -8.25 -19.06 19.06
N ARG A 508 -7.78 -18.50 17.92
CA ARG A 508 -7.78 -17.06 17.62
C ARG A 508 -7.12 -16.25 18.75
N GLU A 509 -5.94 -16.70 19.18
CA GLU A 509 -5.16 -16.08 20.25
C GLU A 509 -3.73 -15.86 19.77
N PRO A 510 -3.09 -14.71 20.15
CA PRO A 510 -1.72 -14.45 19.70
C PRO A 510 -0.68 -15.50 20.06
N GLY A 511 -0.87 -16.18 21.21
CA GLY A 511 0.04 -17.19 21.70
C GLY A 511 0.27 -18.33 20.73
N SER A 512 -0.76 -18.71 19.97
CA SER A 512 -0.67 -19.79 19.00
C SER A 512 -0.74 -19.31 17.55
N ALA A 513 -0.63 -18.00 17.33
CA ALA A 513 -0.65 -17.42 15.99
C ALA A 513 0.78 -17.32 15.49
N ILE A 514 0.97 -17.42 14.16
CA ILE A 514 2.30 -17.34 13.56
C ILE A 514 2.36 -16.31 12.45
N PHE A 515 3.51 -15.66 12.26
CA PHE A 515 3.65 -14.72 11.14
C PHE A 515 4.09 -15.49 9.90
N VAL A 516 3.41 -15.30 8.77
CA VAL A 516 3.76 -15.97 7.51
C VAL A 516 3.90 -14.94 6.38
N GLY A 517 4.71 -15.22 5.37
CA GLY A 517 4.82 -14.35 4.20
C GLY A 517 3.49 -14.26 3.48
N ASN A 518 3.20 -13.10 2.84
CA ASN A 518 1.95 -12.92 2.11
C ASN A 518 2.16 -13.42 0.68
N ILE A 519 1.48 -14.52 0.30
CA ILE A 519 1.61 -15.12 -1.03
C ILE A 519 1.17 -14.18 -2.15
N ASN A 520 0.20 -13.31 -1.85
CA ASN A 520 -0.27 -12.31 -2.80
C ASN A 520 0.85 -11.33 -3.13
N SER A 521 1.72 -10.97 -2.16
CA SER A 521 2.87 -10.08 -2.38
C SER A 521 3.89 -10.74 -3.27
N MET A 522 4.07 -12.08 -3.18
CA MET A 522 4.99 -12.79 -4.07
C MET A 522 4.51 -12.63 -5.49
N LEU A 523 3.20 -12.81 -5.71
CA LEU A 523 2.58 -12.65 -7.02
C LEU A 523 2.67 -11.21 -7.54
N ASN A 524 2.46 -10.22 -6.65
CA ASN A 524 2.59 -8.80 -6.99
C ASN A 524 4.02 -8.52 -7.47
N ASN A 525 5.01 -9.00 -6.71
CA ASN A 525 6.40 -8.76 -7.02
C ASN A 525 6.88 -9.47 -8.26
N GLN A 526 6.44 -10.71 -8.47
CA GLN A 526 6.88 -11.46 -9.64
C GLN A 526 6.15 -11.09 -10.94
N PHE A 527 4.85 -10.80 -10.88
CA PHE A 527 4.12 -10.53 -12.11
C PHE A 527 3.62 -9.11 -12.32
N SER A 528 3.67 -8.28 -11.27
CA SER A 528 3.28 -6.87 -11.41
C SER A 528 4.33 -5.94 -10.78
N PRO A 529 5.59 -5.93 -11.26
CA PRO A 529 6.56 -5.00 -10.67
C PRO A 529 6.18 -3.56 -10.96
N GLU A 530 6.57 -2.64 -10.07
CA GLU A 530 6.24 -1.22 -10.22
C GLU A 530 6.99 -0.59 -11.42
N TYR A 531 8.21 -1.06 -11.65
CA TYR A 531 9.05 -0.54 -12.71
C TYR A 531 9.45 -1.63 -13.68
N GLY A 532 9.87 -1.22 -14.87
CA GLY A 532 10.43 -2.12 -15.86
C GLY A 532 11.85 -2.50 -15.48
N VAL A 533 12.48 -3.37 -16.27
CA VAL A 533 13.85 -3.82 -15.98
C VAL A 533 14.94 -2.79 -16.27
N GLN A 534 14.59 -1.68 -16.99
CA GLN A 534 15.49 -0.59 -17.39
C GLN A 534 16.76 -1.17 -18.03
N SER A 535 16.59 -2.07 -19.01
CA SER A 535 17.71 -2.75 -19.67
C SER A 535 18.71 -1.82 -20.37
N GLY A 536 18.30 -0.57 -20.61
CA GLY A 536 19.13 0.46 -21.20
C GLY A 536 20.04 1.19 -20.20
N VAL A 537 19.78 1.03 -18.88
CA VAL A 537 20.59 1.66 -17.82
C VAL A 537 21.75 0.70 -17.55
N ARG A 538 22.97 1.01 -18.07
CA ARG A 538 24.14 0.11 -17.95
C ARG A 538 24.54 -0.22 -16.55
N ASP A 539 24.55 0.80 -15.67
CA ASP A 539 24.91 0.61 -14.27
C ASP A 539 23.70 0.06 -13.54
N ARG A 540 23.70 -1.25 -13.28
CA ARG A 540 22.57 -1.94 -12.63
C ARG A 540 22.25 -1.44 -11.24
N SER A 541 23.27 -0.97 -10.49
CA SER A 541 23.07 -0.45 -9.15
C SER A 541 22.19 0.81 -9.13
N LYS A 542 22.10 1.52 -10.27
CA LYS A 542 21.26 2.71 -10.45
C LYS A 542 19.80 2.41 -10.84
N ARG A 543 19.52 1.17 -11.26
CA ARG A 543 18.17 0.76 -11.67
C ARG A 543 17.24 0.63 -10.48
N LYS A 544 15.92 0.74 -10.74
CA LYS A 544 14.90 0.55 -9.72
C LYS A 544 14.85 -0.92 -9.32
N ARG A 545 15.21 -1.83 -10.24
CA ARG A 545 15.24 -3.28 -10.00
C ARG A 545 16.62 -3.78 -10.49
N PRO A 546 17.68 -3.60 -9.68
CA PRO A 546 19.03 -3.97 -10.14
C PRO A 546 19.25 -5.41 -10.59
N PHE A 547 18.79 -6.39 -9.79
CA PHE A 547 19.00 -7.80 -10.06
C PHE A 547 17.71 -8.59 -9.82
N PRO A 548 16.71 -8.47 -10.75
CA PRO A 548 15.42 -9.16 -10.54
C PRO A 548 15.47 -10.67 -10.36
N GLY A 549 16.41 -11.33 -11.01
CA GLY A 549 16.58 -12.78 -10.94
C GLY A 549 16.84 -13.33 -9.56
N LEU A 550 17.54 -12.53 -8.70
CA LEU A 550 17.92 -12.90 -7.33
C LEU A 550 16.77 -13.23 -6.39
N ALA A 551 15.58 -12.63 -6.59
CA ALA A 551 14.39 -12.86 -5.78
C ALA A 551 13.96 -14.35 -5.77
N TRP A 552 14.32 -15.12 -6.82
CA TRP A 552 14.04 -16.55 -6.90
C TRP A 552 14.77 -17.31 -5.79
N ALA A 553 16.01 -16.91 -5.47
CA ALA A 553 16.83 -17.55 -4.45
C ALA A 553 16.34 -17.34 -3.00
N SER A 554 15.61 -16.22 -2.74
CA SER A 554 15.10 -15.85 -1.42
C SER A 554 13.61 -16.18 -1.24
N MET A 555 12.92 -16.54 -2.34
CA MET A 555 11.49 -16.87 -2.36
C MET A 555 11.03 -17.87 -1.27
N LYS A 556 11.72 -19.02 -1.14
CA LYS A 556 11.37 -20.06 -0.16
C LYS A 556 11.48 -19.50 1.26
N ASP A 557 12.56 -18.75 1.54
CA ASP A 557 12.72 -18.14 2.85
C ASP A 557 11.61 -17.10 3.15
N THR A 558 11.29 -16.25 2.17
CA THR A 558 10.29 -15.20 2.31
C THR A 558 8.86 -15.72 2.37
N TYR A 559 8.49 -16.63 1.44
CA TYR A 559 7.12 -17.13 1.30
C TYR A 559 6.80 -18.58 1.67
N GLY A 560 7.84 -19.39 1.90
CA GLY A 560 7.71 -20.81 2.21
C GLY A 560 6.76 -21.18 3.33
N ALA A 561 6.58 -20.29 4.33
CA ALA A 561 5.67 -20.52 5.46
C ALA A 561 4.20 -20.28 5.13
N CYS A 562 3.88 -19.74 3.93
CA CYS A 562 2.47 -19.56 3.56
C CYS A 562 1.83 -20.93 3.36
N PRO A 563 0.65 -21.21 3.98
CA PRO A 563 0.03 -22.54 3.81
C PRO A 563 -0.10 -23.04 2.36
N ILE A 564 -0.34 -22.15 1.40
CA ILE A 564 -0.54 -22.49 -0.01
C ILE A 564 0.67 -22.23 -0.94
N TYR A 565 1.87 -22.05 -0.36
CA TYR A 565 3.09 -21.79 -1.12
C TYR A 565 3.30 -22.73 -2.33
N SER A 566 3.34 -24.05 -2.07
CA SER A 566 3.53 -25.12 -3.07
C SER A 566 2.46 -25.11 -4.15
N ASP A 567 1.18 -24.93 -3.71
CA ASP A 567 0.00 -24.86 -4.57
C ASP A 567 0.11 -23.73 -5.58
N VAL A 568 0.58 -22.56 -5.11
CA VAL A 568 0.73 -21.37 -5.95
C VAL A 568 1.84 -21.58 -6.99
N LEU A 569 2.97 -22.14 -6.56
CA LEU A 569 4.08 -22.41 -7.48
C LEU A 569 3.70 -23.40 -8.58
N GLU A 570 2.90 -24.45 -8.22
CA GLU A 570 2.39 -25.45 -9.17
C GLU A 570 1.40 -24.80 -10.11
N ALA A 571 0.49 -23.91 -9.60
CA ALA A 571 -0.50 -23.23 -10.43
C ALA A 571 0.21 -22.30 -11.41
N ILE A 572 1.30 -21.63 -10.97
CA ILE A 572 2.09 -20.76 -11.84
C ILE A 572 2.69 -21.60 -12.99
N GLU A 573 3.34 -22.73 -12.64
CA GLU A 573 4.00 -23.62 -13.60
C GLU A 573 3.03 -24.11 -14.69
N ARG A 574 1.86 -24.58 -14.25
CA ARG A 574 0.79 -25.08 -15.12
C ARG A 574 0.30 -23.97 -16.06
N CYS A 575 -0.02 -22.76 -15.50
CA CYS A 575 -0.52 -21.62 -16.27
C CYS A 575 0.52 -21.04 -17.22
N TRP A 576 1.80 -21.00 -16.79
CA TRP A 576 2.89 -20.48 -17.62
C TRP A 576 3.14 -21.42 -18.79
N TRP A 577 3.04 -22.76 -18.57
CA TRP A 577 3.15 -23.78 -19.62
C TRP A 577 2.05 -23.53 -20.65
N ASN A 578 0.79 -23.32 -20.18
CA ASN A 578 -0.37 -23.08 -21.06
C ASN A 578 -0.19 -21.82 -21.92
N ALA A 579 0.34 -20.74 -21.32
CA ALA A 579 0.54 -19.47 -22.00
C ALA A 579 1.79 -19.36 -22.88
N PHE A 580 2.95 -19.85 -22.41
CA PHE A 580 4.22 -19.70 -23.13
C PHE A 580 4.81 -20.98 -23.72
N GLY A 581 4.32 -22.12 -23.27
CA GLY A 581 4.87 -23.40 -23.68
C GLY A 581 6.30 -23.55 -23.19
N GLU A 582 6.56 -23.06 -21.95
CA GLU A 582 7.87 -23.09 -21.31
C GLU A 582 7.70 -23.34 -19.83
N SER A 583 8.78 -23.75 -19.16
CA SER A 583 8.78 -23.96 -17.72
C SER A 583 9.11 -22.64 -17.02
N TYR A 584 8.21 -22.16 -16.14
CA TYR A 584 8.47 -20.92 -15.41
C TYR A 584 9.68 -21.09 -14.49
N ARG A 585 9.74 -22.23 -13.78
CA ARG A 585 10.85 -22.56 -12.89
C ARG A 585 12.20 -22.50 -13.64
N ALA A 586 12.29 -23.11 -14.84
CA ALA A 586 13.53 -23.06 -15.63
C ALA A 586 13.86 -21.63 -16.07
N TYR A 587 12.83 -20.87 -16.44
CA TYR A 587 12.95 -19.47 -16.85
C TYR A 587 13.56 -18.63 -15.71
N ARG A 588 13.07 -18.83 -14.48
CA ARG A 588 13.58 -18.12 -13.32
C ARG A 588 14.95 -18.60 -12.90
N GLU A 589 15.25 -19.91 -13.10
CA GLU A 589 16.56 -20.45 -12.76
C GLU A 589 17.61 -19.84 -13.68
N ASP A 590 17.29 -19.67 -14.99
CA ASP A 590 18.20 -19.03 -15.95
C ASP A 590 18.46 -17.57 -15.54
N MET A 591 17.38 -16.80 -15.21
CA MET A 591 17.48 -15.40 -14.79
C MET A 591 18.29 -15.29 -13.50
N LEU A 592 18.09 -16.23 -12.55
CA LEU A 592 18.84 -16.27 -11.30
C LEU A 592 20.34 -16.46 -11.59
N LYS A 593 20.69 -17.40 -12.51
CA LYS A 593 22.09 -17.66 -12.89
C LYS A 593 22.70 -16.41 -13.49
N ARG A 594 22.02 -15.78 -14.47
CA ARG A 594 22.53 -14.58 -15.13
C ARG A 594 22.76 -13.43 -14.16
N ASP A 595 21.79 -13.16 -13.28
CA ASP A 595 21.91 -12.08 -12.29
C ASP A 595 22.95 -12.33 -11.22
N THR A 596 23.18 -13.62 -10.84
CA THR A 596 24.21 -14.00 -9.85
C THR A 596 25.58 -13.67 -10.44
N LEU A 597 25.79 -13.99 -11.73
CA LEU A 597 27.03 -13.70 -12.46
C LEU A 597 27.26 -12.20 -12.60
N GLU A 598 26.20 -11.46 -12.94
CA GLU A 598 26.26 -10.01 -13.12
C GLU A 598 26.59 -9.31 -11.79
N LEU A 599 26.01 -9.84 -10.66
CA LEU A 599 26.21 -9.28 -9.31
C LEU A 599 27.68 -9.17 -8.91
N SER A 600 28.51 -10.20 -9.23
CA SER A 600 29.93 -10.20 -8.87
C SER A 600 30.69 -8.99 -9.42
N ARG A 601 30.23 -8.41 -10.55
CA ARG A 601 30.83 -7.24 -11.17
C ARG A 601 30.68 -6.01 -10.26
N TYR A 602 29.67 -6.02 -9.38
CA TYR A 602 29.30 -4.91 -8.51
C TYR A 602 29.82 -5.03 -7.08
N VAL A 603 30.17 -6.25 -6.65
CA VAL A 603 30.62 -6.54 -5.29
C VAL A 603 32.12 -6.81 -5.32
N ALA A 604 32.89 -5.90 -4.70
CA ALA A 604 34.36 -5.96 -4.60
C ALA A 604 34.88 -7.31 -4.06
N SER A 605 34.21 -7.83 -3.01
CA SER A 605 34.53 -9.08 -2.34
C SER A 605 34.20 -10.32 -3.17
N MET A 606 33.36 -10.17 -4.20
CA MET A 606 32.92 -11.27 -5.06
C MET A 606 33.78 -11.43 -6.26
N ALA A 607 34.35 -12.64 -6.36
CA ALA A 607 35.17 -13.10 -7.47
C ALA A 607 34.27 -13.33 -8.68
N ARG A 608 34.84 -13.24 -9.88
CA ARG A 608 34.24 -13.41 -11.22
C ARG A 608 33.01 -14.35 -11.33
N GLN A 609 32.89 -15.38 -10.46
CA GLN A 609 31.78 -16.35 -10.38
C GLN A 609 31.57 -16.86 -8.93
N ALA A 610 31.61 -15.92 -7.95
CA ALA A 610 31.53 -16.21 -6.53
C ALA A 610 30.30 -16.97 -5.99
N GLY A 611 29.11 -16.63 -6.50
CA GLY A 611 27.85 -17.24 -6.05
C GLY A 611 27.20 -16.46 -4.91
N LEU A 612 25.99 -16.86 -4.50
CA LEU A 612 25.23 -16.15 -3.46
C LEU A 612 25.45 -16.64 -2.01
N ALA A 613 26.43 -17.53 -1.79
CA ALA A 613 26.71 -18.17 -0.49
C ALA A 613 26.72 -17.25 0.75
N GLU A 614 27.40 -16.10 0.66
CA GLU A 614 27.50 -15.19 1.81
C GLU A 614 26.28 -14.26 2.04
N LEU A 615 25.33 -14.24 1.10
CA LEU A 615 24.16 -13.36 1.14
C LEU A 615 22.95 -13.89 1.85
N THR A 616 22.27 -13.02 2.59
CA THR A 616 21.05 -13.36 3.34
C THR A 616 19.81 -13.21 2.45
N PRO A 617 18.64 -13.77 2.86
CA PRO A 617 17.41 -13.55 2.08
C PRO A 617 17.06 -12.06 1.95
N ILE A 618 17.29 -11.24 3.01
CA ILE A 618 17.07 -9.78 3.00
C ILE A 618 17.93 -9.16 1.90
N ASP A 619 19.24 -9.51 1.84
CA ASP A 619 20.17 -9.02 0.81
C ASP A 619 19.61 -9.26 -0.59
N LEU A 620 19.08 -10.48 -0.84
CA LEU A 620 18.54 -10.87 -2.14
C LEU A 620 17.26 -10.13 -2.52
N GLU A 621 16.32 -9.98 -1.57
CA GLU A 621 15.05 -9.26 -1.77
C GLU A 621 15.29 -7.79 -2.08
N VAL A 622 16.29 -7.19 -1.42
CA VAL A 622 16.71 -5.80 -1.56
C VAL A 622 17.42 -5.57 -2.88
N LEU A 623 18.28 -6.50 -3.32
CA LEU A 623 18.97 -6.37 -4.61
C LEU A 623 17.99 -6.44 -5.80
N ALA A 624 16.88 -7.19 -5.62
CA ALA A 624 15.83 -7.31 -6.63
C ALA A 624 14.88 -6.12 -6.54
N ASP A 625 14.71 -5.55 -5.33
CA ASP A 625 13.80 -4.42 -5.09
C ASP A 625 14.32 -3.49 -3.97
N PRO A 626 15.19 -2.50 -4.28
CA PRO A 626 15.72 -1.62 -3.22
C PRO A 626 14.68 -0.73 -2.53
N ASN A 627 13.47 -0.67 -3.10
CA ASN A 627 12.35 0.05 -2.53
C ASN A 627 12.02 -0.56 -1.16
N LYS A 628 12.36 -1.85 -0.94
CA LYS A 628 12.15 -2.54 0.34
C LYS A 628 13.03 -1.94 1.46
N LEU A 629 14.11 -1.24 1.07
CA LEU A 629 15.05 -0.56 1.95
C LEU A 629 14.52 0.84 2.36
N GLN A 630 13.40 1.26 1.77
CA GLN A 630 12.77 2.55 1.99
C GLN A 630 11.42 2.45 2.74
N TYR A 631 10.94 1.22 2.99
CA TYR A 631 9.66 1.03 3.67
C TYR A 631 9.60 -0.21 4.56
N LYS A 632 10.44 -1.22 4.27
CA LYS A 632 10.42 -2.49 4.99
C LYS A 632 11.61 -2.67 5.92
N TRP A 633 12.82 -2.52 5.40
CA TRP A 633 14.05 -2.73 6.17
C TRP A 633 14.90 -1.47 6.27
N THR A 634 16.03 -1.58 6.98
CA THR A 634 16.99 -0.49 7.18
C THR A 634 18.41 -0.99 6.87
N GLN A 635 19.39 -0.05 6.83
CA GLN A 635 20.81 -0.30 6.57
C GLN A 635 21.41 -1.47 7.34
N ALA A 636 21.15 -1.53 8.67
CA ALA A 636 21.69 -2.56 9.56
C ALA A 636 21.20 -3.97 9.24
N ASP A 637 20.06 -4.09 8.51
CA ASP A 637 19.47 -5.39 8.14
C ASP A 637 20.14 -6.00 6.91
N VAL A 638 20.94 -5.20 6.21
CA VAL A 638 21.62 -5.58 4.97
C VAL A 638 23.12 -5.75 5.21
N SER A 639 23.72 -6.79 4.59
CA SER A 639 25.17 -7.02 4.67
C SER A 639 25.88 -5.76 4.15
N ALA A 640 26.99 -5.38 4.80
CA ALA A 640 27.77 -4.19 4.48
C ALA A 640 28.20 -4.12 3.02
N ASN A 641 28.68 -5.25 2.46
CA ASN A 641 29.13 -5.28 1.06
C ASN A 641 27.97 -5.11 0.05
N ILE A 642 26.73 -5.38 0.48
CA ILE A 642 25.53 -5.24 -0.35
C ILE A 642 24.99 -3.81 -0.27
N HIS A 643 25.02 -3.20 0.93
CA HIS A 643 24.58 -1.83 1.12
C HIS A 643 25.41 -0.90 0.24
N GLU A 644 26.73 -1.15 0.11
CA GLU A 644 27.68 -0.40 -0.74
C GLU A 644 27.33 -0.46 -2.22
N VAL A 645 26.63 -1.52 -2.68
CA VAL A 645 26.21 -1.67 -4.08
C VAL A 645 25.17 -0.60 -4.39
N LEU A 646 24.24 -0.38 -3.45
CA LEU A 646 23.10 0.52 -3.62
C LEU A 646 23.27 1.94 -3.13
N MET A 647 24.17 2.17 -2.18
CA MET A 647 24.38 3.48 -1.55
C MET A 647 25.84 3.91 -1.56
N HIS A 648 26.05 5.24 -1.53
CA HIS A 648 27.35 5.86 -1.36
C HIS A 648 27.22 6.94 -0.30
N GLY A 649 28.30 7.23 0.40
CA GLY A 649 28.23 8.19 1.49
C GLY A 649 29.18 9.35 1.49
N VAL A 650 28.80 10.39 2.22
CA VAL A 650 29.60 11.58 2.50
C VAL A 650 30.36 11.14 3.76
N SER A 651 31.67 11.47 3.91
CA SER A 651 32.47 11.06 5.08
C SER A 651 31.87 11.44 6.42
N VAL A 652 32.09 10.58 7.44
CA VAL A 652 31.62 10.82 8.81
C VAL A 652 32.32 12.05 9.42
N GLU A 653 33.50 12.44 8.88
CA GLU A 653 34.26 13.62 9.32
C GLU A 653 33.46 14.90 9.05
N LYS A 654 32.87 15.01 7.83
CA LYS A 654 32.05 16.14 7.41
C LYS A 654 30.71 16.16 8.15
N THR A 655 30.10 14.97 8.37
CA THR A 655 28.81 14.88 9.07
C THR A 655 28.96 15.09 10.56
N GLU A 656 30.08 14.62 11.15
CA GLU A 656 30.41 14.76 12.58
C GLU A 656 30.49 16.24 12.93
N ARG A 657 31.17 17.04 12.10
CA ARG A 657 31.33 18.48 12.25
C ARG A 657 29.98 19.17 12.12
N PHE A 658 29.16 18.76 11.12
CA PHE A 658 27.84 19.29 10.90
C PHE A 658 26.94 19.01 12.09
N LEU A 659 26.86 17.74 12.52
CA LEU A 659 26.03 17.31 13.64
C LEU A 659 26.35 18.01 14.96
N ARG A 660 27.64 18.29 15.24
CA ARG A 660 28.12 19.00 16.43
C ARG A 660 27.50 20.42 16.51
N SER A 661 27.39 21.07 15.34
CA SER A 661 26.84 22.42 15.22
C SER A 661 25.30 22.48 15.34
N VAL A 662 24.59 21.34 15.14
CA VAL A 662 23.12 21.25 15.18
C VAL A 662 22.61 20.97 16.58
N MET A 663 23.19 19.96 17.17
CA MET A 663 22.81 19.38 18.43
C MET A 663 23.09 20.22 19.66
N PRO A 664 22.28 20.04 20.72
CA PRO A 664 22.49 20.82 21.94
C PRO A 664 23.86 20.61 22.59
N ARG A 665 24.47 21.71 23.09
CA ARG A 665 25.76 21.84 23.78
C ARG A 665 26.77 20.67 23.72
N PRO B 2 2.58 -29.46 -63.70
CA PRO B 2 3.53 -30.57 -63.65
C PRO B 2 3.45 -31.40 -62.38
N ARG B 3 2.20 -31.57 -61.83
CA ARG B 3 1.80 -32.34 -60.63
C ARG B 3 2.31 -31.79 -59.32
N ARG B 4 1.38 -31.22 -58.55
CA ARG B 4 1.69 -30.66 -57.25
C ARG B 4 1.88 -31.78 -56.25
N ALA B 5 2.78 -31.55 -55.28
CA ALA B 5 3.05 -32.50 -54.22
C ALA B 5 1.84 -32.57 -53.29
N PRO B 6 1.43 -33.76 -52.84
CA PRO B 6 0.30 -33.82 -51.90
C PRO B 6 0.74 -33.24 -50.58
N ALA B 7 -0.17 -32.56 -49.88
CA ALA B 7 0.14 -31.97 -48.59
C ALA B 7 -0.89 -32.38 -47.57
N PHE B 8 -0.44 -32.69 -46.36
CA PHE B 8 -1.35 -33.15 -45.31
C PHE B 8 -1.21 -32.35 -44.02
N PRO B 9 -2.32 -31.82 -43.46
CA PRO B 9 -2.22 -31.11 -42.18
C PRO B 9 -1.91 -32.11 -41.06
N LEU B 10 -1.38 -31.61 -39.92
CA LEU B 10 -1.04 -32.47 -38.78
C LEU B 10 -2.22 -33.38 -38.35
N SER B 11 -3.47 -32.86 -38.45
CA SER B 11 -4.70 -33.60 -38.13
C SER B 11 -4.88 -34.88 -38.97
N ASP B 12 -4.37 -34.90 -40.21
CA ASP B 12 -4.49 -36.05 -41.12
C ASP B 12 -3.79 -37.26 -40.56
N ILE B 13 -4.40 -38.44 -40.75
CA ILE B 13 -3.82 -39.72 -40.32
C ILE B 13 -2.39 -39.93 -40.85
N LYS B 14 -2.11 -39.52 -42.10
CA LYS B 14 -0.78 -39.65 -42.70
C LYS B 14 0.30 -38.90 -41.91
N ALA B 15 -0.06 -37.74 -41.32
CA ALA B 15 0.85 -36.94 -40.49
C ALA B 15 0.88 -37.52 -39.05
N GLN B 16 -0.28 -37.95 -38.53
CA GLN B 16 -0.37 -38.54 -37.19
C GLN B 16 0.49 -39.80 -37.02
N MET B 17 0.60 -40.60 -38.09
CA MET B 17 1.38 -41.83 -38.15
C MET B 17 2.90 -41.56 -38.06
N LEU B 18 3.34 -40.30 -38.25
CA LEU B 18 4.75 -39.93 -38.17
C LEU B 18 5.21 -39.74 -36.74
N PHE B 19 4.28 -39.66 -35.79
CA PHE B 19 4.59 -39.39 -34.40
C PHE B 19 4.08 -40.47 -33.49
N ALA B 20 5.02 -41.13 -32.81
CA ALA B 20 4.73 -42.20 -31.86
C ALA B 20 3.91 -41.72 -30.65
N ASN B 21 3.28 -42.66 -29.96
CA ASN B 21 2.45 -42.41 -28.79
C ASN B 21 3.26 -42.14 -27.52
N ASN B 22 4.05 -41.07 -27.54
CA ASN B 22 4.87 -40.57 -26.42
C ASN B 22 4.90 -39.04 -26.42
N ILE B 23 5.13 -38.44 -25.25
CA ILE B 23 5.15 -36.99 -25.06
C ILE B 23 6.13 -36.26 -25.96
N LYS B 24 7.37 -36.75 -26.08
CA LYS B 24 8.39 -36.12 -26.92
C LYS B 24 7.98 -36.03 -28.39
N ALA B 25 7.48 -37.15 -28.96
CA ALA B 25 7.04 -37.23 -30.36
C ALA B 25 5.83 -36.34 -30.61
N GLN B 26 4.87 -36.36 -29.66
CA GLN B 26 3.66 -35.54 -29.77
C GLN B 26 4.01 -34.05 -29.68
N GLN B 27 4.95 -33.69 -28.77
CA GLN B 27 5.41 -32.29 -28.63
C GLN B 27 6.09 -31.82 -29.90
N ALA B 28 6.87 -32.71 -30.55
CA ALA B 28 7.58 -32.39 -31.79
C ALA B 28 6.60 -32.11 -32.92
N SER B 29 5.48 -32.86 -32.97
CA SER B 29 4.42 -32.71 -33.95
C SER B 29 3.81 -31.32 -33.89
N LYS B 30 3.50 -30.85 -32.68
CA LYS B 30 2.81 -29.60 -32.34
C LYS B 30 3.69 -28.36 -32.13
N ARG B 31 5.01 -28.52 -31.89
CA ARG B 31 5.94 -27.41 -31.61
C ARG B 31 5.73 -26.20 -32.50
N SER B 32 5.39 -25.07 -31.87
CA SER B 32 5.12 -23.81 -32.53
C SER B 32 6.40 -23.01 -32.77
N PHE B 33 6.25 -21.87 -33.48
CA PHE B 33 7.32 -20.93 -33.78
C PHE B 33 7.82 -20.33 -32.47
N LYS B 34 9.13 -20.41 -32.25
CA LYS B 34 9.77 -19.88 -31.05
C LYS B 34 10.92 -18.95 -31.42
N GLU B 35 11.11 -17.89 -30.62
CA GLU B 35 12.20 -16.92 -30.77
C GLU B 35 12.54 -16.29 -29.42
N GLY B 36 13.79 -15.87 -29.30
CA GLY B 36 14.33 -15.26 -28.10
C GLY B 36 15.83 -15.17 -28.17
N ALA B 37 16.40 -14.20 -27.41
CA ALA B 37 17.83 -13.96 -27.37
C ALA B 37 18.57 -15.19 -26.91
N ILE B 38 19.70 -15.50 -27.55
CA ILE B 38 20.52 -16.64 -27.14
C ILE B 38 21.44 -16.23 -25.99
N GLU B 39 21.77 -17.17 -25.11
CA GLU B 39 22.70 -16.87 -24.03
C GLU B 39 24.07 -17.11 -24.69
N THR B 40 24.61 -16.04 -25.35
CA THR B 40 25.89 -16.03 -26.07
C THR B 40 27.01 -16.71 -25.27
N TYR B 41 27.15 -16.30 -24.00
CA TYR B 41 28.05 -16.84 -23.00
C TYR B 41 27.28 -16.81 -21.69
N GLU B 42 27.72 -17.59 -20.68
CA GLU B 42 27.05 -17.63 -19.39
C GLU B 42 26.83 -16.22 -18.87
N GLY B 43 25.56 -15.90 -18.63
CA GLY B 43 25.13 -14.61 -18.10
C GLY B 43 25.15 -13.44 -19.07
N LEU B 44 25.27 -13.70 -20.40
CA LEU B 44 25.30 -12.66 -21.42
C LEU B 44 24.35 -13.01 -22.56
N LEU B 45 23.31 -12.18 -22.77
CA LEU B 45 22.36 -12.37 -23.86
C LEU B 45 22.85 -11.66 -25.11
N SER B 46 22.52 -12.20 -26.29
CA SER B 46 22.91 -11.64 -27.58
C SER B 46 22.38 -10.22 -27.83
N VAL B 47 21.32 -9.84 -27.12
CA VAL B 47 20.70 -8.53 -27.26
C VAL B 47 21.05 -7.55 -26.13
N ASP B 48 21.95 -7.96 -25.21
CA ASP B 48 22.41 -7.10 -24.11
C ASP B 48 22.92 -5.76 -24.71
N PRO B 49 22.42 -4.60 -24.21
CA PRO B 49 22.84 -3.31 -24.77
C PRO B 49 24.36 -3.08 -24.86
N ARG B 50 25.14 -3.56 -23.86
CA ARG B 50 26.61 -3.42 -23.88
C ARG B 50 27.18 -4.21 -25.04
N PHE B 51 26.66 -5.44 -25.26
CA PHE B 51 27.11 -6.35 -26.31
C PHE B 51 26.83 -5.80 -27.71
N LEU B 52 25.64 -5.21 -27.93
CA LEU B 52 25.29 -4.62 -29.22
C LEU B 52 26.11 -3.35 -29.49
N SER B 53 26.42 -2.59 -28.42
CA SER B 53 27.24 -1.38 -28.50
C SER B 53 28.65 -1.80 -28.95
N PHE B 54 29.18 -2.91 -28.36
CA PHE B 54 30.49 -3.50 -28.67
C PHE B 54 30.56 -3.91 -30.13
N LYS B 55 29.51 -4.64 -30.59
CA LYS B 55 29.39 -5.12 -31.97
C LYS B 55 29.31 -3.96 -32.93
N ASN B 56 28.56 -2.89 -32.54
CA ASN B 56 28.43 -1.70 -33.38
C ASN B 56 29.78 -1.00 -33.57
N GLU B 57 30.53 -0.75 -32.48
CA GLU B 57 31.83 -0.10 -32.51
C GLU B 57 32.86 -0.95 -33.26
N LEU B 58 32.99 -2.24 -32.90
CA LEU B 58 33.96 -3.16 -33.51
C LEU B 58 33.75 -3.38 -35.01
N SER B 59 32.50 -3.66 -35.45
CA SER B 59 32.22 -3.89 -36.88
C SER B 59 32.55 -2.66 -37.71
N ARG B 60 32.20 -1.45 -37.21
CA ARG B 60 32.47 -0.18 -37.88
C ARG B 60 33.95 0.11 -37.98
N TYR B 61 34.69 -0.10 -36.87
CA TYR B 61 36.13 0.14 -36.77
C TYR B 61 36.92 -0.78 -37.71
N LEU B 62 36.66 -2.09 -37.61
CA LEU B 62 37.38 -3.07 -38.41
C LEU B 62 37.15 -2.88 -39.91
N THR B 63 35.90 -2.56 -40.33
CA THR B 63 35.58 -2.33 -41.75
C THR B 63 36.35 -1.11 -42.25
N ASP B 64 36.36 -0.04 -41.43
CA ASP B 64 37.04 1.21 -41.75
C ASP B 64 38.55 1.00 -41.94
N HIS B 65 39.22 0.39 -40.95
CA HIS B 65 40.67 0.19 -40.93
C HIS B 65 41.17 -0.98 -41.74
N PHE B 66 40.34 -1.99 -41.93
CA PHE B 66 40.75 -3.16 -42.69
C PHE B 66 39.78 -3.45 -43.83
N PRO B 67 39.82 -2.62 -44.91
CA PRO B 67 38.93 -2.90 -46.05
C PRO B 67 39.38 -4.17 -46.75
N ALA B 68 38.45 -4.84 -47.43
CA ALA B 68 38.73 -6.07 -48.14
C ALA B 68 39.87 -5.90 -49.16
N ASN B 69 40.77 -6.91 -49.23
CA ASN B 69 41.90 -6.97 -50.16
C ASN B 69 41.68 -8.17 -51.07
N VAL B 70 40.76 -8.02 -52.02
CA VAL B 70 40.38 -9.05 -52.99
C VAL B 70 40.53 -8.45 -54.37
N ASP B 71 41.37 -9.06 -55.21
CA ASP B 71 41.59 -8.55 -56.55
C ASP B 71 40.43 -8.84 -57.53
N GLU B 72 40.58 -8.38 -58.78
CA GLU B 72 39.61 -8.51 -59.88
C GLU B 72 39.25 -9.98 -60.17
N TYR B 73 40.15 -10.91 -59.83
CA TYR B 73 40.02 -12.36 -60.01
C TYR B 73 39.60 -13.09 -58.73
N GLY B 74 39.16 -12.33 -57.73
CA GLY B 74 38.70 -12.91 -56.48
C GLY B 74 39.79 -13.51 -55.62
N ARG B 75 41.06 -13.13 -55.87
CA ARG B 75 42.20 -13.63 -55.07
C ARG B 75 42.39 -12.72 -53.88
N VAL B 76 42.61 -13.32 -52.71
CA VAL B 76 42.87 -12.54 -51.50
C VAL B 76 44.36 -12.23 -51.38
N TYR B 77 44.69 -10.96 -51.10
CA TYR B 77 46.06 -10.50 -50.89
C TYR B 77 46.11 -9.66 -49.60
N GLY B 78 47.27 -9.04 -49.36
CA GLY B 78 47.53 -8.12 -48.24
C GLY B 78 47.04 -8.53 -46.87
N ASN B 79 46.03 -7.81 -46.35
CA ASN B 79 45.47 -8.00 -45.02
C ASN B 79 44.72 -9.31 -44.73
N GLY B 80 44.39 -10.08 -45.77
CA GLY B 80 43.66 -11.33 -45.63
C GLY B 80 42.20 -11.16 -45.28
N VAL B 81 41.62 -10.02 -45.67
CA VAL B 81 40.21 -9.66 -45.42
C VAL B 81 39.46 -9.73 -46.77
N ARG B 82 38.29 -10.42 -46.79
CA ARG B 82 37.47 -10.55 -47.98
C ARG B 82 36.17 -9.73 -48.06
N THR B 83 35.67 -9.24 -46.90
CA THR B 83 34.48 -8.39 -46.84
C THR B 83 34.54 -7.51 -45.64
N ASN B 84 33.46 -6.73 -45.44
CA ASN B 84 33.25 -5.88 -44.29
C ASN B 84 33.06 -6.80 -43.07
N PHE B 85 33.00 -6.20 -41.88
CA PHE B 85 32.85 -6.93 -40.64
C PHE B 85 31.42 -6.78 -40.08
N PHE B 86 30.49 -6.30 -40.95
CA PHE B 86 29.09 -6.07 -40.62
C PHE B 86 28.22 -7.31 -40.43
N GLY B 87 28.76 -8.49 -40.73
CA GLY B 87 28.07 -9.77 -40.56
C GLY B 87 27.67 -10.07 -39.11
N MET B 88 28.41 -9.52 -38.14
CA MET B 88 28.15 -9.70 -36.70
C MET B 88 26.91 -8.95 -36.20
N ARG B 89 26.40 -7.99 -37.01
CA ARG B 89 25.27 -7.13 -36.64
C ARG B 89 23.87 -7.78 -36.67
N HIS B 90 23.69 -8.90 -35.99
CA HIS B 90 22.38 -9.56 -35.92
C HIS B 90 21.91 -9.73 -34.48
N MET B 91 20.59 -9.76 -34.30
CA MET B 91 19.95 -9.98 -33.02
C MET B 91 19.82 -11.49 -32.91
N ASN B 92 20.92 -12.18 -32.54
CA ASN B 92 21.00 -13.64 -32.46
C ASN B 92 19.91 -14.29 -31.61
N GLY B 93 19.19 -15.22 -32.22
CA GLY B 93 18.08 -15.92 -31.60
C GLY B 93 16.73 -15.46 -32.13
N PHE B 94 16.73 -14.33 -32.90
CA PHE B 94 15.55 -13.78 -33.54
C PHE B 94 15.65 -13.98 -35.05
N PRO B 95 14.83 -14.90 -35.60
CA PRO B 95 14.97 -15.20 -37.04
C PRO B 95 14.27 -14.26 -37.98
N MET B 96 14.66 -14.36 -39.27
CA MET B 96 13.99 -13.63 -40.35
C MET B 96 12.60 -14.28 -40.48
N ILE B 97 11.59 -13.48 -40.85
CA ILE B 97 10.26 -14.03 -40.99
C ILE B 97 9.75 -13.79 -42.40
N PRO B 98 9.29 -14.86 -43.09
CA PRO B 98 9.24 -16.27 -42.67
C PRO B 98 10.47 -17.04 -43.14
N ALA B 99 10.63 -18.28 -42.70
CA ALA B 99 11.69 -19.14 -43.19
C ALA B 99 11.06 -19.81 -44.42
N THR B 100 11.87 -20.38 -45.32
CA THR B 100 11.31 -21.01 -46.52
C THR B 100 10.55 -22.29 -46.26
N TRP B 101 9.60 -22.58 -47.13
CA TRP B 101 8.91 -23.85 -47.15
C TRP B 101 9.83 -24.66 -48.09
N PRO B 102 10.27 -25.88 -47.73
CA PRO B 102 11.19 -26.60 -48.60
C PRO B 102 10.55 -27.02 -49.91
N LEU B 103 11.23 -26.77 -51.05
CA LEU B 103 10.75 -27.13 -52.39
C LEU B 103 10.56 -28.65 -52.48
N ALA B 104 9.34 -29.10 -52.83
CA ALA B 104 9.03 -30.52 -52.94
C ALA B 104 9.68 -31.14 -54.20
N SER B 105 9.87 -30.31 -55.27
CA SER B 105 10.51 -30.76 -56.51
C SER B 105 11.42 -29.69 -57.04
N ASN B 106 12.66 -30.05 -57.36
CA ASN B 106 13.63 -29.10 -57.89
C ASN B 106 13.77 -29.25 -59.41
N LEU B 107 12.90 -30.07 -60.05
CA LEU B 107 13.02 -30.33 -61.48
C LEU B 107 12.92 -29.08 -62.33
N LYS B 108 11.86 -28.24 -62.09
CA LYS B 108 11.64 -26.96 -62.80
C LYS B 108 12.77 -25.98 -62.46
N LYS B 109 13.18 -25.92 -61.16
CA LYS B 109 14.25 -25.05 -60.68
C LYS B 109 15.51 -25.29 -61.54
N ARG B 110 15.94 -26.58 -61.69
CA ARG B 110 17.10 -27.00 -62.48
C ARG B 110 16.92 -26.68 -63.96
N ALA B 111 15.76 -27.03 -64.55
CA ALA B 111 15.43 -26.81 -65.96
C ALA B 111 15.48 -25.32 -66.31
N ASP B 112 14.86 -24.48 -65.46
CA ASP B 112 14.83 -23.03 -65.67
C ASP B 112 16.22 -22.42 -65.57
N ALA B 113 17.12 -23.04 -64.79
CA ALA B 113 18.50 -22.57 -64.62
C ALA B 113 19.41 -23.14 -65.73
N ASP B 114 18.81 -23.84 -66.71
CA ASP B 114 19.47 -24.50 -67.84
C ASP B 114 20.51 -25.53 -67.40
N LEU B 115 20.14 -26.32 -66.39
CA LEU B 115 20.97 -27.40 -65.87
C LEU B 115 20.40 -28.72 -66.40
N ALA B 116 21.28 -29.68 -66.73
CA ALA B 116 20.92 -30.95 -67.33
C ALA B 116 20.08 -31.89 -66.47
N ASP B 117 19.23 -32.70 -67.13
CA ASP B 117 18.35 -33.69 -66.51
C ASP B 117 18.98 -35.10 -66.50
N GLY B 118 20.28 -35.14 -66.74
CA GLY B 118 21.06 -36.36 -66.75
C GLY B 118 22.44 -36.10 -67.30
N PRO B 119 23.34 -37.12 -67.31
CA PRO B 119 24.66 -36.92 -67.91
C PRO B 119 24.51 -36.51 -69.37
N VAL B 120 25.25 -35.46 -69.78
CA VAL B 120 25.17 -34.87 -71.11
C VAL B 120 25.74 -35.79 -72.18
N SER B 121 26.90 -36.41 -71.90
CA SER B 121 27.62 -37.29 -72.82
C SER B 121 27.89 -38.65 -72.16
N GLU B 122 28.34 -39.65 -72.96
CA GLU B 122 28.66 -40.96 -72.43
C GLU B 122 29.88 -40.89 -71.51
N ARG B 123 30.84 -40.02 -71.83
CA ARG B 123 32.04 -39.79 -71.01
C ARG B 123 31.62 -39.43 -69.60
N ASP B 124 30.73 -38.42 -69.46
CA ASP B 124 30.21 -37.95 -68.17
C ASP B 124 29.50 -39.08 -67.43
N ASN B 125 28.67 -39.86 -68.15
CA ASN B 125 27.98 -41.01 -67.57
C ASN B 125 28.99 -42.02 -67.00
N LEU B 126 30.08 -42.28 -67.74
CA LEU B 126 31.13 -43.20 -67.28
C LEU B 126 31.84 -42.67 -66.05
N LEU B 127 32.09 -41.35 -65.99
CA LEU B 127 32.80 -40.71 -64.88
C LEU B 127 31.98 -40.74 -63.59
N PHE B 128 30.67 -40.42 -63.67
CA PHE B 128 29.79 -40.47 -62.51
C PHE B 128 29.72 -41.91 -61.99
N ARG B 129 29.60 -42.89 -62.90
CA ARG B 129 29.56 -44.32 -62.56
C ARG B 129 30.90 -44.81 -62.02
N ALA B 130 32.04 -44.29 -62.56
CA ALA B 130 33.39 -44.63 -62.09
C ALA B 130 33.60 -44.12 -60.65
N ALA B 131 32.96 -42.98 -60.29
CA ALA B 131 33.02 -42.40 -58.95
C ALA B 131 32.36 -43.34 -57.94
N VAL B 132 31.20 -43.91 -58.31
CA VAL B 132 30.45 -44.85 -57.49
C VAL B 132 31.31 -46.09 -57.25
N ARG B 133 31.90 -46.64 -58.31
CA ARG B 133 32.73 -47.84 -58.23
C ARG B 133 33.96 -47.64 -57.36
N LEU B 134 34.66 -46.50 -57.49
CA LEU B 134 35.84 -46.21 -56.65
C LEU B 134 35.50 -45.91 -55.19
N MET B 135 34.38 -45.23 -54.94
CA MET B 135 33.97 -44.86 -53.59
C MET B 135 33.37 -46.00 -52.79
N PHE B 136 32.59 -46.87 -53.45
CA PHE B 136 31.85 -47.95 -52.77
C PHE B 136 32.40 -49.38 -52.88
N SER B 137 33.61 -49.56 -53.46
CA SER B 137 34.15 -50.90 -53.67
C SER B 137 34.65 -51.76 -52.49
N ASP B 138 35.93 -51.62 -52.11
CA ASP B 138 36.54 -52.46 -51.08
C ASP B 138 36.52 -51.79 -49.71
N LEU B 139 35.31 -51.69 -49.16
CA LEU B 139 35.06 -51.06 -47.87
C LEU B 139 35.29 -51.98 -46.69
N GLU B 140 35.78 -51.42 -45.58
CA GLU B 140 36.02 -52.17 -44.36
C GLU B 140 35.04 -51.72 -43.26
N PRO B 141 34.41 -52.68 -42.55
CA PRO B 141 33.44 -52.31 -41.50
C PRO B 141 34.04 -51.62 -40.29
N VAL B 142 33.29 -50.66 -39.75
CA VAL B 142 33.65 -49.85 -38.57
C VAL B 142 32.43 -49.74 -37.63
N PRO B 143 32.58 -49.37 -36.33
CA PRO B 143 31.37 -49.22 -35.49
C PRO B 143 30.49 -48.07 -36.00
N LEU B 144 29.18 -48.20 -35.77
CA LEU B 144 28.22 -47.18 -36.14
C LEU B 144 28.25 -46.14 -35.02
N LYS B 145 28.86 -44.97 -35.26
CA LYS B 145 28.95 -43.91 -34.25
C LYS B 145 27.75 -42.96 -34.27
N ILE B 146 27.20 -42.66 -33.10
CA ILE B 146 26.01 -41.83 -32.87
C ILE B 146 26.38 -40.64 -31.98
N ARG B 147 25.94 -39.43 -32.35
CA ARG B 147 26.19 -38.22 -31.55
C ARG B 147 25.35 -38.26 -30.28
N LYS B 148 26.00 -38.00 -29.13
CA LYS B 148 25.32 -37.99 -27.83
C LYS B 148 24.30 -36.84 -27.77
N GLY B 149 23.10 -37.14 -27.30
CA GLY B 149 22.02 -36.17 -27.19
C GLY B 149 21.24 -35.90 -28.46
N SER B 150 21.66 -36.47 -29.61
CA SER B 150 20.97 -36.30 -30.90
C SER B 150 19.61 -37.05 -30.85
N SER B 151 18.63 -36.60 -31.66
CA SER B 151 17.29 -37.20 -31.72
C SER B 151 17.20 -38.33 -32.73
N THR B 152 16.26 -39.27 -32.49
CA THR B 152 16.00 -40.36 -33.45
C THR B 152 14.97 -39.88 -34.47
N CYS B 153 14.39 -38.69 -34.22
CA CYS B 153 13.35 -38.07 -35.03
C CYS B 153 12.17 -39.02 -35.30
N ILE B 154 11.59 -39.00 -36.51
CA ILE B 154 10.41 -39.83 -36.82
C ILE B 154 10.64 -41.34 -36.67
N PRO B 155 9.80 -42.04 -35.88
CA PRO B 155 8.61 -41.57 -35.17
C PRO B 155 8.74 -41.32 -33.66
N TYR B 156 9.82 -41.84 -33.01
CA TYR B 156 10.03 -41.82 -31.57
C TYR B 156 10.54 -40.56 -30.90
N PHE B 157 11.39 -39.79 -31.60
CA PHE B 157 11.96 -38.54 -31.08
C PHE B 157 12.67 -38.74 -29.73
N SER B 158 13.44 -39.84 -29.63
CA SER B 158 14.20 -40.19 -28.44
C SER B 158 15.58 -39.53 -28.48
N ASN B 159 16.08 -39.10 -27.31
CA ASN B 159 17.40 -38.47 -27.15
C ASN B 159 18.30 -39.34 -26.23
N ASP B 160 17.77 -40.51 -25.83
CA ASP B 160 18.46 -41.46 -24.95
C ASP B 160 19.39 -42.39 -25.75
N MET B 161 20.68 -42.42 -25.36
CA MET B 161 21.70 -43.24 -26.03
C MET B 161 21.36 -44.72 -26.09
N GLY B 162 20.89 -45.27 -24.98
CA GLY B 162 20.51 -46.68 -24.88
C GLY B 162 19.41 -47.06 -25.86
N THR B 163 18.37 -46.20 -25.97
CA THR B 163 17.24 -46.38 -26.88
C THR B 163 17.74 -46.27 -28.32
N LYS B 164 18.63 -45.29 -28.58
CA LYS B 164 19.25 -45.03 -29.89
C LYS B 164 20.02 -46.28 -30.35
N ILE B 165 20.85 -46.87 -29.46
CA ILE B 165 21.64 -48.08 -29.75
C ILE B 165 20.69 -49.24 -30.11
N GLU B 166 19.63 -49.45 -29.32
CA GLU B 166 18.63 -50.50 -29.56
C GLU B 166 17.97 -50.30 -30.92
N ILE B 167 17.54 -49.04 -31.24
CA ILE B 167 16.92 -48.69 -32.53
C ILE B 167 17.86 -49.02 -33.69
N ALA B 168 19.14 -48.60 -33.58
CA ALA B 168 20.18 -48.82 -34.59
C ALA B 168 20.47 -50.30 -34.79
N GLU B 169 20.57 -51.08 -33.70
CA GLU B 169 20.83 -52.53 -33.76
C GLU B 169 19.67 -53.27 -34.42
N ARG B 170 18.43 -52.89 -34.05
CA ARG B 170 17.20 -53.44 -34.63
C ARG B 170 17.13 -53.10 -36.13
N ALA B 171 17.51 -51.86 -36.50
CA ALA B 171 17.52 -51.39 -37.87
C ALA B 171 18.48 -52.21 -38.73
N LEU B 172 19.67 -52.53 -38.20
CA LEU B 172 20.65 -53.34 -38.93
C LEU B 172 20.15 -54.79 -39.10
N GLU B 173 19.38 -55.29 -38.12
CA GLU B 173 18.78 -56.62 -38.14
C GLU B 173 17.64 -56.72 -39.15
N LYS B 174 16.78 -55.67 -39.24
CA LYS B 174 15.60 -55.68 -40.10
C LYS B 174 15.67 -54.90 -41.42
N ALA B 175 16.82 -54.27 -41.74
CA ALA B 175 16.97 -53.48 -42.96
C ALA B 175 16.65 -54.30 -44.22
N GLU B 176 17.10 -55.57 -44.26
CA GLU B 176 16.87 -56.48 -45.39
C GLU B 176 15.39 -56.73 -45.63
N GLU B 177 14.66 -57.07 -44.57
CA GLU B 177 13.22 -57.34 -44.60
C GLU B 177 12.46 -56.10 -45.03
N ALA B 178 12.82 -54.92 -44.47
CA ALA B 178 12.22 -53.63 -44.77
C ALA B 178 12.45 -53.22 -46.21
N GLY B 179 13.70 -53.31 -46.67
CA GLY B 179 14.10 -52.98 -48.04
C GLY B 179 13.36 -53.81 -49.06
N ASN B 180 13.20 -55.13 -48.78
CA ASN B 180 12.47 -56.07 -49.62
C ASN B 180 10.98 -55.69 -49.73
N LEU B 181 10.36 -55.18 -48.66
CA LEU B 181 8.96 -54.70 -48.68
C LEU B 181 8.85 -53.49 -49.60
N MET B 182 9.85 -52.58 -49.53
CA MET B 182 9.88 -51.39 -50.39
C MET B 182 10.02 -51.81 -51.85
N LEU B 183 10.81 -52.86 -52.13
CA LEU B 183 10.97 -53.39 -53.49
C LEU B 183 9.63 -53.91 -54.06
N GLN B 184 8.71 -54.34 -53.15
CA GLN B 184 7.35 -54.79 -53.49
C GLN B 184 6.36 -53.61 -53.51
N GLY B 185 6.86 -52.39 -53.29
CA GLY B 185 6.06 -51.17 -53.24
C GLY B 185 5.28 -51.01 -51.95
N LYS B 186 5.59 -51.86 -50.93
CA LYS B 186 4.91 -51.84 -49.64
C LYS B 186 5.65 -50.96 -48.63
N PHE B 187 5.69 -49.63 -48.94
CA PHE B 187 6.35 -48.61 -48.12
C PHE B 187 5.71 -48.44 -46.75
N ASP B 188 4.37 -48.44 -46.70
CA ASP B 188 3.62 -48.32 -45.45
C ASP B 188 3.94 -49.47 -44.52
N ASP B 189 4.05 -50.71 -45.05
CA ASP B 189 4.39 -51.90 -44.24
C ASP B 189 5.81 -51.79 -43.70
N ALA B 190 6.78 -51.32 -44.52
CA ALA B 190 8.17 -51.15 -44.11
C ALA B 190 8.27 -50.14 -42.97
N TYR B 191 7.47 -49.05 -43.05
CA TYR B 191 7.42 -48.00 -42.04
C TYR B 191 6.74 -48.49 -40.77
N GLN B 192 5.56 -49.11 -40.92
CA GLN B 192 4.81 -49.62 -39.78
C GLN B 192 5.54 -50.70 -39.01
N LEU B 193 6.20 -51.62 -39.73
CA LEU B 193 6.94 -52.70 -39.09
C LEU B 193 8.32 -52.30 -38.58
N HIS B 194 9.06 -51.51 -39.36
CA HIS B 194 10.45 -51.21 -39.03
C HIS B 194 10.85 -49.76 -38.88
N GLN B 195 9.87 -48.83 -38.97
CA GLN B 195 10.05 -47.38 -38.83
C GLN B 195 11.02 -46.81 -39.86
N MET B 196 11.11 -47.47 -41.03
CA MET B 196 11.96 -47.09 -42.15
C MET B 196 11.06 -46.52 -43.21
N GLY B 197 11.06 -45.20 -43.25
CA GLY B 197 10.24 -44.41 -44.14
C GLY B 197 9.64 -43.24 -43.38
N GLY B 198 8.43 -42.87 -43.76
CA GLY B 198 7.72 -41.76 -43.12
C GLY B 198 8.12 -40.44 -43.72
N ALA B 199 8.97 -39.67 -43.01
CA ALA B 199 9.41 -38.35 -43.49
C ALA B 199 10.59 -37.81 -42.72
N TYR B 200 11.19 -36.72 -43.27
CA TYR B 200 12.23 -35.93 -42.63
C TYR B 200 11.49 -34.93 -41.77
N TYR B 201 12.04 -34.59 -40.61
CA TYR B 201 11.43 -33.61 -39.71
C TYR B 201 12.18 -32.28 -39.88
N VAL B 202 11.49 -31.26 -40.45
CA VAL B 202 12.07 -29.93 -40.72
C VAL B 202 12.29 -29.14 -39.44
N VAL B 203 13.50 -28.65 -39.30
CA VAL B 203 13.94 -27.83 -38.19
C VAL B 203 14.76 -26.70 -38.81
N TYR B 204 14.36 -25.45 -38.54
CA TYR B 204 15.03 -24.27 -39.11
C TYR B 204 16.17 -23.81 -38.20
N ARG B 205 17.40 -23.83 -38.73
CA ARG B 205 18.64 -23.49 -38.02
C ARG B 205 19.17 -22.11 -38.40
N ALA B 206 19.77 -21.41 -37.43
CA ALA B 206 20.29 -20.08 -37.67
C ALA B 206 21.62 -20.06 -38.38
N GLN B 207 21.79 -19.11 -39.32
CA GLN B 207 23.06 -18.80 -39.93
C GLN B 207 23.26 -17.41 -39.32
N SER B 208 23.91 -17.43 -38.13
CA SER B 208 24.13 -16.29 -37.24
C SER B 208 24.73 -15.02 -37.83
N THR B 209 25.51 -15.19 -38.91
CA THR B 209 26.13 -14.08 -39.64
C THR B 209 25.77 -14.23 -41.09
N ASP B 210 25.36 -13.13 -41.72
CA ASP B 210 25.00 -13.06 -43.13
C ASP B 210 25.35 -11.63 -43.58
N ALA B 211 25.54 -11.44 -44.88
CA ALA B 211 25.94 -10.16 -45.47
C ALA B 211 25.09 -8.97 -45.10
N ILE B 212 25.76 -7.88 -44.73
CA ILE B 212 25.19 -6.59 -44.37
C ILE B 212 26.16 -5.59 -44.98
N THR B 213 25.64 -4.62 -45.73
CA THR B 213 26.46 -3.58 -46.39
C THR B 213 26.04 -2.20 -45.87
N LEU B 214 26.98 -1.25 -45.83
CA LEU B 214 26.66 0.09 -45.40
C LEU B 214 26.61 0.96 -46.66
N ASP B 215 25.42 1.50 -46.97
CA ASP B 215 25.25 2.36 -48.15
C ASP B 215 25.88 3.73 -47.84
N PRO B 216 26.99 4.11 -48.53
CA PRO B 216 27.64 5.39 -48.23
C PRO B 216 26.77 6.61 -48.47
N LYS B 217 25.89 6.54 -49.50
CA LYS B 217 24.97 7.61 -49.88
C LYS B 217 24.04 7.97 -48.73
N THR B 218 23.44 6.94 -48.11
CA THR B 218 22.46 7.10 -47.05
C THR B 218 22.97 6.94 -45.61
N GLY B 219 24.06 6.20 -45.43
CA GLY B 219 24.60 5.94 -44.10
C GLY B 219 23.78 4.88 -43.37
N LYS B 220 22.88 4.22 -44.11
CA LYS B 220 21.99 3.16 -43.62
C LYS B 220 22.50 1.80 -44.06
N PHE B 221 22.38 0.79 -43.19
CA PHE B 221 22.83 -0.57 -43.45
C PHE B 221 21.75 -1.35 -44.19
N VAL B 222 22.17 -2.18 -45.12
CA VAL B 222 21.28 -2.98 -45.94
C VAL B 222 21.62 -4.44 -45.72
N SER B 223 20.66 -5.23 -45.19
CA SER B 223 20.85 -6.67 -45.00
C SER B 223 20.68 -7.36 -46.38
N LYS B 224 21.41 -8.48 -46.62
CA LYS B 224 21.29 -9.29 -47.84
C LYS B 224 19.91 -9.92 -47.89
N ASP B 225 19.17 -9.69 -48.99
CA ASP B 225 17.84 -10.28 -49.18
C ASP B 225 17.95 -11.78 -49.36
N ARG B 226 17.20 -12.54 -48.55
CA ARG B 226 17.18 -13.99 -48.61
C ARG B 226 15.82 -14.42 -49.11
N MET B 227 15.78 -15.00 -50.33
CA MET B 227 14.56 -15.45 -50.98
C MET B 227 13.98 -16.68 -50.29
N VAL B 228 12.67 -16.66 -50.07
CA VAL B 228 11.95 -17.75 -49.41
C VAL B 228 10.73 -18.10 -50.25
N ALA B 229 10.37 -19.39 -50.25
CA ALA B 229 9.22 -19.88 -50.97
C ALA B 229 8.05 -20.01 -50.02
N ASP B 230 6.86 -19.59 -50.47
CA ASP B 230 5.66 -19.77 -49.66
C ASP B 230 5.18 -21.21 -49.89
N PHE B 231 4.16 -21.68 -49.13
CA PHE B 231 3.66 -23.06 -49.27
C PHE B 231 3.34 -23.45 -50.71
N GLU B 232 2.60 -22.60 -51.44
CA GLU B 232 2.19 -22.85 -52.82
C GLU B 232 3.37 -23.05 -53.73
N TYR B 233 4.40 -22.22 -53.59
CA TYR B 233 5.60 -22.31 -54.40
C TYR B 233 6.33 -23.64 -54.16
N ALA B 234 6.47 -24.04 -52.88
CA ALA B 234 7.15 -25.26 -52.46
C ALA B 234 6.50 -26.52 -52.98
N VAL B 235 5.16 -26.59 -52.89
CA VAL B 235 4.37 -27.75 -53.34
C VAL B 235 4.20 -27.81 -54.86
N THR B 236 4.43 -26.69 -55.55
CA THR B 236 4.26 -26.65 -57.00
C THR B 236 5.60 -26.53 -57.76
N GLY B 237 6.71 -26.47 -57.00
CA GLY B 237 8.07 -26.37 -57.52
C GLY B 237 8.36 -25.11 -58.31
N GLY B 238 7.64 -24.05 -57.98
CA GLY B 238 7.77 -22.76 -58.62
C GLY B 238 6.67 -22.43 -59.59
N GLU B 239 5.91 -23.47 -60.02
CA GLU B 239 4.81 -23.33 -60.99
C GLU B 239 3.81 -22.29 -60.52
N GLN B 240 3.45 -22.34 -59.23
CA GLN B 240 2.54 -21.38 -58.61
C GLN B 240 3.19 -20.78 -57.38
N GLY B 241 2.45 -19.95 -56.66
CA GLY B 241 2.92 -19.31 -55.44
C GLY B 241 4.00 -18.29 -55.68
N SER B 242 4.67 -17.86 -54.60
CA SER B 242 5.70 -16.85 -54.71
C SER B 242 7.00 -17.10 -53.97
N LEU B 243 8.08 -16.54 -54.55
CA LEU B 243 9.44 -16.53 -54.05
C LEU B 243 9.67 -15.06 -53.74
N PHE B 244 9.88 -14.76 -52.46
CA PHE B 244 10.03 -13.39 -51.98
C PHE B 244 11.12 -13.26 -50.94
N ALA B 245 11.59 -12.02 -50.70
CA ALA B 245 12.62 -11.74 -49.70
C ALA B 245 11.99 -11.83 -48.30
N ALA B 246 12.59 -12.65 -47.41
CA ALA B 246 12.10 -12.75 -46.03
C ALA B 246 12.41 -11.45 -45.33
N SER B 247 11.67 -11.12 -44.27
CA SER B 247 11.93 -9.88 -43.55
C SER B 247 12.94 -10.06 -42.43
N LYS B 248 14.10 -9.40 -42.58
CA LYS B 248 15.19 -9.39 -41.60
C LYS B 248 15.08 -8.15 -40.71
N ASP B 249 14.06 -7.30 -40.94
CA ASP B 249 13.82 -6.09 -40.16
C ASP B 249 13.57 -6.44 -38.69
N ALA B 250 14.42 -5.89 -37.80
CA ALA B 250 14.36 -6.17 -36.37
C ALA B 250 13.59 -5.13 -35.57
N SER B 251 13.01 -4.11 -36.24
CA SER B 251 12.22 -3.04 -35.58
C SER B 251 11.15 -3.63 -34.69
N ARG B 252 10.52 -4.73 -35.15
CA ARG B 252 9.46 -5.49 -34.47
C ARG B 252 9.81 -5.91 -33.04
N LEU B 253 11.11 -6.16 -32.74
CA LEU B 253 11.55 -6.60 -31.42
C LEU B 253 11.30 -5.59 -30.32
N LYS B 254 11.28 -4.28 -30.65
CA LYS B 254 10.99 -3.21 -29.70
C LYS B 254 9.51 -3.28 -29.32
N GLU B 255 8.63 -3.34 -30.32
CA GLU B 255 7.19 -3.42 -30.19
C GLU B 255 6.74 -4.71 -29.49
N GLN B 256 7.23 -5.87 -29.95
CA GLN B 256 6.88 -7.18 -29.40
C GLN B 256 7.50 -7.52 -28.06
N TYR B 257 8.79 -7.22 -27.87
CA TYR B 257 9.51 -7.65 -26.68
C TYR B 257 10.09 -6.55 -25.80
N GLY B 258 10.07 -5.31 -26.31
CA GLY B 258 10.61 -4.13 -25.62
C GLY B 258 12.11 -3.98 -25.73
N ILE B 259 12.72 -4.79 -26.60
CA ILE B 259 14.16 -4.84 -26.83
C ILE B 259 14.58 -3.64 -27.65
N ASP B 260 15.57 -2.86 -27.15
CA ASP B 260 16.10 -1.72 -27.90
C ASP B 260 16.94 -2.27 -29.04
N VAL B 261 16.58 -1.87 -30.26
CA VAL B 261 17.23 -2.31 -31.49
C VAL B 261 18.10 -1.17 -32.01
N PRO B 262 19.46 -1.27 -31.89
CA PRO B 262 20.31 -0.20 -32.45
C PRO B 262 20.22 -0.17 -33.95
N ASP B 263 20.54 0.96 -34.58
CA ASP B 263 20.48 1.10 -36.03
C ASP B 263 21.44 0.11 -36.68
N GLY B 264 20.99 -0.50 -37.76
CA GLY B 264 21.80 -1.46 -38.52
C GLY B 264 21.99 -2.82 -37.89
N PHE B 265 21.00 -3.28 -37.10
CA PHE B 265 20.97 -4.62 -36.50
C PHE B 265 19.74 -5.35 -37.06
N PHE B 266 19.92 -6.60 -37.48
CA PHE B 266 18.90 -7.36 -38.18
C PHE B 266 18.60 -8.69 -37.58
N CYS B 267 17.49 -9.29 -38.01
CA CYS B 267 17.10 -10.65 -37.62
C CYS B 267 17.97 -11.61 -38.43
N GLU B 268 18.25 -12.79 -37.86
CA GLU B 268 19.13 -13.79 -38.47
C GLU B 268 18.54 -14.54 -39.64
N ARG B 269 19.42 -14.93 -40.56
CA ARG B 269 19.06 -15.78 -41.68
C ARG B 269 18.74 -17.15 -41.08
N ARG B 270 17.69 -17.79 -41.60
CA ARG B 270 17.30 -19.12 -41.16
C ARG B 270 17.36 -20.10 -42.33
N ARG B 271 18.02 -21.22 -42.10
CA ARG B 271 18.22 -22.27 -43.08
C ARG B 271 17.40 -23.51 -42.72
N THR B 272 16.88 -24.22 -43.73
CA THR B 272 16.16 -25.46 -43.46
C THR B 272 17.19 -26.51 -43.10
N ALA B 273 16.85 -27.36 -42.18
CA ALA B 273 17.68 -28.49 -41.79
C ALA B 273 16.72 -29.65 -41.64
N MET B 274 17.12 -30.85 -42.05
CA MET B 274 16.24 -32.01 -42.01
C MET B 274 16.76 -33.09 -41.07
N GLY B 275 15.89 -33.62 -40.21
CA GLY B 275 16.24 -34.71 -39.31
C GLY B 275 15.65 -35.99 -39.84
N GLY B 276 16.52 -36.94 -40.18
CA GLY B 276 16.09 -38.20 -40.77
C GLY B 276 15.47 -39.18 -39.81
N PRO B 277 14.59 -40.09 -40.33
CA PRO B 277 14.04 -41.15 -39.45
C PRO B 277 15.20 -42.11 -39.14
N PHE B 278 15.67 -42.12 -37.88
CA PHE B 278 16.83 -42.89 -37.48
C PHE B 278 16.92 -44.35 -37.92
N ALA B 279 15.80 -45.10 -37.91
CA ALA B 279 15.79 -46.50 -38.35
C ALA B 279 16.22 -46.61 -39.80
N LEU B 280 15.86 -45.61 -40.65
CA LEU B 280 16.26 -45.61 -42.05
C LEU B 280 17.72 -45.15 -42.18
N ASN B 281 18.14 -44.16 -41.36
CA ASN B 281 19.51 -43.65 -41.40
C ASN B 281 20.59 -44.62 -40.93
N ALA B 282 20.32 -45.41 -39.88
CA ALA B 282 21.29 -46.38 -39.33
C ALA B 282 21.89 -47.31 -40.43
N PRO B 283 21.09 -48.05 -41.26
CA PRO B 283 21.70 -48.88 -42.33
C PRO B 283 22.49 -48.09 -43.38
N ILE B 284 22.17 -46.80 -43.57
CA ILE B 284 22.86 -45.95 -44.53
C ILE B 284 24.21 -45.50 -43.96
N MET B 285 24.21 -45.07 -42.68
CA MET B 285 25.40 -44.63 -41.94
C MET B 285 26.45 -45.75 -41.84
N ALA B 286 25.98 -47.00 -41.68
CA ALA B 286 26.82 -48.20 -41.60
C ALA B 286 27.65 -48.44 -42.87
N VAL B 287 27.21 -47.86 -44.02
CA VAL B 287 27.91 -47.95 -45.31
C VAL B 287 28.66 -46.64 -45.58
N ALA B 288 28.03 -45.49 -45.23
CA ALA B 288 28.60 -44.15 -45.41
C ALA B 288 29.95 -43.96 -44.71
N GLN B 289 30.06 -44.37 -43.42
CA GLN B 289 31.34 -44.23 -42.71
C GLN B 289 32.47 -45.02 -43.38
N PRO B 290 32.32 -46.33 -43.70
CA PRO B 290 33.39 -47.03 -44.44
C PRO B 290 33.79 -46.32 -45.75
N VAL B 291 32.80 -45.67 -46.46
CA VAL B 291 33.06 -44.93 -47.71
C VAL B 291 33.99 -43.73 -47.43
N ARG B 292 33.70 -42.99 -46.34
CA ARG B 292 34.51 -41.85 -45.91
C ARG B 292 35.94 -42.31 -45.61
N ASN B 293 36.08 -43.43 -44.87
CA ASN B 293 37.39 -43.97 -44.52
C ASN B 293 38.19 -44.33 -45.75
N LYS B 294 37.52 -44.82 -46.82
CA LYS B 294 38.20 -45.14 -48.08
C LYS B 294 38.66 -43.88 -48.81
N ILE B 295 37.73 -42.96 -49.06
CA ILE B 295 38.04 -41.72 -49.77
C ILE B 295 39.01 -40.81 -49.02
N TYR B 296 38.96 -40.77 -47.68
CA TYR B 296 39.87 -39.91 -46.92
C TYR B 296 41.26 -40.52 -46.76
N SER B 297 41.50 -41.69 -47.40
CA SER B 297 42.75 -42.43 -47.33
C SER B 297 43.31 -42.80 -48.72
N LYS B 298 42.60 -43.65 -49.49
CA LYS B 298 43.06 -44.02 -50.83
C LYS B 298 43.06 -42.78 -51.70
N TYR B 299 42.08 -41.91 -51.49
CA TYR B 299 41.95 -40.69 -52.27
C TYR B 299 42.08 -39.42 -51.43
N ALA B 300 43.01 -39.47 -50.41
CA ALA B 300 43.32 -38.40 -49.45
C ALA B 300 43.75 -37.10 -50.10
N TYR B 301 44.44 -37.17 -51.26
CA TYR B 301 44.89 -35.98 -51.98
C TYR B 301 43.71 -35.05 -52.27
N THR B 302 42.66 -35.57 -52.90
CA THR B 302 41.48 -34.81 -53.28
C THR B 302 40.54 -34.57 -52.12
N PHE B 303 40.36 -35.56 -51.23
CA PHE B 303 39.33 -35.56 -50.18
C PHE B 303 39.70 -35.35 -48.71
N HIS B 304 40.93 -35.70 -48.28
CA HIS B 304 41.30 -35.55 -46.86
C HIS B 304 42.01 -34.24 -46.55
N HIS B 305 41.28 -33.32 -45.90
CA HIS B 305 41.78 -31.99 -45.57
C HIS B 305 41.75 -31.74 -44.07
N THR B 306 42.93 -31.41 -43.52
CA THR B 306 43.13 -31.19 -42.09
C THR B 306 43.58 -29.76 -41.79
N THR B 307 44.90 -29.50 -41.83
CA THR B 307 45.51 -28.22 -41.50
C THR B 307 45.71 -27.32 -42.68
N ARG B 308 45.96 -26.02 -42.40
CA ARG B 308 46.25 -25.01 -43.41
C ARG B 308 47.50 -25.38 -44.21
N LEU B 309 48.50 -26.01 -43.55
CA LEU B 309 49.74 -26.45 -44.19
C LEU B 309 49.56 -27.71 -45.04
N ASN B 310 48.63 -28.61 -44.62
CA ASN B 310 48.27 -29.84 -45.34
C ASN B 310 47.75 -29.46 -46.74
N LYS B 311 46.86 -28.45 -46.80
CA LYS B 311 46.31 -27.96 -48.07
C LYS B 311 47.41 -27.23 -48.84
N GLU B 312 48.10 -26.29 -48.18
CA GLU B 312 49.17 -25.48 -48.76
C GLU B 312 50.20 -26.29 -49.55
N GLU B 313 50.65 -27.44 -49.00
CA GLU B 313 51.61 -28.35 -49.64
C GLU B 313 51.16 -28.78 -51.04
N LYS B 314 49.84 -29.04 -51.21
CA LYS B 314 49.24 -29.47 -52.48
C LYS B 314 49.16 -28.30 -53.48
N VAL B 315 48.53 -27.19 -53.04
CA VAL B 315 48.31 -25.98 -53.83
C VAL B 315 49.61 -25.33 -54.34
N LYS B 316 50.68 -25.31 -53.51
CA LYS B 316 51.97 -24.72 -53.87
C LYS B 316 52.59 -25.31 -55.12
N GLU B 317 52.33 -26.61 -55.38
CA GLU B 317 52.84 -27.36 -56.54
C GLU B 317 52.10 -27.00 -57.84
N TRP B 318 50.97 -26.29 -57.73
CA TRP B 318 50.14 -25.89 -58.87
C TRP B 318 50.68 -24.65 -59.57
N SER B 319 50.44 -24.55 -60.90
CA SER B 319 50.77 -23.36 -61.70
C SER B 319 49.57 -22.38 -61.69
N LEU B 320 48.35 -22.92 -61.54
CA LEU B 320 47.10 -22.15 -61.43
C LEU B 320 46.15 -22.81 -60.39
N CYS B 321 45.47 -21.98 -59.59
CA CYS B 321 44.51 -22.42 -58.59
C CYS B 321 43.23 -21.61 -58.81
N VAL B 322 42.09 -22.30 -59.06
CA VAL B 322 40.81 -21.67 -59.31
C VAL B 322 39.86 -22.03 -58.19
N ALA B 323 39.50 -21.06 -57.31
CA ALA B 323 38.58 -21.27 -56.18
C ALA B 323 37.14 -21.09 -56.67
N THR B 324 36.41 -22.22 -56.80
CA THR B 324 35.04 -22.26 -57.29
C THR B 324 33.95 -22.01 -56.22
N ASP B 325 32.80 -21.51 -56.66
CA ASP B 325 31.61 -21.23 -55.88
C ASP B 325 30.40 -21.91 -56.55
N VAL B 326 29.57 -22.63 -55.75
CA VAL B 326 28.35 -23.28 -56.24
C VAL B 326 27.14 -22.56 -55.67
N SER B 327 26.19 -22.23 -56.53
CA SER B 327 24.97 -21.58 -56.11
C SER B 327 24.00 -22.62 -55.56
N ASP B 328 23.56 -22.44 -54.31
CA ASP B 328 22.54 -23.23 -53.62
C ASP B 328 22.66 -24.75 -53.88
N HIS B 329 23.82 -25.33 -53.52
CA HIS B 329 24.14 -26.74 -53.75
C HIS B 329 23.00 -27.72 -53.50
N ASP B 330 22.60 -27.83 -52.22
CA ASP B 330 21.63 -28.78 -51.71
C ASP B 330 20.30 -28.81 -52.46
N THR B 331 19.70 -27.64 -52.74
CA THR B 331 18.41 -27.50 -53.42
C THR B 331 18.51 -27.86 -54.91
N PHE B 332 19.67 -27.61 -55.55
CA PHE B 332 19.91 -27.92 -56.96
C PHE B 332 20.42 -29.35 -57.18
N TRP B 333 20.83 -30.07 -56.10
CA TRP B 333 21.35 -31.44 -56.20
C TRP B 333 20.37 -32.33 -56.99
N PRO B 334 20.82 -32.97 -58.09
CA PRO B 334 19.89 -33.70 -58.95
C PRO B 334 19.47 -35.11 -58.55
N GLY B 335 18.16 -35.35 -58.61
CA GLY B 335 17.59 -36.67 -58.37
C GLY B 335 18.08 -37.69 -59.37
N TRP B 336 18.44 -37.25 -60.60
CA TRP B 336 18.97 -38.20 -61.58
C TRP B 336 20.30 -38.81 -61.12
N LEU B 337 21.05 -38.07 -60.25
CA LEU B 337 22.30 -38.59 -59.72
C LEU B 337 22.02 -39.69 -58.72
N ARG B 338 20.99 -39.52 -57.85
CA ARG B 338 20.55 -40.53 -56.88
C ARG B 338 20.26 -41.81 -57.65
N ASP B 339 19.47 -41.71 -58.73
CA ASP B 339 19.06 -42.84 -59.55
C ASP B 339 20.22 -43.52 -60.28
N LEU B 340 21.22 -42.74 -60.73
CA LEU B 340 22.42 -43.24 -61.41
C LEU B 340 23.30 -43.97 -60.39
N ILE B 341 23.47 -43.39 -59.18
CA ILE B 341 24.25 -44.00 -58.09
C ILE B 341 23.61 -45.34 -57.72
N CYS B 342 22.30 -45.35 -57.55
CA CYS B 342 21.56 -46.56 -57.25
C CYS B 342 21.72 -47.62 -58.31
N ASP B 343 21.53 -47.24 -59.59
CA ASP B 343 21.68 -48.15 -60.72
C ASP B 343 23.09 -48.74 -60.76
N GLU B 344 24.13 -47.91 -60.53
CA GLU B 344 25.51 -48.37 -60.51
C GLU B 344 25.80 -49.31 -59.35
N LEU B 345 25.27 -49.01 -58.15
CA LEU B 345 25.45 -49.88 -56.97
C LEU B 345 24.86 -51.26 -57.27
N LEU B 346 23.70 -51.31 -57.96
CA LEU B 346 23.08 -52.57 -58.35
C LEU B 346 23.98 -53.33 -59.30
N ASN B 347 24.59 -52.64 -60.29
CA ASN B 347 25.54 -53.20 -61.27
C ASN B 347 26.80 -53.75 -60.59
N MET B 348 27.24 -53.11 -59.49
CA MET B 348 28.41 -53.52 -58.71
C MET B 348 28.14 -54.79 -57.88
N GLY B 349 26.87 -55.11 -57.67
CA GLY B 349 26.46 -56.27 -56.90
C GLY B 349 25.98 -56.00 -55.50
N TYR B 350 25.70 -54.71 -55.17
CA TYR B 350 25.19 -54.31 -53.85
C TYR B 350 23.80 -54.92 -53.67
N ALA B 351 23.47 -55.32 -52.42
CA ALA B 351 22.18 -55.89 -52.06
C ALA B 351 21.05 -54.99 -52.58
N PRO B 352 20.12 -55.51 -53.43
CA PRO B 352 19.05 -54.64 -53.96
C PRO B 352 18.18 -53.99 -52.89
N TRP B 353 17.95 -54.72 -51.77
CA TRP B 353 17.20 -54.22 -50.62
C TRP B 353 17.87 -52.99 -50.00
N TRP B 354 19.21 -52.99 -49.89
CA TRP B 354 19.94 -51.85 -49.33
C TRP B 354 19.86 -50.66 -50.26
N VAL B 355 20.06 -50.88 -51.57
CA VAL B 355 20.00 -49.83 -52.58
C VAL B 355 18.62 -49.15 -52.55
N LYS B 356 17.55 -49.97 -52.39
CA LYS B 356 16.17 -49.45 -52.29
C LYS B 356 15.99 -48.54 -51.08
N LEU B 357 16.62 -48.93 -49.96
CA LEU B 357 16.58 -48.15 -48.74
C LEU B 357 17.24 -46.80 -48.97
N PHE B 358 18.42 -46.81 -49.59
CA PHE B 358 19.22 -45.63 -49.94
C PHE B 358 18.45 -44.70 -50.91
N GLU B 359 17.84 -45.29 -51.95
CA GLU B 359 17.03 -44.57 -52.94
C GLU B 359 15.88 -43.86 -52.23
N THR B 360 15.13 -44.59 -51.37
CA THR B 360 13.98 -44.08 -50.63
C THR B 360 14.35 -42.91 -49.72
N SER B 361 15.54 -42.95 -49.07
CA SER B 361 16.03 -41.87 -48.21
C SER B 361 16.21 -40.53 -48.97
N LEU B 362 16.39 -40.60 -50.28
CA LEU B 362 16.58 -39.41 -51.12
C LEU B 362 15.34 -39.06 -51.95
N LYS B 363 14.18 -39.65 -51.60
CA LYS B 363 12.87 -39.46 -52.25
C LYS B 363 11.76 -39.20 -51.19
N LEU B 364 12.13 -39.18 -49.91
CA LEU B 364 11.24 -39.10 -48.77
C LEU B 364 10.47 -37.80 -48.57
N PRO B 365 9.18 -37.90 -48.12
CA PRO B 365 8.41 -36.70 -47.76
C PRO B 365 9.07 -35.88 -46.64
N VAL B 366 8.58 -34.65 -46.40
CA VAL B 366 9.14 -33.76 -45.37
C VAL B 366 8.05 -33.16 -44.52
N TYR B 367 8.19 -33.22 -43.18
CA TYR B 367 7.23 -32.66 -42.24
C TYR B 367 7.73 -31.30 -41.81
N VAL B 368 6.98 -30.26 -42.18
CA VAL B 368 7.33 -28.86 -41.90
C VAL B 368 6.79 -28.45 -40.53
N GLY B 369 7.71 -28.07 -39.65
CA GLY B 369 7.40 -27.64 -38.30
C GLY B 369 6.81 -26.26 -38.23
N ALA B 370 7.65 -25.24 -37.96
CA ALA B 370 7.19 -23.86 -37.80
C ALA B 370 8.09 -22.81 -38.50
N PRO B 371 7.85 -22.53 -39.80
CA PRO B 371 8.65 -21.51 -40.51
C PRO B 371 8.44 -20.06 -40.06
N ALA B 372 7.27 -19.81 -39.46
CA ALA B 372 6.83 -18.49 -38.99
C ALA B 372 5.68 -18.62 -38.00
N PRO B 373 5.29 -17.58 -37.22
CA PRO B 373 4.11 -17.70 -36.35
C PRO B 373 2.86 -18.01 -37.16
N GLU B 374 2.00 -18.90 -36.66
CA GLU B 374 0.75 -19.33 -37.31
C GLU B 374 0.94 -19.95 -38.73
N GLN B 375 2.06 -20.68 -38.91
CA GLN B 375 2.42 -21.37 -40.15
C GLN B 375 3.10 -22.71 -39.86
N GLY B 376 2.95 -23.66 -40.77
CA GLY B 376 3.60 -24.96 -40.67
C GLY B 376 2.68 -26.10 -40.29
N HIS B 377 3.24 -27.10 -39.59
CA HIS B 377 2.54 -28.32 -39.14
C HIS B 377 1.87 -29.01 -40.32
N THR B 378 2.65 -29.20 -41.39
CA THR B 378 2.19 -29.79 -42.64
C THR B 378 3.20 -30.80 -43.21
N LEU B 379 2.70 -31.96 -43.63
CA LEU B 379 3.50 -32.98 -44.26
C LEU B 379 3.43 -32.74 -45.79
N LEU B 380 4.59 -32.67 -46.47
CA LEU B 380 4.68 -32.51 -47.92
C LEU B 380 5.11 -33.86 -48.47
N GLY B 381 4.33 -34.38 -49.42
CA GLY B 381 4.59 -35.70 -50.01
C GLY B 381 3.86 -36.81 -49.28
N ASP B 382 3.61 -37.92 -49.96
CA ASP B 382 2.89 -39.07 -49.41
C ASP B 382 3.87 -40.16 -49.00
N PRO B 383 3.93 -40.52 -47.70
CA PRO B 383 4.85 -41.59 -47.27
C PRO B 383 4.56 -42.97 -47.86
N SER B 384 3.35 -43.17 -48.42
CA SER B 384 2.90 -44.42 -49.04
C SER B 384 3.68 -44.73 -50.32
N ASN B 385 4.15 -43.68 -51.01
CA ASN B 385 4.93 -43.76 -52.24
C ASN B 385 5.92 -42.58 -52.30
N PRO B 386 7.09 -42.71 -51.60
CA PRO B 386 8.08 -41.62 -51.60
C PRO B 386 8.53 -41.25 -53.01
N ASP B 387 8.24 -39.99 -53.41
CA ASP B 387 8.54 -39.47 -54.75
C ASP B 387 8.98 -38.00 -54.78
N LEU B 388 9.53 -37.48 -53.67
CA LEU B 388 9.98 -36.08 -53.61
C LEU B 388 11.33 -35.84 -54.25
N GLU B 389 11.51 -34.66 -54.87
CA GLU B 389 12.76 -34.25 -55.53
C GLU B 389 13.29 -32.97 -54.84
N VAL B 390 13.50 -33.05 -53.52
CA VAL B 390 13.95 -31.92 -52.69
C VAL B 390 15.39 -31.48 -52.94
N GLY B 391 16.13 -32.30 -53.65
CA GLY B 391 17.56 -32.13 -53.86
C GLY B 391 18.22 -33.00 -52.82
N LEU B 392 18.99 -32.41 -51.91
CA LEU B 392 19.64 -33.15 -50.81
C LEU B 392 19.02 -32.78 -49.47
N SER B 393 18.61 -33.81 -48.69
CA SER B 393 18.04 -33.60 -47.34
C SER B 393 19.20 -33.65 -46.37
N SER B 394 19.50 -32.53 -45.68
CA SER B 394 20.64 -32.40 -44.76
C SER B 394 20.88 -33.53 -43.74
N GLY B 395 19.79 -34.17 -43.31
CA GLY B 395 19.85 -35.26 -42.34
C GLY B 395 19.87 -36.66 -42.90
N GLN B 396 20.12 -36.80 -44.21
CA GLN B 396 20.24 -38.12 -44.85
C GLN B 396 21.61 -38.66 -44.39
N GLY B 397 21.70 -39.96 -44.18
CA GLY B 397 22.92 -40.61 -43.69
C GLY B 397 24.24 -40.39 -44.41
N ALA B 398 24.23 -39.97 -45.70
CA ALA B 398 25.47 -39.76 -46.46
C ALA B 398 25.43 -38.57 -47.44
N THR B 399 24.86 -37.43 -47.00
CA THR B 399 24.75 -36.19 -47.78
C THR B 399 26.11 -35.63 -48.22
N ASP B 400 27.10 -35.65 -47.28
CA ASP B 400 28.45 -35.17 -47.57
C ASP B 400 29.02 -35.91 -48.79
N LEU B 401 28.84 -37.24 -48.83
CA LEU B 401 29.29 -38.09 -49.94
C LEU B 401 28.51 -37.80 -51.21
N MET B 402 27.21 -37.47 -51.08
CA MET B 402 26.35 -37.14 -52.22
C MET B 402 26.77 -35.86 -52.89
N GLY B 403 27.11 -34.85 -52.10
CA GLY B 403 27.60 -33.59 -52.61
C GLY B 403 28.97 -33.74 -53.22
N THR B 404 29.85 -34.50 -52.53
CA THR B 404 31.23 -34.77 -52.96
C THR B 404 31.27 -35.51 -54.30
N LEU B 405 30.44 -36.57 -54.46
CA LEU B 405 30.32 -37.37 -55.68
C LEU B 405 29.91 -36.45 -56.85
N LEU B 406 28.79 -35.69 -56.68
CA LEU B 406 28.31 -34.77 -57.70
C LEU B 406 29.35 -33.76 -58.09
N MET B 407 29.84 -33.01 -57.10
CA MET B 407 30.78 -31.93 -57.33
C MET B 407 32.15 -32.35 -57.85
N SER B 408 32.77 -33.42 -57.30
CA SER B 408 34.08 -33.86 -57.77
C SER B 408 34.08 -34.15 -59.26
N ILE B 409 33.04 -34.88 -59.77
CA ILE B 409 32.88 -35.17 -61.19
C ILE B 409 32.54 -33.88 -61.96
N THR B 410 31.62 -33.04 -61.42
CA THR B 410 31.26 -31.76 -62.04
C THR B 410 32.50 -30.92 -62.36
N TYR B 411 33.42 -30.76 -61.38
CA TYR B 411 34.65 -29.99 -61.55
C TYR B 411 35.59 -30.67 -62.52
N LEU B 412 35.72 -32.02 -62.47
CA LEU B 412 36.57 -32.77 -63.40
C LEU B 412 36.06 -32.57 -64.84
N VAL B 413 34.73 -32.64 -65.06
CA VAL B 413 34.11 -32.43 -66.35
C VAL B 413 34.42 -31.03 -66.86
N MET B 414 34.33 -30.01 -65.98
CA MET B 414 34.65 -28.62 -66.26
C MET B 414 36.11 -28.49 -66.75
N GLN B 415 37.05 -29.18 -66.06
CA GLN B 415 38.47 -29.20 -66.44
C GLN B 415 38.67 -29.91 -67.79
N LEU B 416 37.94 -31.02 -68.04
CA LEU B 416 38.02 -31.76 -69.29
C LEU B 416 37.47 -30.94 -70.46
N ASP B 417 36.24 -30.40 -70.30
CA ASP B 417 35.56 -29.60 -71.31
C ASP B 417 36.34 -28.37 -71.73
N HIS B 418 36.78 -27.57 -70.77
CA HIS B 418 37.40 -26.28 -71.05
C HIS B 418 38.91 -26.23 -71.14
N THR B 419 39.61 -27.26 -70.63
CA THR B 419 41.07 -27.24 -70.57
C THR B 419 41.80 -28.48 -71.09
N ALA B 420 41.24 -29.68 -70.89
CA ALA B 420 41.93 -30.91 -71.25
C ALA B 420 41.22 -31.91 -72.19
N PRO B 421 40.84 -31.50 -73.43
CA PRO B 421 40.21 -32.46 -74.36
C PRO B 421 41.15 -33.62 -74.76
N HIS B 422 42.46 -33.44 -74.58
CA HIS B 422 43.47 -34.47 -74.89
C HIS B 422 43.38 -35.66 -73.93
N LEU B 423 42.71 -35.48 -72.78
CA LEU B 423 42.53 -36.56 -71.81
C LEU B 423 41.26 -37.38 -72.08
N ASN B 424 40.35 -36.89 -72.94
CA ASN B 424 39.11 -37.59 -73.31
C ASN B 424 39.35 -38.99 -73.86
N SER B 425 40.44 -39.20 -74.63
CA SER B 425 40.81 -40.51 -75.19
C SER B 425 41.12 -41.58 -74.11
N ARG B 426 41.45 -41.14 -72.87
CA ARG B 426 41.74 -42.03 -71.74
C ARG B 426 40.43 -42.56 -71.10
N ILE B 427 39.26 -42.00 -71.48
CA ILE B 427 37.95 -42.38 -70.94
C ILE B 427 37.09 -42.95 -72.07
N LYS B 428 37.31 -44.26 -72.37
CA LYS B 428 36.66 -45.02 -73.44
C LYS B 428 35.56 -45.98 -72.97
N ASP B 429 35.75 -46.59 -71.79
CA ASP B 429 34.83 -47.58 -71.20
C ASP B 429 34.91 -47.50 -69.68
N MET B 430 34.10 -48.31 -68.95
CA MET B 430 34.15 -48.32 -67.49
C MET B 430 35.56 -48.61 -66.92
N PRO B 431 36.29 -49.67 -67.37
CA PRO B 431 37.64 -49.90 -66.81
C PRO B 431 38.60 -48.71 -66.96
N SER B 432 38.60 -48.06 -68.14
CA SER B 432 39.45 -46.90 -68.40
C SER B 432 38.98 -45.65 -67.64
N ALA B 433 37.65 -45.48 -67.48
CA ALA B 433 37.08 -44.35 -66.74
C ALA B 433 37.53 -44.48 -65.27
N CYS B 434 37.48 -45.72 -64.72
CA CYS B 434 37.89 -46.01 -63.36
C CYS B 434 39.38 -45.76 -63.16
N ARG B 435 40.23 -46.25 -64.08
CA ARG B 435 41.69 -46.07 -64.02
C ARG B 435 42.07 -44.60 -64.07
N PHE B 436 41.36 -43.83 -64.92
CA PHE B 436 41.60 -42.40 -65.09
C PHE B 436 41.26 -41.63 -63.83
N LEU B 437 40.04 -41.84 -63.32
CA LEU B 437 39.54 -41.18 -62.12
C LEU B 437 40.39 -41.52 -60.89
N ASP B 438 40.83 -42.80 -60.77
CA ASP B 438 41.69 -43.30 -59.70
C ASP B 438 42.99 -42.50 -59.69
N SER B 439 43.58 -42.28 -60.88
CA SER B 439 44.80 -41.50 -61.06
C SER B 439 44.57 -40.03 -60.72
N TYR B 440 43.46 -39.47 -61.21
CA TYR B 440 43.07 -38.07 -61.03
C TYR B 440 42.88 -37.74 -59.55
N TRP B 441 42.09 -38.56 -58.84
CA TRP B 441 41.79 -38.41 -57.43
C TRP B 441 43.03 -38.52 -56.53
N GLN B 442 44.09 -39.19 -57.00
CA GLN B 442 45.34 -39.34 -56.25
C GLN B 442 46.31 -38.17 -56.51
N GLY B 443 45.89 -37.24 -57.37
CA GLY B 443 46.65 -36.06 -57.76
C GLY B 443 47.81 -36.38 -58.69
N HIS B 444 47.66 -37.45 -59.50
CA HIS B 444 48.68 -37.90 -60.46
C HIS B 444 48.56 -37.30 -61.86
N GLU B 445 47.52 -36.51 -62.12
CA GLU B 445 47.31 -35.90 -63.44
C GLU B 445 47.71 -34.43 -63.47
N GLU B 446 47.84 -33.84 -64.68
CA GLU B 446 48.20 -32.42 -64.83
C GLU B 446 47.05 -31.48 -64.40
N ILE B 447 45.84 -32.05 -64.30
CA ILE B 447 44.65 -31.39 -63.80
C ILE B 447 44.39 -32.01 -62.43
N ARG B 448 44.19 -31.16 -61.42
CA ARG B 448 44.01 -31.60 -60.03
C ARG B 448 42.89 -30.85 -59.33
N GLN B 449 42.49 -31.34 -58.15
CA GLN B 449 41.47 -30.67 -57.33
C GLN B 449 41.57 -31.10 -55.89
N ILE B 450 41.10 -30.23 -55.01
CA ILE B 450 40.94 -30.48 -53.59
C ILE B 450 39.51 -30.08 -53.34
N SER B 451 38.68 -30.99 -52.84
CA SER B 451 37.27 -30.67 -52.65
C SER B 451 36.62 -31.33 -51.47
N LYS B 452 35.47 -30.78 -51.05
CA LYS B 452 34.57 -31.28 -50.04
C LYS B 452 33.26 -30.65 -50.39
N SER B 453 32.40 -31.44 -51.06
CA SER B 453 31.08 -31.08 -51.58
C SER B 453 31.13 -29.80 -52.41
N ASP B 454 30.45 -28.71 -51.95
CA ASP B 454 30.42 -27.46 -52.68
C ASP B 454 31.62 -26.52 -52.49
N ASP B 455 32.65 -26.94 -51.73
CA ASP B 455 33.86 -26.14 -51.57
C ASP B 455 34.98 -26.86 -52.29
N ALA B 456 35.70 -26.13 -53.15
CA ALA B 456 36.80 -26.71 -53.92
C ALA B 456 37.77 -25.67 -54.41
N MET B 457 38.94 -26.18 -54.83
CA MET B 457 40.01 -25.44 -55.47
C MET B 457 40.54 -26.35 -56.57
N LEU B 458 40.45 -25.86 -57.82
CA LEU B 458 40.84 -26.61 -59.01
C LEU B 458 42.24 -26.20 -59.44
N GLY B 459 43.09 -27.20 -59.71
CA GLY B 459 44.47 -26.96 -60.07
C GLY B 459 44.96 -27.48 -61.40
N TRP B 460 45.96 -26.76 -61.94
CA TRP B 460 46.64 -27.07 -63.19
C TRP B 460 48.14 -27.00 -62.95
N THR B 461 48.88 -28.04 -63.37
CA THR B 461 50.34 -28.01 -63.29
C THR B 461 50.80 -27.56 -64.69
N LYS B 462 52.13 -27.59 -64.95
CA LYS B 462 52.67 -27.26 -66.28
C LYS B 462 52.18 -28.34 -67.23
N GLY B 463 51.79 -27.94 -68.43
CA GLY B 463 51.29 -28.86 -69.43
C GLY B 463 50.30 -28.26 -70.41
N ARG B 464 49.73 -29.12 -71.25
CA ARG B 464 48.80 -28.75 -72.31
C ARG B 464 47.51 -28.12 -71.81
N ALA B 465 47.03 -28.55 -70.63
CA ALA B 465 45.80 -28.07 -70.03
C ALA B 465 45.91 -26.67 -69.40
N LEU B 466 47.14 -26.23 -69.02
CA LEU B 466 47.40 -24.93 -68.38
C LEU B 466 46.82 -23.72 -69.12
N VAL B 467 47.00 -23.63 -70.44
CA VAL B 467 46.45 -22.53 -71.24
C VAL B 467 44.89 -22.46 -71.17
N GLY B 468 44.27 -23.63 -71.21
CA GLY B 468 42.83 -23.78 -71.09
C GLY B 468 42.34 -23.35 -69.72
N GLY B 469 43.12 -23.68 -68.70
CA GLY B 469 42.85 -23.31 -67.32
C GLY B 469 42.75 -21.81 -67.16
N HIS B 470 43.63 -21.06 -67.84
CA HIS B 470 43.60 -19.60 -67.81
C HIS B 470 42.37 -19.03 -68.50
N ARG B 471 41.92 -19.67 -69.61
CA ARG B 471 40.69 -19.23 -70.31
C ARG B 471 39.46 -19.49 -69.44
N LEU B 472 39.42 -20.65 -68.75
CA LEU B 472 38.33 -21.02 -67.84
C LEU B 472 38.20 -19.99 -66.72
N PHE B 473 39.35 -19.62 -66.10
CA PHE B 473 39.44 -18.61 -65.05
C PHE B 473 38.90 -17.28 -65.56
N GLU B 474 39.28 -16.92 -66.80
CA GLU B 474 38.81 -15.68 -67.45
C GLU B 474 37.29 -15.74 -67.67
N MET B 475 36.77 -16.91 -68.10
CA MET B 475 35.33 -17.13 -68.33
C MET B 475 34.55 -16.91 -67.02
N LEU B 476 35.08 -17.41 -65.91
CA LEU B 476 34.51 -17.26 -64.59
C LEU B 476 34.54 -15.77 -64.18
N LYS B 477 35.68 -15.06 -64.42
CA LYS B 477 35.76 -13.62 -64.12
C LYS B 477 34.70 -12.84 -64.90
N GLU B 478 34.53 -13.13 -66.23
CA GLU B 478 33.49 -12.49 -67.06
C GLU B 478 32.09 -12.69 -66.44
N GLY B 479 31.83 -13.90 -65.93
CA GLY B 479 30.58 -14.28 -65.28
C GLY B 479 29.32 -14.19 -66.13
N LYS B 480 29.44 -14.36 -67.45
CA LYS B 480 28.28 -14.30 -68.34
C LYS B 480 27.83 -15.69 -68.80
N VAL B 481 28.74 -16.68 -68.71
CA VAL B 481 28.51 -18.04 -69.16
C VAL B 481 28.81 -19.03 -68.05
N ASN B 482 27.86 -19.94 -67.76
CA ASN B 482 28.06 -20.99 -66.77
C ASN B 482 28.97 -22.07 -67.38
N PRO B 483 30.11 -22.41 -66.74
CA PRO B 483 31.03 -23.39 -67.34
C PRO B 483 30.62 -24.86 -67.19
N SER B 484 29.52 -25.12 -66.46
CA SER B 484 29.06 -26.48 -66.25
C SER B 484 27.61 -26.71 -66.71
N PRO B 485 27.26 -27.90 -67.27
CA PRO B 485 25.84 -28.17 -67.56
C PRO B 485 25.09 -28.71 -66.32
N TYR B 486 25.84 -29.05 -65.23
CA TYR B 486 25.28 -29.70 -64.04
C TYR B 486 24.84 -28.85 -62.88
N MET B 487 25.63 -27.83 -62.54
CA MET B 487 25.34 -26.91 -61.43
C MET B 487 25.74 -25.49 -61.83
N LYS B 488 25.30 -24.46 -61.07
CA LYS B 488 25.63 -23.07 -61.35
C LYS B 488 26.99 -22.78 -60.70
N ILE B 489 28.05 -22.67 -61.52
CA ILE B 489 29.43 -22.45 -61.05
C ILE B 489 29.92 -21.05 -61.39
N SER B 490 30.66 -20.45 -60.45
CA SER B 490 31.31 -19.15 -60.58
C SER B 490 32.61 -19.22 -59.78
N TYR B 491 33.33 -18.10 -59.66
CA TYR B 491 34.54 -18.06 -58.86
C TYR B 491 34.18 -17.45 -57.52
N GLU B 492 34.87 -17.86 -56.45
CA GLU B 492 34.64 -17.32 -55.11
C GLU B 492 35.25 -15.93 -55.03
N HIS B 493 34.45 -14.90 -54.69
CA HIS B 493 34.99 -13.55 -54.53
C HIS B 493 35.66 -13.47 -53.15
N GLY B 494 36.92 -13.88 -53.16
CA GLY B 494 37.76 -14.02 -51.99
C GLY B 494 37.93 -15.50 -51.75
N GLY B 495 38.85 -16.11 -52.49
CA GLY B 495 39.14 -17.53 -52.48
C GLY B 495 39.55 -18.12 -51.15
N ALA B 496 38.82 -19.17 -50.73
CA ALA B 496 39.08 -19.89 -49.49
C ALA B 496 38.70 -21.37 -49.63
N PHE B 497 39.37 -22.23 -48.85
CA PHE B 497 39.06 -23.65 -48.88
C PHE B 497 38.97 -24.19 -47.49
N LEU B 498 37.77 -24.67 -47.11
CA LEU B 498 37.46 -25.27 -45.81
C LEU B 498 37.96 -24.40 -44.65
N GLY B 499 37.57 -23.12 -44.71
CA GLY B 499 37.89 -22.13 -43.69
C GLY B 499 39.16 -21.34 -43.82
N ASP B 500 40.18 -21.90 -44.48
CA ASP B 500 41.45 -21.19 -44.65
C ASP B 500 41.48 -20.43 -45.98
N ILE B 501 41.77 -19.13 -45.89
CA ILE B 501 41.84 -18.21 -47.02
C ILE B 501 43.19 -18.38 -47.71
N LEU B 502 43.19 -18.46 -49.06
CA LEU B 502 44.43 -18.56 -49.82
C LEU B 502 44.96 -17.15 -50.05
N LEU B 503 46.00 -16.77 -49.27
CA LEU B 503 46.63 -15.45 -49.35
C LEU B 503 47.75 -15.43 -50.38
N TYR B 504 47.55 -14.63 -51.44
CA TYR B 504 48.51 -14.44 -52.50
C TYR B 504 49.39 -13.22 -52.20
N ASP B 505 50.57 -13.15 -52.81
CA ASP B 505 51.43 -11.98 -52.68
C ASP B 505 51.37 -11.19 -54.01
N SER B 506 52.35 -10.31 -54.25
CA SER B 506 52.45 -9.48 -55.46
C SER B 506 52.43 -10.27 -56.77
N ARG B 507 53.01 -11.47 -56.76
CA ARG B 507 53.10 -12.35 -57.94
C ARG B 507 51.77 -12.97 -58.37
N ARG B 508 50.81 -13.15 -57.42
CA ARG B 508 49.49 -13.77 -57.65
C ARG B 508 49.62 -15.16 -58.28
N GLU B 509 50.52 -15.97 -57.71
CA GLU B 509 50.81 -17.34 -58.17
C GLU B 509 50.69 -18.31 -56.98
N PRO B 510 50.12 -19.53 -57.19
CA PRO B 510 49.94 -20.48 -56.07
C PRO B 510 51.20 -20.93 -55.33
N GLY B 511 52.34 -20.88 -56.03
CA GLY B 511 53.64 -21.27 -55.49
C GLY B 511 54.10 -20.41 -54.33
N SER B 512 53.76 -19.12 -54.36
CA SER B 512 54.13 -18.16 -53.31
C SER B 512 52.93 -17.73 -52.46
N ALA B 513 51.79 -18.40 -52.64
CA ALA B 513 50.58 -18.13 -51.87
C ALA B 513 50.55 -19.01 -50.64
N ILE B 514 49.97 -18.52 -49.54
CA ILE B 514 49.89 -19.26 -48.28
C ILE B 514 48.46 -19.34 -47.75
N PHE B 515 48.12 -20.43 -47.03
CA PHE B 515 46.80 -20.57 -46.42
C PHE B 515 46.83 -19.97 -45.02
N VAL B 516 45.93 -19.01 -44.78
CA VAL B 516 45.80 -18.32 -43.50
C VAL B 516 44.38 -18.45 -43.00
N GLY B 517 44.21 -18.45 -41.69
CA GLY B 517 42.89 -18.54 -41.08
C GLY B 517 42.05 -17.31 -41.40
N ASN B 518 40.74 -17.51 -41.56
CA ASN B 518 39.82 -16.41 -41.84
C ASN B 518 39.52 -15.71 -40.51
N ILE B 519 40.01 -14.46 -40.34
CA ILE B 519 39.80 -13.69 -39.12
C ILE B 519 38.32 -13.38 -38.88
N ASN B 520 37.52 -13.26 -39.96
CA ASN B 520 36.09 -13.03 -39.84
C ASN B 520 35.43 -14.20 -39.16
N SER B 521 35.88 -15.44 -39.49
CA SER B 521 35.37 -16.67 -38.86
C SER B 521 35.67 -16.72 -37.36
N MET B 522 36.77 -16.03 -36.91
CA MET B 522 37.13 -15.89 -35.50
C MET B 522 36.07 -15.07 -34.82
N LEU B 523 35.76 -13.91 -35.43
CA LEU B 523 34.77 -12.97 -34.94
C LEU B 523 33.40 -13.61 -34.96
N ASN B 524 33.08 -14.38 -36.01
CA ASN B 524 31.81 -15.10 -36.12
C ASN B 524 31.61 -16.10 -34.98
N ASN B 525 32.58 -16.99 -34.77
CA ASN B 525 32.53 -17.99 -33.71
C ASN B 525 32.51 -17.39 -32.31
N GLN B 526 33.28 -16.31 -32.09
CA GLN B 526 33.43 -15.64 -30.81
C GLN B 526 32.29 -14.74 -30.39
N PHE B 527 31.62 -14.06 -31.34
CA PHE B 527 30.55 -13.13 -31.00
C PHE B 527 29.16 -13.45 -31.57
N SER B 528 29.09 -14.36 -32.54
CA SER B 528 27.82 -14.77 -33.11
C SER B 528 27.68 -16.31 -33.15
N PRO B 529 27.69 -17.02 -32.00
CA PRO B 529 27.50 -18.47 -32.06
C PRO B 529 26.09 -18.83 -32.54
N GLU B 530 25.91 -20.00 -33.16
CA GLU B 530 24.61 -20.44 -33.66
C GLU B 530 23.65 -20.77 -32.51
N TYR B 531 24.19 -21.32 -31.42
CA TYR B 531 23.41 -21.71 -30.27
C TYR B 531 23.84 -20.99 -29.01
N GLY B 532 22.96 -20.99 -28.01
CA GLY B 532 23.26 -20.46 -26.70
C GLY B 532 24.15 -21.45 -25.94
N VAL B 533 24.56 -21.09 -24.73
CA VAL B 533 25.41 -21.96 -23.91
C VAL B 533 24.70 -23.18 -23.30
N GLN B 534 23.34 -23.18 -23.31
CA GLN B 534 22.47 -24.23 -22.77
C GLN B 534 22.89 -24.57 -21.34
N SER B 535 23.09 -23.52 -20.50
CA SER B 535 23.55 -23.68 -19.11
C SER B 535 22.64 -24.59 -18.24
N GLY B 536 21.42 -24.82 -18.69
CA GLY B 536 20.44 -25.69 -18.04
C GLY B 536 20.59 -27.16 -18.37
N VAL B 537 21.34 -27.49 -19.46
CA VAL B 537 21.60 -28.89 -19.87
C VAL B 537 22.77 -29.38 -19.04
N ARG B 538 22.48 -30.32 -18.13
CA ARG B 538 23.40 -30.91 -17.15
C ARG B 538 24.61 -31.66 -17.80
N ASP B 539 24.34 -32.57 -18.75
CA ASP B 539 25.38 -33.33 -19.45
C ASP B 539 25.98 -32.45 -20.57
N ARG B 540 27.12 -31.78 -20.29
CA ARG B 540 27.78 -30.89 -21.26
C ARG B 540 28.08 -31.55 -22.59
N SER B 541 28.34 -32.87 -22.61
CA SER B 541 28.59 -33.63 -23.84
C SER B 541 27.37 -33.65 -24.78
N LYS B 542 26.15 -33.44 -24.24
CA LYS B 542 24.90 -33.39 -25.00
C LYS B 542 24.59 -31.98 -25.57
N ARG B 543 25.29 -30.93 -25.09
CA ARG B 543 25.11 -29.53 -25.53
C ARG B 543 25.65 -29.30 -26.93
N LYS B 544 25.12 -28.28 -27.60
CA LYS B 544 25.56 -27.88 -28.93
C LYS B 544 26.95 -27.23 -28.83
N ARG B 545 27.26 -26.62 -27.67
CA ARG B 545 28.54 -25.98 -27.37
C ARG B 545 29.00 -26.50 -26.00
N PRO B 546 29.58 -27.73 -25.94
CA PRO B 546 29.95 -28.32 -24.65
C PRO B 546 30.91 -27.51 -23.77
N PHE B 547 32.02 -27.02 -24.35
CA PHE B 547 33.05 -26.27 -23.60
C PHE B 547 33.51 -25.03 -24.38
N PRO B 548 32.67 -23.95 -24.41
CA PRO B 548 33.02 -22.74 -25.18
C PRO B 548 34.33 -22.06 -24.85
N GLY B 549 34.76 -22.11 -23.58
CA GLY B 549 36.00 -21.51 -23.11
C GLY B 549 37.26 -22.03 -23.77
N LEU B 550 37.25 -23.34 -24.16
CA LEU B 550 38.39 -24.04 -24.76
C LEU B 550 38.88 -23.44 -26.07
N ALA B 551 38.00 -22.79 -26.86
CA ALA B 551 38.32 -22.15 -28.14
C ALA B 551 39.43 -21.10 -28.03
N TRP B 552 39.58 -20.50 -26.82
CA TRP B 552 40.62 -19.51 -26.55
C TRP B 552 42.02 -20.13 -26.65
N ALA B 553 42.16 -21.39 -26.18
CA ALA B 553 43.43 -22.13 -26.19
C ALA B 553 43.94 -22.50 -27.58
N SER B 554 42.99 -22.70 -28.54
CA SER B 554 43.29 -23.09 -29.93
C SER B 554 43.28 -21.90 -30.88
N MET B 555 42.83 -20.72 -30.38
CA MET B 555 42.72 -19.46 -31.12
C MET B 555 44.00 -19.03 -31.89
N LYS B 556 45.17 -19.10 -31.23
CA LYS B 556 46.46 -18.74 -31.84
C LYS B 556 46.79 -19.68 -33.00
N ASP B 557 46.59 -20.99 -32.80
CA ASP B 557 46.85 -21.98 -33.84
C ASP B 557 45.96 -21.79 -35.08
N THR B 558 44.67 -21.53 -34.87
CA THR B 558 43.67 -21.37 -35.91
C THR B 558 43.77 -20.06 -36.71
N TYR B 559 43.77 -18.91 -36.02
CA TYR B 559 43.76 -17.58 -36.64
C TYR B 559 45.06 -16.78 -36.64
N GLY B 560 45.99 -17.11 -35.75
CA GLY B 560 47.28 -16.45 -35.59
C GLY B 560 48.00 -16.01 -36.85
N ALA B 561 47.97 -16.87 -37.90
CA ALA B 561 48.61 -16.64 -39.21
C ALA B 561 48.00 -15.50 -40.05
N CYS B 562 46.78 -15.05 -39.69
CA CYS B 562 46.12 -13.95 -40.39
C CYS B 562 46.94 -12.67 -40.25
N PRO B 563 47.22 -11.94 -41.35
CA PRO B 563 48.02 -10.70 -41.24
C PRO B 563 47.59 -9.70 -40.17
N ILE B 564 46.27 -9.61 -39.91
CA ILE B 564 45.69 -8.66 -38.96
C ILE B 564 45.24 -9.26 -37.60
N TYR B 565 45.66 -10.50 -37.26
CA TYR B 565 45.31 -11.19 -36.01
C TYR B 565 45.49 -10.34 -34.74
N SER B 566 46.71 -9.77 -34.56
CA SER B 566 47.08 -8.92 -33.42
C SER B 566 46.21 -7.67 -33.35
N ASP B 567 46.01 -7.02 -34.52
CA ASP B 567 45.21 -5.81 -34.69
C ASP B 567 43.76 -6.03 -34.26
N VAL B 568 43.18 -7.20 -34.66
CA VAL B 568 41.79 -7.58 -34.35
C VAL B 568 41.63 -7.82 -32.86
N LEU B 569 42.59 -8.55 -32.25
CA LEU B 569 42.56 -8.84 -30.82
C LEU B 569 42.65 -7.56 -29.98
N GLU B 570 43.49 -6.58 -30.42
CA GLU B 570 43.65 -5.27 -29.78
C GLU B 570 42.36 -4.45 -29.93
N ALA B 571 41.73 -4.50 -31.13
CA ALA B 571 40.49 -3.79 -31.44
C ALA B 571 39.37 -4.33 -30.57
N ILE B 572 39.32 -5.68 -30.37
CA ILE B 572 38.32 -6.34 -29.51
C ILE B 572 38.50 -5.84 -28.08
N GLU B 573 39.74 -5.87 -27.56
CA GLU B 573 40.08 -5.45 -26.21
C GLU B 573 39.63 -4.02 -25.91
N ARG B 574 39.96 -3.09 -26.83
CA ARG B 574 39.62 -1.68 -26.74
C ARG B 574 38.09 -1.50 -26.70
N CYS B 575 37.37 -2.13 -27.65
CA CYS B 575 35.90 -2.05 -27.77
C CYS B 575 35.16 -2.70 -26.61
N TRP B 576 35.67 -3.85 -26.11
CA TRP B 576 35.09 -4.57 -24.98
C TRP B 576 35.26 -3.73 -23.72
N TRP B 577 36.43 -3.05 -23.55
CA TRP B 577 36.68 -2.16 -22.42
C TRP B 577 35.66 -1.03 -22.44
N ASN B 578 35.43 -0.42 -23.64
CA ASN B 578 34.47 0.67 -23.82
C ASN B 578 33.04 0.25 -23.45
N ALA B 579 32.64 -0.97 -23.87
CA ALA B 579 31.31 -1.55 -23.69
C ALA B 579 30.99 -2.22 -22.34
N PHE B 580 31.99 -2.86 -21.69
CA PHE B 580 31.80 -3.58 -20.43
C PHE B 580 32.65 -3.12 -19.25
N GLY B 581 33.71 -2.34 -19.53
CA GLY B 581 34.64 -1.89 -18.50
C GLY B 581 35.38 -3.09 -17.91
N GLU B 582 35.71 -4.05 -18.76
CA GLU B 582 36.31 -5.33 -18.43
C GLU B 582 37.35 -5.64 -19.50
N SER B 583 38.35 -6.48 -19.17
CA SER B 583 39.33 -6.94 -20.16
C SER B 583 38.74 -8.19 -20.82
N TYR B 584 38.59 -8.18 -22.16
CA TYR B 584 38.07 -9.35 -22.86
C TYR B 584 39.02 -10.53 -22.71
N ARG B 585 40.33 -10.29 -22.86
CA ARG B 585 41.38 -11.30 -22.71
C ARG B 585 41.26 -11.98 -21.32
N ALA B 586 41.13 -11.20 -20.24
CA ALA B 586 40.99 -11.77 -18.89
C ALA B 586 39.69 -12.56 -18.74
N TYR B 587 38.60 -12.08 -19.40
CA TYR B 587 37.29 -12.72 -19.40
C TYR B 587 37.38 -14.10 -20.06
N ARG B 588 38.09 -14.20 -21.19
CA ARG B 588 38.26 -15.47 -21.91
C ARG B 588 39.28 -16.38 -21.26
N GLU B 589 40.24 -15.82 -20.49
CA GLU B 589 41.22 -16.60 -19.75
C GLU B 589 40.51 -17.30 -18.59
N ASP B 590 39.59 -16.58 -17.89
CA ASP B 590 38.79 -17.13 -16.80
C ASP B 590 37.91 -18.26 -17.33
N MET B 591 37.20 -18.03 -18.48
CA MET B 591 36.32 -19.01 -19.13
C MET B 591 37.10 -20.26 -19.52
N LEU B 592 38.34 -20.07 -20.05
CA LEU B 592 39.22 -21.15 -20.44
C LEU B 592 39.57 -22.02 -19.23
N LYS B 593 39.98 -21.40 -18.12
CA LYS B 593 40.32 -22.14 -16.88
C LYS B 593 39.10 -22.89 -16.32
N ARG B 594 37.92 -22.23 -16.26
CA ARG B 594 36.68 -22.80 -15.75
C ARG B 594 36.24 -24.03 -16.55
N ASP B 595 36.39 -23.97 -17.89
CA ASP B 595 36.02 -25.06 -18.78
C ASP B 595 37.05 -26.20 -18.80
N THR B 596 38.37 -25.88 -18.70
CA THR B 596 39.48 -26.86 -18.67
C THR B 596 39.28 -27.82 -17.49
N LEU B 597 38.95 -27.28 -16.30
CA LEU B 597 38.73 -28.07 -15.11
C LEU B 597 37.36 -28.75 -15.11
N GLU B 598 36.44 -28.27 -15.97
CA GLU B 598 35.12 -28.89 -16.08
C GLU B 598 35.21 -30.07 -17.04
N LEU B 599 36.09 -29.98 -18.05
CA LEU B 599 36.37 -31.04 -19.05
C LEU B 599 36.81 -32.35 -18.36
N SER B 600 37.56 -32.27 -17.23
CA SER B 600 38.02 -33.44 -16.47
C SER B 600 36.89 -34.31 -15.89
N ARG B 601 35.66 -33.75 -15.75
CA ARG B 601 34.49 -34.48 -15.29
C ARG B 601 33.87 -35.32 -16.44
N TYR B 602 34.47 -35.25 -17.67
CA TYR B 602 34.03 -35.94 -18.90
C TYR B 602 35.12 -36.77 -19.55
N VAL B 603 36.39 -36.37 -19.33
CA VAL B 603 37.58 -37.03 -19.86
C VAL B 603 38.33 -37.55 -18.63
N ALA B 604 38.23 -38.88 -18.37
CA ALA B 604 38.87 -39.54 -17.22
C ALA B 604 40.35 -39.77 -17.52
N SER B 605 40.68 -39.96 -18.83
CA SER B 605 42.04 -40.13 -19.36
C SER B 605 42.88 -38.93 -18.96
N MET B 606 42.32 -37.72 -19.15
CA MET B 606 42.90 -36.44 -18.76
C MET B 606 43.02 -36.54 -17.24
N ALA B 607 44.27 -36.59 -16.73
CA ALA B 607 44.54 -36.75 -15.31
C ALA B 607 43.70 -35.79 -14.48
N ARG B 608 43.21 -36.29 -13.34
CA ARG B 608 42.35 -35.66 -12.34
C ARG B 608 42.13 -34.15 -12.45
N GLN B 609 43.21 -33.36 -12.68
CA GLN B 609 43.22 -31.90 -12.91
C GLN B 609 44.46 -31.45 -13.76
N ALA B 610 44.93 -32.31 -14.68
CA ALA B 610 46.12 -32.10 -15.52
C ALA B 610 46.17 -30.85 -16.42
N GLY B 611 45.05 -30.51 -17.04
CA GLY B 611 44.97 -29.41 -17.99
C GLY B 611 44.77 -29.95 -19.40
N LEU B 612 45.02 -29.10 -20.41
CA LEU B 612 44.80 -29.46 -21.82
C LEU B 612 46.00 -30.14 -22.47
N ALA B 613 46.84 -30.73 -21.59
CA ALA B 613 48.09 -31.46 -21.82
C ALA B 613 48.39 -31.85 -23.28
N GLU B 614 47.93 -33.05 -23.72
CA GLU B 614 48.18 -33.54 -25.08
C GLU B 614 47.05 -33.28 -26.11
N LEU B 615 46.02 -32.46 -25.73
CA LEU B 615 44.93 -32.13 -26.66
C LEU B 615 45.41 -31.24 -27.80
N THR B 616 44.98 -31.57 -29.01
CA THR B 616 45.34 -30.86 -30.23
C THR B 616 44.44 -29.63 -30.44
N PRO B 617 44.81 -28.65 -31.30
CA PRO B 617 43.91 -27.51 -31.56
C PRO B 617 42.56 -27.97 -32.12
N ILE B 618 42.54 -29.03 -32.97
CA ILE B 618 41.32 -29.63 -33.55
C ILE B 618 40.42 -30.10 -32.40
N ASP B 619 41.00 -30.83 -31.40
CA ASP B 619 40.27 -31.31 -30.22
C ASP B 619 39.55 -30.18 -29.49
N LEU B 620 40.24 -29.05 -29.27
CA LEU B 620 39.67 -27.90 -28.57
C LEU B 620 38.56 -27.24 -29.36
N GLU B 621 38.78 -26.96 -30.67
CA GLU B 621 37.80 -26.33 -31.58
C GLU B 621 36.51 -27.13 -31.65
N VAL B 622 36.65 -28.47 -31.66
CA VAL B 622 35.57 -29.45 -31.69
C VAL B 622 34.81 -29.50 -30.35
N LEU B 623 35.54 -29.44 -29.21
CA LEU B 623 34.88 -29.45 -27.90
C LEU B 623 34.05 -28.17 -27.66
N ALA B 624 34.46 -27.05 -28.29
CA ALA B 624 33.76 -25.78 -28.23
C ALA B 624 32.62 -25.75 -29.26
N ASP B 625 32.78 -26.47 -30.39
CA ASP B 625 31.80 -26.52 -31.48
C ASP B 625 31.81 -27.90 -32.19
N PRO B 626 31.06 -28.92 -31.68
CA PRO B 626 31.07 -30.25 -32.33
C PRO B 626 30.45 -30.30 -33.71
N ASN B 627 29.76 -29.22 -34.12
CA ASN B 627 29.15 -29.12 -35.44
C ASN B 627 30.27 -29.03 -36.51
N LYS B 628 31.53 -28.81 -36.06
CA LYS B 628 32.72 -28.79 -36.91
C LYS B 628 33.07 -30.21 -37.36
N LEU B 629 32.53 -31.23 -36.67
CA LEU B 629 32.67 -32.63 -37.05
C LEU B 629 31.78 -32.90 -38.26
N GLN B 630 30.62 -32.20 -38.31
CA GLN B 630 29.62 -32.34 -39.37
C GLN B 630 29.95 -31.60 -40.70
N TYR B 631 31.08 -30.84 -40.77
CA TYR B 631 31.41 -30.11 -42.01
C TYR B 631 32.87 -29.86 -42.31
N LYS B 632 33.70 -29.67 -41.28
CA LYS B 632 35.11 -29.30 -41.43
C LYS B 632 36.06 -30.50 -41.31
N TRP B 633 35.94 -31.24 -40.20
CA TRP B 633 36.81 -32.37 -39.93
C TRP B 633 36.04 -33.69 -39.83
N THR B 634 36.76 -34.78 -39.58
CA THR B 634 36.23 -36.12 -39.44
C THR B 634 36.76 -36.77 -38.16
N GLN B 635 36.19 -37.93 -37.79
CA GLN B 635 36.53 -38.74 -36.62
C GLN B 635 38.05 -38.94 -36.44
N ALA B 636 38.77 -39.31 -37.52
CA ALA B 636 40.20 -39.58 -37.50
C ALA B 636 41.06 -38.37 -37.13
N ASP B 637 40.52 -37.14 -37.32
CA ASP B 637 41.21 -35.88 -37.04
C ASP B 637 41.17 -35.52 -35.55
N VAL B 638 40.33 -36.21 -34.78
CA VAL B 638 40.10 -35.97 -33.34
C VAL B 638 40.70 -37.10 -32.50
N SER B 639 41.33 -36.75 -31.36
CA SER B 639 41.90 -37.72 -30.42
C SER B 639 40.79 -38.66 -29.98
N ALA B 640 41.12 -39.96 -29.85
CA ALA B 640 40.20 -41.03 -29.48
C ALA B 640 39.44 -40.76 -28.20
N ASN B 641 40.13 -40.27 -27.15
CA ASN B 641 39.51 -39.96 -25.86
C ASN B 641 38.54 -38.77 -25.92
N ILE B 642 38.69 -37.90 -26.93
CA ILE B 642 37.83 -36.74 -27.13
C ILE B 642 36.60 -37.11 -27.95
N HIS B 643 36.78 -37.96 -28.98
CA HIS B 643 35.69 -38.46 -29.81
C HIS B 643 34.65 -39.17 -28.94
N GLU B 644 35.12 -39.95 -27.93
CA GLU B 644 34.29 -40.68 -26.96
C GLU B 644 33.40 -39.77 -26.10
N VAL B 645 33.84 -38.51 -25.87
CA VAL B 645 33.08 -37.53 -25.08
C VAL B 645 31.80 -37.18 -25.85
N LEU B 646 31.91 -37.01 -27.17
CA LEU B 646 30.82 -36.58 -28.05
C LEU B 646 30.01 -37.66 -28.73
N MET B 647 30.59 -38.86 -28.94
CA MET B 647 29.95 -39.96 -29.66
C MET B 647 29.97 -41.28 -28.89
N HIS B 648 28.99 -42.15 -29.20
CA HIS B 648 28.90 -43.52 -28.71
C HIS B 648 28.61 -44.44 -29.91
N GLY B 649 29.04 -45.69 -29.83
CA GLY B 649 28.84 -46.59 -30.96
C GLY B 649 28.20 -47.94 -30.70
N VAL B 650 27.69 -48.52 -31.79
CA VAL B 650 27.12 -49.86 -31.89
C VAL B 650 28.33 -50.73 -32.27
N SER B 651 28.53 -51.87 -31.60
CA SER B 651 29.68 -52.76 -31.84
C SER B 651 29.98 -53.07 -33.31
N VAL B 652 31.28 -53.19 -33.63
CA VAL B 652 31.76 -53.53 -34.98
C VAL B 652 31.31 -54.96 -35.38
N GLU B 653 31.00 -55.82 -34.38
CA GLU B 653 30.52 -57.20 -34.58
C GLU B 653 29.15 -57.17 -35.30
N LYS B 654 28.23 -56.29 -34.83
CA LYS B 654 26.89 -56.10 -35.39
C LYS B 654 26.95 -55.43 -36.77
N THR B 655 27.86 -54.44 -36.93
CA THR B 655 28.00 -53.74 -38.21
C THR B 655 28.71 -54.58 -39.25
N GLU B 656 29.69 -55.40 -38.83
CA GLU B 656 30.47 -56.31 -39.67
C GLU B 656 29.54 -57.30 -40.35
N ARG B 657 28.62 -57.89 -39.56
CA ARG B 657 27.62 -58.85 -40.03
C ARG B 657 26.67 -58.18 -41.01
N PHE B 658 26.22 -56.93 -40.69
CA PHE B 658 25.33 -56.13 -41.52
C PHE B 658 25.99 -55.82 -42.86
N LEU B 659 27.22 -55.28 -42.81
CA LEU B 659 27.97 -54.88 -44.00
C LEU B 659 28.25 -56.04 -44.97
N ARG B 660 28.53 -57.25 -44.44
CA ARG B 660 28.77 -58.47 -45.21
C ARG B 660 27.56 -58.81 -46.12
N SER B 661 26.32 -58.58 -45.61
CA SER B 661 25.07 -58.83 -46.35
C SER B 661 24.76 -57.79 -47.41
N VAL B 662 25.30 -56.57 -47.25
CA VAL B 662 25.04 -55.46 -48.16
C VAL B 662 25.91 -55.54 -49.39
N MET B 663 27.19 -55.68 -49.14
CA MET B 663 28.26 -55.65 -50.11
C MET B 663 28.33 -56.79 -51.08
N PRO B 664 28.88 -56.54 -52.29
CA PRO B 664 28.97 -57.61 -53.30
C PRO B 664 29.83 -58.81 -52.92
N ARG B 665 29.48 -59.97 -53.52
CA ARG B 665 30.10 -61.30 -53.40
C ARG B 665 30.69 -61.63 -52.02
N PRO C 2 -9.99 23.80 61.99
CA PRO C 2 -11.07 22.81 61.78
C PRO C 2 -11.14 22.31 60.33
N ARG C 3 -9.95 21.86 59.84
CA ARG C 3 -9.66 21.27 58.51
C ARG C 3 -9.77 22.21 57.35
N ARG C 4 -8.63 22.59 56.72
CA ARG C 4 -8.77 23.31 55.46
C ARG C 4 -8.90 22.25 54.37
N ALA C 5 -9.77 22.49 53.39
CA ALA C 5 -10.00 21.55 52.32
C ALA C 5 -8.78 21.52 51.41
N PRO C 6 -8.35 20.34 50.94
CA PRO C 6 -7.25 20.34 49.97
C PRO C 6 -7.75 20.96 48.66
N ALA C 7 -6.89 21.72 47.99
CA ALA C 7 -7.27 22.38 46.74
C ALA C 7 -6.24 22.06 45.70
N PHE C 8 -6.69 21.79 44.48
CA PHE C 8 -5.78 21.43 43.39
C PHE C 8 -6.01 22.29 42.16
N PRO C 9 -4.94 22.91 41.61
CA PRO C 9 -5.12 23.69 40.38
C PRO C 9 -5.41 22.75 39.22
N LEU C 10 -6.00 23.27 38.12
CA LEU C 10 -6.33 22.47 36.94
C LEU C 10 -5.11 21.66 36.43
N SER C 11 -3.90 22.25 36.53
CA SER C 11 -2.64 21.61 36.12
C SER C 11 -2.35 20.29 36.88
N ASP C 12 -2.84 20.16 38.13
CA ASP C 12 -2.64 18.97 38.97
C ASP C 12 -3.29 17.74 38.34
N ILE C 13 -2.61 16.59 38.44
CA ILE C 13 -3.12 15.32 37.93
C ILE C 13 -4.52 14.99 38.47
N LYS C 14 -4.79 15.29 39.75
CA LYS C 14 -6.11 15.04 40.38
C LYS C 14 -7.23 15.78 39.67
N ALA C 15 -6.95 17.00 39.14
CA ALA C 15 -7.91 17.80 38.38
C ALA C 15 -7.96 17.34 36.91
N GLN C 16 -6.79 17.00 36.33
CA GLN C 16 -6.69 16.52 34.95
C GLN C 16 -7.49 15.23 34.72
N MET C 17 -7.52 14.35 35.73
CA MET C 17 -8.23 13.05 35.72
C MET C 17 -9.75 13.24 35.68
N LEU C 18 -10.26 14.46 35.98
CA LEU C 18 -11.70 14.75 35.97
C LEU C 18 -12.21 15.02 34.56
N PHE C 19 -11.31 15.21 33.59
CA PHE C 19 -11.68 15.57 32.23
C PHE C 19 -11.12 14.60 31.22
N ALA C 20 -12.02 13.92 30.50
CA ALA C 20 -11.69 12.94 29.46
C ALA C 20 -10.96 13.56 28.27
N ASN C 21 -10.29 12.72 27.46
CA ASN C 21 -9.54 13.15 26.29
C ASN C 21 -10.41 13.48 25.07
N ASN C 22 -11.30 14.46 25.22
CA ASN C 22 -12.17 14.97 24.16
C ASN C 22 -12.31 16.49 24.30
N ILE C 23 -12.59 17.16 23.18
CA ILE C 23 -12.72 18.62 23.11
C ILE C 23 -13.72 19.21 24.11
N LYS C 24 -14.93 18.62 24.23
CA LYS C 24 -15.96 19.10 25.14
C LYS C 24 -15.50 19.12 26.60
N ALA C 25 -14.89 18.00 27.07
CA ALA C 25 -14.40 17.85 28.45
C ALA C 25 -13.24 18.80 28.71
N GLN C 26 -12.32 18.91 27.74
CA GLN C 26 -11.17 19.81 27.86
C GLN C 26 -11.61 21.26 27.86
N GLN C 27 -12.59 21.63 27.03
CA GLN C 27 -13.13 23.00 27.01
C GLN C 27 -13.79 23.35 28.34
N ALA C 28 -14.51 22.37 28.93
CA ALA C 28 -15.20 22.55 30.21
C ALA C 28 -14.19 22.83 31.33
N SER C 29 -13.04 22.13 31.32
CA SER C 29 -11.97 22.32 32.29
C SER C 29 -11.41 23.75 32.24
N LYS C 30 -11.09 24.23 31.05
CA LYS C 30 -10.47 25.51 30.78
C LYS C 30 -11.39 26.72 30.69
N ARG C 31 -12.72 26.53 30.48
CA ARG C 31 -13.68 27.62 30.28
C ARG C 31 -13.43 28.80 31.19
N SER C 32 -13.11 29.97 30.60
CA SER C 32 -12.84 31.20 31.33
C SER C 32 -14.15 31.95 31.61
N PHE C 33 -14.10 33.00 32.45
CA PHE C 33 -15.29 33.79 32.76
C PHE C 33 -15.83 34.40 31.48
N LYS C 34 -17.15 34.24 31.25
CA LYS C 34 -17.84 34.75 30.08
C LYS C 34 -19.10 35.53 30.48
N GLU C 35 -19.38 36.61 29.73
CA GLU C 35 -20.56 37.47 29.91
C GLU C 35 -20.93 38.17 28.61
N GLY C 36 -22.19 38.56 28.50
CA GLY C 36 -22.75 39.22 27.33
C GLY C 36 -24.25 39.30 27.40
N ALA C 37 -24.84 40.29 26.71
CA ALA C 37 -26.29 40.51 26.68
C ALA C 37 -26.99 39.30 26.12
N ILE C 38 -28.10 38.91 26.74
CA ILE C 38 -28.89 37.78 26.25
C ILE C 38 -29.81 38.26 25.14
N GLU C 39 -30.12 37.37 24.19
CA GLU C 39 -31.07 37.72 23.13
C GLU C 39 -32.42 37.38 23.76
N THR C 40 -33.00 38.38 24.49
CA THR C 40 -34.29 38.27 25.21
C THR C 40 -35.37 37.63 24.36
N TYR C 41 -35.53 38.13 23.12
CA TYR C 41 -36.38 37.63 22.06
C TYR C 41 -35.62 37.80 20.75
N GLU C 42 -36.13 37.20 19.63
CA GLU C 42 -35.55 37.27 18.29
C GLU C 42 -35.19 38.72 17.91
N GLY C 43 -33.89 38.98 17.77
CA GLY C 43 -33.37 40.29 17.38
C GLY C 43 -33.49 41.40 18.41
N LEU C 44 -33.71 41.05 19.70
CA LEU C 44 -33.83 42.00 20.81
C LEU C 44 -32.89 41.63 21.94
N LEU C 45 -31.87 42.47 22.20
CA LEU C 45 -30.92 42.22 23.28
C LEU C 45 -31.43 42.82 24.57
N SER C 46 -31.07 42.20 25.71
CA SER C 46 -31.48 42.64 27.05
C SER C 46 -31.01 44.06 27.37
N VAL C 47 -29.96 44.54 26.68
CA VAL C 47 -29.40 45.86 26.90
C VAL C 47 -29.81 46.91 25.84
N ASP C 48 -30.70 46.53 24.90
CA ASP C 48 -31.20 47.45 23.87
C ASP C 48 -31.75 48.72 24.55
N PRO C 49 -31.31 49.93 24.13
CA PRO C 49 -31.79 51.16 24.80
C PRO C 49 -33.30 51.31 24.91
N ARG C 50 -34.08 50.89 23.87
CA ARG C 50 -35.54 50.96 23.91
C ARG C 50 -36.09 50.06 24.99
N PHE C 51 -35.51 48.84 25.12
CA PHE C 51 -35.91 47.84 26.11
C PHE C 51 -35.64 48.30 27.54
N LEU C 52 -34.47 48.92 27.79
CA LEU C 52 -34.13 49.43 29.12
C LEU C 52 -35.00 50.64 29.49
N SER C 53 -35.33 51.48 28.49
CA SER C 53 -36.21 52.64 28.68
C SER C 53 -37.61 52.13 29.09
N PHE C 54 -38.06 51.06 28.40
CA PHE C 54 -39.32 50.36 28.63
C PHE C 54 -39.37 49.82 30.04
N LYS C 55 -38.30 49.14 30.50
CA LYS C 55 -38.17 48.57 31.84
C LYS C 55 -38.14 49.67 32.88
N ASN C 56 -37.47 50.82 32.59
CA ASN C 56 -37.42 51.94 33.52
C ASN C 56 -38.84 52.50 33.74
N GLU C 57 -39.56 52.82 32.65
CA GLU C 57 -40.91 53.35 32.73
C GLU C 57 -41.88 52.41 33.42
N LEU C 58 -41.91 51.13 32.97
CA LEU C 58 -42.81 50.11 33.51
C LEU C 58 -42.59 49.79 34.99
N SER C 59 -41.33 49.58 35.42
CA SER C 59 -41.03 49.26 36.83
C SER C 59 -41.43 50.41 37.75
N ARG C 60 -41.18 51.67 37.32
CA ARG C 60 -41.51 52.87 38.07
C ARG C 60 -43.03 53.04 38.19
N TYR C 61 -43.75 52.86 37.06
CA TYR C 61 -45.21 52.99 36.98
C TYR C 61 -45.92 51.97 37.84
N LEU C 62 -45.58 50.68 37.67
CA LEU C 62 -46.21 49.60 38.41
C LEU C 62 -45.99 49.71 39.90
N THR C 63 -44.77 50.07 40.35
CA THR C 63 -44.47 50.25 41.77
C THR C 63 -45.32 51.39 42.35
N ASP C 64 -45.41 52.50 41.61
CA ASP C 64 -46.18 53.67 41.99
C ASP C 64 -47.67 53.36 42.13
N HIS C 65 -48.26 52.80 41.06
CA HIS C 65 -49.67 52.45 40.99
C HIS C 65 -50.10 51.25 41.81
N PHE C 66 -49.24 50.22 41.94
CA PHE C 66 -49.57 48.99 42.66
C PHE C 66 -48.58 48.70 43.79
N PRO C 67 -48.66 49.46 44.90
CA PRO C 67 -47.74 49.20 46.03
C PRO C 67 -48.08 47.85 46.65
N ALA C 68 -47.11 47.21 47.29
CA ALA C 68 -47.31 45.92 47.94
C ALA C 68 -48.44 45.96 48.97
N ASN C 69 -49.25 44.88 48.99
CA ASN C 69 -50.35 44.70 49.93
C ASN C 69 -50.04 43.46 50.78
N VAL C 70 -49.14 43.65 51.76
CA VAL C 70 -48.69 42.61 52.67
C VAL C 70 -48.84 43.16 54.09
N ASP C 71 -49.64 42.50 54.95
CA ASP C 71 -49.81 42.97 56.32
C ASP C 71 -48.60 42.70 57.25
N GLU C 72 -48.70 43.15 58.52
CA GLU C 72 -47.68 42.97 59.57
C GLU C 72 -47.39 41.48 59.82
N TYR C 73 -48.34 40.60 59.43
CA TYR C 73 -48.23 39.15 59.54
C TYR C 73 -47.69 38.51 58.24
N GLY C 74 -47.26 39.34 57.29
CA GLY C 74 -46.72 38.85 56.02
C GLY C 74 -47.73 38.18 55.10
N ARG C 75 -49.04 38.36 55.38
CA ARG C 75 -50.12 37.81 54.54
C ARG C 75 -50.39 38.76 53.39
N VAL C 76 -50.60 38.20 52.20
CA VAL C 76 -50.88 38.96 50.98
C VAL C 76 -52.38 39.18 50.75
N TYR C 77 -52.81 40.44 50.68
CA TYR C 77 -54.22 40.82 50.49
C TYR C 77 -54.35 41.71 49.25
N GLY C 78 -55.55 42.26 49.06
CA GLY C 78 -55.89 43.21 48.00
C GLY C 78 -55.39 42.90 46.59
N ASN C 79 -54.45 43.74 46.11
CA ASN C 79 -53.89 43.66 44.74
C ASN C 79 -53.05 42.43 44.38
N GLY C 80 -52.66 41.64 45.37
CA GLY C 80 -51.84 40.45 45.17
C GLY C 80 -50.40 40.75 44.81
N VAL C 81 -49.90 41.91 45.29
CA VAL C 81 -48.53 42.37 45.06
C VAL C 81 -47.76 42.28 46.39
N ARG C 82 -46.55 41.68 46.36
CA ARG C 82 -45.71 41.56 47.56
C ARG C 82 -44.49 42.46 47.68
N THR C 83 -44.03 43.05 46.56
CA THR C 83 -42.91 44.01 46.54
C THR C 83 -43.04 44.94 45.36
N ASN C 84 -42.04 45.82 45.22
CA ASN C 84 -41.90 46.73 44.11
C ASN C 84 -41.66 45.90 42.84
N PHE C 85 -41.64 46.57 41.69
CA PHE C 85 -41.44 45.94 40.40
C PHE C 85 -40.04 46.22 39.84
N PHE C 86 -39.11 46.66 40.72
CA PHE C 86 -37.73 46.99 40.37
C PHE C 86 -36.82 45.82 40.11
N GLY C 87 -37.33 44.61 40.34
CA GLY C 87 -36.61 43.37 40.09
C GLY C 87 -36.20 43.21 38.65
N MET C 88 -36.96 43.79 37.70
CA MET C 88 -36.68 43.71 36.26
C MET C 88 -35.49 44.56 35.82
N ARG C 89 -35.01 45.49 36.68
CA ARG C 89 -33.93 46.43 36.36
C ARG C 89 -32.50 45.84 36.35
N HIS C 90 -32.28 44.76 35.59
CA HIS C 90 -30.96 44.17 35.48
C HIS C 90 -30.49 44.10 34.02
N MET C 91 -29.17 44.13 33.83
CA MET C 91 -28.53 44.03 32.54
C MET C 91 -28.33 42.52 32.35
N ASN C 92 -29.41 41.82 31.94
CA ASN C 92 -29.44 40.36 31.78
C ASN C 92 -28.34 39.82 30.89
N GLY C 93 -27.58 38.87 31.45
CA GLY C 93 -26.44 38.24 30.79
C GLY C 93 -25.12 38.71 31.35
N PHE C 94 -25.16 39.78 32.18
CA PHE C 94 -23.99 40.34 32.85
C PHE C 94 -24.07 40.05 34.35
N PRO C 95 -23.23 39.13 34.85
CA PRO C 95 -23.32 38.75 36.27
C PRO C 95 -22.64 39.67 37.26
N MET C 96 -23.00 39.47 38.53
CA MET C 96 -22.38 40.14 39.66
C MET C 96 -20.94 39.61 39.76
N ILE C 97 -19.99 40.44 40.16
CA ILE C 97 -18.60 39.98 40.26
C ILE C 97 -18.08 40.18 41.68
N PRO C 98 -17.55 39.12 42.33
CA PRO C 98 -17.41 37.75 41.85
C PRO C 98 -18.59 36.88 42.28
N ALA C 99 -18.68 35.66 41.76
CA ALA C 99 -19.69 34.71 42.22
C ALA C 99 -19.00 34.01 43.41
N THR C 100 -19.75 33.34 44.28
CA THR C 100 -19.14 32.70 45.45
C THR C 100 -18.29 31.49 45.12
N TRP C 101 -17.30 31.23 45.99
CA TRP C 101 -16.52 30.02 45.95
C TRP C 101 -17.35 29.10 46.85
N PRO C 102 -17.71 27.88 46.43
CA PRO C 102 -18.57 27.05 47.29
C PRO C 102 -17.86 26.60 48.56
N LEU C 103 -18.53 26.74 49.72
CA LEU C 103 -18.01 26.35 51.03
C LEU C 103 -17.75 24.86 51.03
N ALA C 104 -16.49 24.47 51.35
CA ALA C 104 -16.10 23.06 51.38
C ALA C 104 -16.67 22.33 52.59
N SER C 105 -16.90 23.07 53.70
CA SER C 105 -17.48 22.53 54.93
C SER C 105 -18.45 23.53 55.55
N ASN C 106 -19.65 23.07 55.87
CA ASN C 106 -20.66 23.92 56.46
C ASN C 106 -20.78 23.68 57.96
N LEU C 107 -19.85 22.90 58.55
CA LEU C 107 -19.91 22.57 59.97
C LEU C 107 -19.88 23.78 60.88
N LYS C 108 -18.88 24.69 60.67
CA LYS C 108 -18.74 25.94 61.44
C LYS C 108 -19.94 26.87 61.15
N LYS C 109 -20.36 26.96 59.86
CA LYS C 109 -21.50 27.78 59.45
C LYS C 109 -22.74 27.42 60.31
N ARG C 110 -23.07 26.12 60.42
CA ARG C 110 -24.19 25.59 61.20
C ARG C 110 -24.00 25.85 62.70
N ALA C 111 -22.80 25.54 63.24
CA ALA C 111 -22.47 25.73 64.66
C ALA C 111 -22.60 27.19 65.08
N ASP C 112 -22.06 28.12 64.26
CA ASP C 112 -22.13 29.54 64.54
C ASP C 112 -23.55 30.07 64.48
N ALA C 113 -24.43 29.44 63.68
CA ALA C 113 -25.84 29.81 63.56
C ALA C 113 -26.68 29.13 64.66
N ASP C 114 -26.02 28.43 65.60
CA ASP C 114 -26.62 27.66 66.72
C ASP C 114 -27.60 26.60 66.23
N LEU C 115 -27.19 25.88 65.19
CA LEU C 115 -27.96 24.78 64.63
C LEU C 115 -27.30 23.49 65.07
N ALA C 116 -28.12 22.46 65.38
CA ALA C 116 -27.68 21.18 65.91
C ALA C 116 -26.80 20.33 65.00
N ASP C 117 -25.90 19.55 65.62
CA ASP C 117 -24.97 18.64 64.96
C ASP C 117 -25.51 17.20 64.87
N GLY C 118 -26.80 17.06 65.11
CA GLY C 118 -27.51 15.80 65.06
C GLY C 118 -28.89 15.95 65.64
N PRO C 119 -29.72 14.89 65.61
CA PRO C 119 -31.05 14.97 66.24
C PRO C 119 -30.90 15.32 67.72
N VAL C 120 -31.69 16.29 68.19
CA VAL C 120 -31.61 16.80 69.55
C VAL C 120 -32.11 15.78 70.57
N SER C 121 -33.25 15.14 70.28
CA SER C 121 -33.91 14.15 71.13
C SER C 121 -34.12 12.83 70.40
N GLU C 122 -34.49 11.77 71.15
CA GLU C 122 -34.77 10.46 70.54
C GLU C 122 -36.01 10.52 69.65
N ARG C 123 -37.02 11.33 70.03
CA ARG C 123 -38.21 11.54 69.23
C ARG C 123 -37.83 12.00 67.84
N ASP C 124 -37.00 13.06 67.75
CA ASP C 124 -36.53 13.63 66.49
C ASP C 124 -35.78 12.59 65.67
N ASN C 125 -34.89 11.81 66.33
CA ASN C 125 -34.15 10.73 65.68
C ASN C 125 -35.12 9.70 65.07
N LEU C 126 -36.19 9.34 65.82
CA LEU C 126 -37.19 8.38 65.33
C LEU C 126 -37.95 8.94 64.13
N LEU C 127 -38.27 10.25 64.15
CA LEU C 127 -39.02 10.89 63.08
C LEU C 127 -38.21 10.99 61.79
N PHE C 128 -36.92 11.36 61.87
CA PHE C 128 -36.05 11.42 60.69
C PHE C 128 -35.92 10.02 60.11
N ARG C 129 -35.74 9.00 60.96
CA ARG C 129 -35.63 7.60 60.56
C ARG C 129 -36.96 7.05 60.00
N ALA C 130 -38.11 7.49 60.55
CA ALA C 130 -39.42 7.07 60.05
C ALA C 130 -39.63 7.63 58.63
N ALA C 131 -39.14 8.86 58.39
CA ALA C 131 -39.23 9.49 57.08
C ALA C 131 -38.53 8.64 56.03
N VAL C 132 -37.33 8.11 56.36
CA VAL C 132 -36.55 7.23 55.48
C VAL C 132 -37.36 5.95 55.20
N ARG C 133 -37.92 5.33 56.28
CA ARG C 133 -38.71 4.10 56.18
C ARG C 133 -39.94 4.28 55.30
N LEU C 134 -40.67 5.38 55.47
CA LEU C 134 -41.87 5.63 54.68
C LEU C 134 -41.57 6.01 53.22
N MET C 135 -40.49 6.76 52.99
CA MET C 135 -40.12 7.21 51.64
C MET C 135 -39.48 6.13 50.79
N PHE C 136 -38.64 5.28 51.39
CA PHE C 136 -37.87 4.28 50.66
C PHE C 136 -38.34 2.82 50.72
N SER C 137 -39.53 2.54 51.30
CA SER C 137 -39.98 1.16 51.46
C SER C 137 -40.47 0.35 50.26
N ASP C 138 -41.76 0.42 49.91
CA ASP C 138 -42.36 -0.41 48.86
C ASP C 138 -42.39 0.30 47.52
N LEU C 139 -41.20 0.49 46.94
CA LEU C 139 -41.01 1.19 45.67
C LEU C 139 -41.21 0.32 44.45
N GLU C 140 -41.77 0.90 43.38
CA GLU C 140 -42.00 0.19 42.12
C GLU C 140 -41.06 0.72 41.04
N PRO C 141 -40.40 -0.19 40.27
CA PRO C 141 -39.46 0.28 39.22
C PRO C 141 -40.13 0.99 38.06
N VAL C 142 -39.46 2.02 37.56
CA VAL C 142 -39.90 2.86 36.43
C VAL C 142 -38.69 3.09 35.49
N PRO C 143 -38.88 3.51 34.21
CA PRO C 143 -37.71 3.78 33.37
C PRO C 143 -36.90 4.94 33.93
N LEU C 144 -35.57 4.92 33.70
CA LEU C 144 -34.68 5.99 34.12
C LEU C 144 -34.82 7.08 33.07
N LYS C 145 -35.49 8.19 33.41
CA LYS C 145 -35.69 9.30 32.47
C LYS C 145 -34.55 10.31 32.55
N ILE C 146 -34.04 10.71 31.38
CA ILE C 146 -32.90 11.62 31.19
C ILE C 146 -33.37 12.85 30.43
N ARG C 147 -32.98 14.06 30.90
CA ARG C 147 -33.31 15.30 30.22
C ARG C 147 -32.53 15.40 28.92
N LYS C 148 -33.23 15.71 27.80
CA LYS C 148 -32.61 15.85 26.49
C LYS C 148 -31.66 17.06 26.48
N GLY C 149 -30.47 16.86 25.94
CA GLY C 149 -29.45 17.91 25.87
C GLY C 149 -28.66 18.16 27.13
N SER C 150 -29.00 17.47 28.24
CA SER C 150 -28.26 17.60 29.51
C SER C 150 -26.89 16.97 29.34
N SER C 151 -25.91 17.45 30.13
CA SER C 151 -24.53 16.95 30.09
C SER C 151 -24.32 15.77 31.02
N THR C 152 -23.34 14.92 30.68
CA THR C 152 -22.97 13.79 31.54
C THR C 152 -21.93 14.29 32.55
N CYS C 153 -21.46 15.54 32.37
CA CYS C 153 -20.44 16.19 33.18
C CYS C 153 -19.19 15.32 33.36
N ILE C 154 -18.58 15.30 34.56
CA ILE C 154 -17.34 14.55 34.78
C ILE C 154 -17.46 13.03 34.55
N PRO C 155 -16.61 12.43 33.68
CA PRO C 155 -15.48 13.04 32.96
C PRO C 155 -15.69 13.38 31.47
N TYR C 156 -16.74 12.84 30.83
CA TYR C 156 -16.99 12.93 29.39
C TYR C 156 -17.60 14.21 28.83
N PHE C 157 -18.48 14.87 29.60
CA PHE C 157 -19.16 16.10 29.18
C PHE C 157 -19.90 15.92 27.85
N SER C 158 -20.58 14.77 27.69
CA SER C 158 -21.36 14.43 26.51
C SER C 158 -22.78 14.97 26.64
N ASN C 159 -23.35 15.45 25.52
CA ASN C 159 -24.72 15.97 25.47
C ASN C 159 -25.58 15.09 24.55
N ASP C 160 -24.99 13.98 24.04
CA ASP C 160 -25.65 13.04 23.14
C ASP C 160 -26.48 12.01 23.90
N MET C 161 -27.79 11.92 23.57
CA MET C 161 -28.72 11.00 24.21
C MET C 161 -28.29 9.54 24.14
N GLY C 162 -27.82 9.09 22.98
CA GLY C 162 -27.37 7.72 22.77
C GLY C 162 -26.22 7.35 23.68
N THR C 163 -25.23 8.28 23.81
CA THR C 163 -24.07 8.10 24.68
C THR C 163 -24.52 8.08 26.14
N LYS C 164 -25.47 8.99 26.51
CA LYS C 164 -26.09 9.11 27.85
C LYS C 164 -26.74 7.80 28.25
N ILE C 165 -27.55 7.20 27.34
CA ILE C 165 -28.24 5.92 27.56
C ILE C 165 -27.21 4.81 27.81
N GLU C 166 -26.15 4.72 26.97
CA GLU C 166 -25.08 3.73 27.12
C GLU C 166 -24.38 3.87 28.48
N ILE C 167 -24.04 5.14 28.88
CA ILE C 167 -23.39 5.45 30.16
C ILE C 167 -24.26 4.99 31.31
N ALA C 168 -25.57 5.35 31.27
CA ALA C 168 -26.57 5.00 32.28
C ALA C 168 -26.78 3.49 32.41
N GLU C 169 -26.86 2.76 31.27
CA GLU C 169 -27.03 1.31 31.27
C GLU C 169 -25.82 0.61 31.86
N ARG C 170 -24.61 1.07 31.48
CA ARG C 170 -23.34 0.56 31.99
C ARG C 170 -23.24 0.82 33.50
N ALA C 171 -23.68 2.03 33.95
CA ALA C 171 -23.68 2.44 35.35
C ALA C 171 -24.56 1.52 36.18
N LEU C 172 -25.75 1.16 35.67
CA LEU C 172 -26.66 0.26 36.38
C LEU C 172 -26.07 -1.16 36.47
N GLU C 173 -25.31 -1.57 35.45
CA GLU C 173 -24.65 -2.87 35.40
C GLU C 173 -23.48 -2.96 36.37
N LYS C 174 -22.71 -1.87 36.48
CA LYS C 174 -21.49 -1.82 37.27
C LYS C 174 -21.54 -1.12 38.65
N ALA C 175 -22.70 -0.54 39.03
CA ALA C 175 -22.87 0.16 40.31
C ALA C 175 -22.48 -0.68 41.51
N GLU C 176 -22.85 -1.98 41.50
CA GLU C 176 -22.54 -2.92 42.58
C GLU C 176 -21.04 -3.09 42.78
N GLU C 177 -20.30 -3.30 41.67
CA GLU C 177 -18.86 -3.46 41.65
C GLU C 177 -18.17 -2.16 42.11
N ALA C 178 -18.70 -0.98 41.69
CA ALA C 178 -18.18 0.34 42.09
C ALA C 178 -18.45 0.69 43.57
N GLY C 179 -19.68 0.48 44.02
CA GLY C 179 -20.09 0.70 45.40
C GLY C 179 -19.29 -0.15 46.39
N ASN C 180 -19.06 -1.44 46.05
CA ASN C 180 -18.26 -2.33 46.89
C ASN C 180 -16.78 -1.95 46.89
N LEU C 181 -16.29 -1.32 45.79
CA LEU C 181 -14.91 -0.83 45.67
C LEU C 181 -14.74 0.31 46.67
N MET C 182 -15.73 1.21 46.70
CA MET C 182 -15.80 2.34 47.62
C MET C 182 -15.88 1.85 49.07
N LEU C 183 -16.59 0.73 49.34
CA LEU C 183 -16.67 0.14 50.68
C LEU C 183 -15.29 -0.31 51.19
N GLN C 184 -14.37 -0.63 50.25
CA GLN C 184 -12.98 -1.03 50.51
C GLN C 184 -12.05 0.21 50.52
N GLY C 185 -12.63 1.40 50.38
CA GLY C 185 -11.91 2.66 50.36
C GLY C 185 -11.19 2.92 49.05
N LYS C 186 -11.48 2.10 48.00
CA LYS C 186 -10.86 2.19 46.68
C LYS C 186 -11.66 3.11 45.74
N PHE C 187 -11.76 4.40 46.12
CA PHE C 187 -12.50 5.43 45.36
C PHE C 187 -11.89 5.68 44.01
N ASP C 188 -10.53 5.73 43.93
CA ASP C 188 -9.82 5.95 42.67
C ASP C 188 -10.10 4.85 41.67
N ASP C 189 -10.12 3.58 42.13
CA ASP C 189 -10.43 2.43 41.27
C ASP C 189 -11.86 2.49 40.77
N ALA C 190 -12.83 2.86 41.64
CA ALA C 190 -14.24 2.97 41.27
C ALA C 190 -14.43 4.04 40.20
N TYR C 191 -13.69 5.16 40.33
CA TYR C 191 -13.73 6.26 39.38
C TYR C 191 -13.06 5.90 38.06
N GLN C 192 -11.84 5.32 38.14
CA GLN C 192 -11.09 4.93 36.96
C GLN C 192 -11.80 3.85 36.15
N LEU C 193 -12.38 2.85 36.82
CA LEU C 193 -13.09 1.76 36.15
C LEU C 193 -14.49 2.11 35.71
N HIS C 194 -15.25 2.82 36.56
CA HIS C 194 -16.67 3.05 36.28
C HIS C 194 -17.15 4.49 36.22
N GLN C 195 -16.22 5.46 36.33
CA GLN C 195 -16.48 6.92 36.28
C GLN C 195 -17.45 7.37 37.38
N MET C 196 -17.46 6.63 38.51
CA MET C 196 -18.30 6.89 39.68
C MET C 196 -17.41 7.46 40.74
N GLY C 197 -17.49 8.77 40.87
CA GLY C 197 -16.68 9.56 41.79
C GLY C 197 -16.19 10.80 41.09
N GLY C 198 -14.99 11.23 41.46
CA GLY C 198 -14.38 12.41 40.88
C GLY C 198 -14.85 13.67 41.57
N ALA C 199 -15.76 14.44 40.93
CA ALA C 199 -16.26 15.71 41.49
C ALA C 199 -17.50 16.22 40.79
N TYR C 200 -18.13 17.22 41.39
CA TYR C 200 -19.24 17.98 40.83
C TYR C 200 -18.59 19.08 40.02
N TYR C 201 -19.21 19.46 38.92
CA TYR C 201 -18.69 20.53 38.08
C TYR C 201 -19.52 21.79 38.36
N VAL C 202 -18.87 22.81 38.95
CA VAL C 202 -19.51 24.07 39.33
C VAL C 202 -19.93 24.90 38.13
N VAL C 203 -21.25 25.01 37.95
CA VAL C 203 -21.89 25.82 36.91
C VAL C 203 -22.52 27.04 37.58
N TYR C 204 -22.35 28.21 36.99
CA TYR C 204 -22.95 29.40 37.57
C TYR C 204 -24.22 29.74 36.82
N ARG C 205 -25.33 29.96 37.54
CA ARG C 205 -26.60 30.28 36.89
C ARG C 205 -27.16 31.62 37.31
N ALA C 206 -27.77 32.35 36.37
CA ALA C 206 -28.34 33.67 36.64
C ALA C 206 -29.68 33.59 37.32
N GLN C 207 -29.90 34.46 38.32
CA GLN C 207 -31.20 34.67 38.94
C GLN C 207 -31.47 36.07 38.41
N SER C 208 -32.11 36.11 37.22
CA SER C 208 -32.40 37.28 36.39
C SER C 208 -33.04 38.48 37.07
N THR C 209 -33.81 38.22 38.13
CA THR C 209 -34.47 39.26 38.92
C THR C 209 -34.11 39.04 40.36
N ASP C 210 -33.74 40.11 41.05
CA ASP C 210 -33.39 40.11 42.47
C ASP C 210 -33.81 41.47 43.00
N ALA C 211 -34.02 41.57 44.32
CA ALA C 211 -34.49 42.77 44.99
C ALA C 211 -33.69 44.04 44.68
N ILE C 212 -34.43 45.11 44.34
CA ILE C 212 -33.94 46.45 44.05
C ILE C 212 -34.92 47.39 44.74
N THR C 213 -34.41 48.37 45.51
CA THR C 213 -35.26 49.33 46.21
C THR C 213 -34.90 50.73 45.75
N LEU C 214 -35.89 51.64 45.76
CA LEU C 214 -35.65 53.03 45.41
C LEU C 214 -35.63 53.82 46.70
N ASP C 215 -34.46 54.40 47.05
CA ASP C 215 -34.30 55.17 48.28
C ASP C 215 -35.01 56.52 48.09
N PRO C 216 -36.11 56.78 48.85
CA PRO C 216 -36.85 58.05 48.67
C PRO C 216 -36.03 59.29 48.99
N LYS C 217 -35.12 59.18 49.99
CA LYS C 217 -34.25 60.26 50.44
C LYS C 217 -33.36 60.76 49.30
N THR C 218 -32.73 59.82 48.58
CA THR C 218 -31.80 60.13 47.51
C THR C 218 -32.33 60.05 46.07
N GLY C 219 -33.38 59.27 45.85
CA GLY C 219 -33.94 59.06 44.52
C GLY C 219 -33.09 58.11 43.71
N LYS C 220 -32.12 57.44 44.37
CA LYS C 220 -31.20 56.48 43.78
C LYS C 220 -31.60 55.05 44.14
N PHE C 221 -31.36 54.11 43.19
CA PHE C 221 -31.68 52.70 43.36
C PHE C 221 -30.60 51.95 44.12
N VAL C 222 -31.02 51.01 44.98
CA VAL C 222 -30.11 50.19 45.78
C VAL C 222 -30.39 48.72 45.49
N SER C 223 -29.39 47.99 45.01
CA SER C 223 -29.55 46.56 44.76
C SER C 223 -29.32 45.76 46.05
N LYS C 224 -30.02 44.61 46.19
CA LYS C 224 -29.85 43.74 47.36
C LYS C 224 -28.43 43.18 47.37
N ASP C 225 -27.72 43.36 48.48
CA ASP C 225 -26.36 42.85 48.61
C ASP C 225 -26.38 41.32 48.73
N ARG C 226 -25.58 40.66 47.88
CA ARG C 226 -25.47 39.20 47.89
C ARG C 226 -24.08 38.82 48.35
N MET C 227 -24.00 38.19 49.54
CA MET C 227 -22.74 37.79 50.17
C MET C 227 -22.08 36.65 49.44
N VAL C 228 -20.77 36.76 49.20
CA VAL C 228 -19.98 35.76 48.51
C VAL C 228 -18.72 35.45 49.31
N ALA C 229 -18.26 34.20 49.26
CA ALA C 229 -17.07 33.77 49.95
C ALA C 229 -15.90 33.77 48.98
N ASP C 230 -14.72 34.25 49.44
CA ASP C 230 -13.53 34.20 48.61
C ASP C 230 -12.94 32.79 48.76
N PHE C 231 -11.90 32.43 47.97
CA PHE C 231 -11.30 31.10 48.02
C PHE C 231 -10.93 30.66 49.45
N GLU C 232 -10.24 31.53 50.20
CA GLU C 232 -9.79 31.27 51.57
C GLU C 232 -10.94 30.92 52.49
N TYR C 233 -12.03 31.69 52.40
CA TYR C 233 -13.21 31.46 53.23
C TYR C 233 -13.83 30.09 52.93
N ALA C 234 -13.97 29.73 51.63
CA ALA C 234 -14.55 28.47 51.16
C ALA C 234 -13.81 27.23 51.63
N VAL C 235 -12.47 27.24 51.57
CA VAL C 235 -11.64 26.10 52.01
C VAL C 235 -11.62 25.95 53.55
N THR C 236 -11.43 27.07 54.27
CA THR C 236 -11.35 27.07 55.73
C THR C 236 -12.67 26.86 56.49
N GLY C 237 -13.80 26.86 55.75
CA GLY C 237 -15.14 26.71 56.33
C GLY C 237 -15.66 27.95 57.04
N GLY C 238 -14.98 29.09 56.78
CA GLY C 238 -15.28 30.39 57.32
C GLY C 238 -14.24 30.91 58.29
N GLU C 239 -13.35 30.01 58.76
CA GLU C 239 -12.29 30.26 59.76
C GLU C 239 -11.37 31.39 59.33
N GLN C 240 -11.02 31.41 58.05
CA GLN C 240 -10.17 32.43 57.44
C GLN C 240 -10.87 33.03 56.23
N GLY C 241 -10.20 33.94 55.54
CA GLY C 241 -10.74 34.61 54.38
C GLY C 241 -11.90 35.54 54.68
N SER C 242 -12.62 35.97 53.63
CA SER C 242 -13.74 36.89 53.80
C SER C 242 -15.02 36.57 53.06
N LEU C 243 -16.13 37.02 53.68
CA LEU C 243 -17.50 36.95 53.17
C LEU C 243 -17.85 38.40 52.93
N PHE C 244 -18.10 38.74 51.67
CA PHE C 244 -18.35 40.12 51.27
C PHE C 244 -19.47 40.22 50.23
N ALA C 245 -20.01 41.43 50.05
CA ALA C 245 -21.06 41.67 49.07
C ALA C 245 -20.44 41.69 47.67
N ALA C 246 -20.99 40.90 46.73
CA ALA C 246 -20.50 40.88 45.36
C ALA C 246 -20.86 42.22 44.72
N SER C 247 -20.13 42.65 43.68
CA SER C 247 -20.45 43.91 43.04
C SER C 247 -21.46 43.73 41.90
N LYS C 248 -22.64 44.33 42.08
CA LYS C 248 -23.72 44.33 41.10
C LYS C 248 -23.67 45.61 40.26
N ASP C 249 -22.68 46.49 40.52
CA ASP C 249 -22.50 47.74 39.79
C ASP C 249 -22.25 47.48 38.31
N ALA C 250 -23.12 48.03 37.46
CA ALA C 250 -23.06 47.83 36.01
C ALA C 250 -22.34 48.95 35.24
N SER C 251 -21.78 49.95 35.95
CA SER C 251 -21.05 51.08 35.35
C SER C 251 -19.95 50.59 34.41
N ARG C 252 -19.27 49.51 34.81
CA ARG C 252 -18.20 48.84 34.09
C ARG C 252 -18.53 48.47 32.64
N LEU C 253 -19.82 48.19 32.34
CA LEU C 253 -20.28 47.78 31.00
C LEU C 253 -20.07 48.84 29.93
N LYS C 254 -20.08 50.13 30.33
CA LYS C 254 -19.84 51.24 29.41
C LYS C 254 -18.37 51.23 28.99
N GLU C 255 -17.47 51.18 29.98
CA GLU C 255 -16.03 51.15 29.81
C GLU C 255 -15.57 49.89 29.03
N GLN C 256 -16.00 48.70 29.49
CA GLN C 256 -15.63 47.41 28.91
C GLN C 256 -16.25 47.09 27.56
N TYR C 257 -17.55 47.37 27.40
CA TYR C 257 -18.28 46.96 26.20
C TYR C 257 -18.92 48.05 25.36
N GLY C 258 -18.91 49.28 25.83
CA GLY C 258 -19.52 50.40 25.12
C GLY C 258 -21.03 50.39 25.21
N ILE C 259 -21.58 49.76 26.27
CA ILE C 259 -23.02 49.68 26.52
C ILE C 259 -23.46 50.84 27.41
N ASP C 260 -24.48 51.61 26.99
CA ASP C 260 -25.02 52.68 27.81
C ASP C 260 -25.82 52.05 28.94
N VAL C 261 -25.47 52.41 30.18
CA VAL C 261 -26.09 51.89 31.39
C VAL C 261 -27.01 52.95 31.99
N PRO C 262 -28.35 52.80 31.90
CA PRO C 262 -29.25 53.79 32.52
C PRO C 262 -29.14 53.73 34.03
N ASP C 263 -29.52 54.81 34.71
CA ASP C 263 -29.51 54.90 36.17
C ASP C 263 -30.41 53.82 36.76
N GLY C 264 -29.93 53.18 37.82
CA GLY C 264 -30.67 52.15 38.53
C GLY C 264 -30.80 50.81 37.83
N PHE C 265 -29.80 50.45 37.00
CA PHE C 265 -29.72 49.14 36.33
C PHE C 265 -28.46 48.43 36.84
N PHE C 266 -28.61 47.13 37.20
CA PHE C 266 -27.54 46.38 37.84
C PHE C 266 -27.20 45.08 37.17
N CYS C 267 -26.06 44.50 37.56
CA CYS C 267 -25.62 43.19 37.10
C CYS C 267 -26.45 42.14 37.86
N GLU C 268 -26.68 40.98 37.22
CA GLU C 268 -27.52 39.92 37.78
C GLU C 268 -26.89 39.14 38.89
N ARG C 269 -27.75 38.65 39.80
CA ARG C 269 -27.35 37.74 40.87
C ARG C 269 -26.95 36.43 40.20
N ARG C 270 -25.85 35.82 40.70
CA ARG C 270 -25.40 34.53 40.22
C ARG C 270 -25.39 33.50 41.33
N ARG C 271 -26.02 32.35 41.05
CA ARG C 271 -26.15 31.24 41.99
C ARG C 271 -25.26 30.07 41.57
N THR C 272 -24.63 29.38 42.54
CA THR C 272 -23.85 28.19 42.19
C THR C 272 -24.86 27.10 41.86
N ALA C 273 -24.54 26.28 40.89
CA ALA C 273 -25.35 25.13 40.49
C ALA C 273 -24.28 24.03 40.26
N MET C 274 -24.54 22.79 40.71
CA MET C 274 -23.55 21.71 40.58
C MET C 274 -23.99 20.58 39.64
N GLY C 275 -23.14 20.20 38.67
CA GLY C 275 -23.43 19.13 37.72
C GLY C 275 -22.75 17.86 38.15
N GLY C 276 -23.53 16.84 38.44
CA GLY C 276 -23.00 15.57 38.94
C GLY C 276 -22.33 14.68 37.91
N PRO C 277 -21.39 13.81 38.34
CA PRO C 277 -20.81 12.84 37.39
C PRO C 277 -21.91 11.82 37.07
N PHE C 278 -22.40 11.84 35.83
CA PHE C 278 -23.54 11.01 35.41
C PHE C 278 -23.52 9.53 35.76
N ALA C 279 -22.35 8.86 35.68
CA ALA C 279 -22.27 7.44 36.03
C ALA C 279 -22.63 7.22 37.49
N LEU C 280 -22.32 8.18 38.38
CA LEU C 280 -22.69 8.09 39.79
C LEU C 280 -24.17 8.45 39.98
N ASN C 281 -24.67 9.45 39.23
CA ASN C 281 -26.06 9.86 39.33
C ASN C 281 -27.09 8.85 38.83
N ALA C 282 -26.80 8.13 37.72
CA ALA C 282 -27.71 7.13 37.16
C ALA C 282 -28.23 6.10 38.21
N PRO C 283 -27.37 5.37 38.98
CA PRO C 283 -27.90 4.46 40.01
C PRO C 283 -28.71 5.13 41.11
N ILE C 284 -28.47 6.43 41.37
CA ILE C 284 -29.19 7.19 42.38
C ILE C 284 -30.58 7.57 41.86
N MET C 285 -30.64 8.07 40.62
CA MET C 285 -31.88 8.46 39.94
C MET C 285 -32.83 7.28 39.78
N ALA C 286 -32.28 6.07 39.56
CA ALA C 286 -33.06 4.83 39.41
C ALA C 286 -33.85 4.48 40.69
N VAL C 287 -33.42 5.00 41.86
CA VAL C 287 -34.09 4.80 43.15
C VAL C 287 -34.91 6.07 43.49
N ALA C 288 -34.35 7.27 43.20
CA ALA C 288 -35.00 8.56 43.46
C ALA C 288 -36.36 8.71 42.80
N GLN C 289 -36.47 8.36 41.48
CA GLN C 289 -37.75 8.46 40.78
C GLN C 289 -38.83 7.57 41.42
N PRO C 290 -38.61 6.25 41.67
CA PRO C 290 -39.63 5.47 42.40
C PRO C 290 -40.04 6.10 43.74
N VAL C 291 -39.08 6.76 44.48
CA VAL C 291 -39.35 7.43 45.76
C VAL C 291 -40.33 8.58 45.54
N ARG C 292 -40.11 9.38 44.48
CA ARG C 292 -40.99 10.50 44.14
C ARG C 292 -42.39 9.98 43.83
N ASN C 293 -42.49 8.89 43.03
CA ASN C 293 -43.76 8.29 42.68
C ASN C 293 -44.52 7.83 43.90
N LYS C 294 -43.82 7.31 44.93
CA LYS C 294 -44.45 6.90 46.18
C LYS C 294 -44.96 8.11 46.96
N ILE C 295 -44.06 9.06 47.26
CA ILE C 295 -44.41 10.25 48.04
C ILE C 295 -45.44 11.13 47.36
N TYR C 296 -45.45 11.20 46.01
CA TYR C 296 -46.45 11.98 45.30
C TYR C 296 -47.76 11.20 45.17
N SER C 297 -47.76 9.88 45.47
CA SER C 297 -48.97 9.06 45.41
C SER C 297 -49.57 8.81 46.82
N LYS C 298 -48.92 7.96 47.66
CA LYS C 298 -49.38 7.63 49.02
C LYS C 298 -49.36 8.83 49.97
N TYR C 299 -48.43 9.78 49.74
CA TYR C 299 -48.30 10.98 50.58
C TYR C 299 -48.53 12.25 49.77
N ALA C 300 -49.46 12.18 48.79
CA ALA C 300 -49.84 13.25 47.88
C ALA C 300 -50.30 14.51 48.60
N TYR C 301 -50.97 14.35 49.76
CA TYR C 301 -51.47 15.49 50.53
C TYR C 301 -50.35 16.48 50.84
N THR C 302 -49.27 15.98 51.43
CA THR C 302 -48.14 16.80 51.84
C THR C 302 -47.21 17.14 50.67
N PHE C 303 -46.99 16.19 49.75
CA PHE C 303 -45.99 16.31 48.69
C PHE C 303 -46.37 16.54 47.22
N HIS C 304 -47.59 16.15 46.79
CA HIS C 304 -47.98 16.32 45.39
C HIS C 304 -48.79 17.59 45.16
N HIS C 305 -48.15 18.57 44.53
CA HIS C 305 -48.73 19.88 44.26
C HIS C 305 -48.78 20.16 42.75
N THR C 306 -50.00 20.41 42.25
CA THR C 306 -50.26 20.65 40.83
C THR C 306 -50.77 22.07 40.58
N THR C 307 -52.09 22.27 40.67
CA THR C 307 -52.76 23.54 40.38
C THR C 307 -52.96 24.40 41.60
N ARG C 308 -53.27 25.69 41.38
CA ARG C 308 -53.59 26.64 42.44
C ARG C 308 -54.82 26.18 43.24
N LEU C 309 -55.80 25.53 42.55
CA LEU C 309 -57.02 24.99 43.18
C LEU C 309 -56.75 23.72 43.98
N ASN C 310 -55.79 22.88 43.52
CA ASN C 310 -55.35 21.65 44.20
C ASN C 310 -54.81 22.01 45.59
N LYS C 311 -53.99 23.08 45.66
CA LYS C 311 -53.42 23.59 46.90
C LYS C 311 -54.50 24.25 47.78
N GLU C 312 -55.35 25.07 47.14
CA GLU C 312 -56.46 25.79 47.77
C GLU C 312 -57.41 24.88 48.55
N GLU C 313 -57.81 23.73 47.96
CA GLU C 313 -58.70 22.74 48.58
C GLU C 313 -58.19 22.28 49.94
N LYS C 314 -56.86 22.11 50.09
CA LYS C 314 -56.21 21.67 51.34
C LYS C 314 -56.20 22.80 52.37
N VAL C 315 -55.65 23.97 51.98
CA VAL C 315 -55.49 25.16 52.82
C VAL C 315 -56.82 25.71 53.36
N LYS C 316 -57.90 25.68 52.54
CA LYS C 316 -59.23 26.18 52.94
C LYS C 316 -59.80 25.47 54.17
N GLU C 317 -59.45 24.20 54.37
CA GLU C 317 -59.89 23.37 55.51
C GLU C 317 -59.16 23.72 56.83
N TRP C 318 -58.05 24.46 56.74
CA TRP C 318 -57.23 24.85 57.89
C TRP C 318 -57.84 26.05 58.62
N SER C 319 -57.56 26.16 59.94
CA SER C 319 -58.00 27.29 60.76
C SER C 319 -56.87 28.35 60.81
N LEU C 320 -55.62 27.91 60.56
CA LEU C 320 -54.41 28.73 60.52
C LEU C 320 -53.42 28.17 59.50
N CYS C 321 -52.80 29.05 58.71
CA CYS C 321 -51.81 28.72 57.69
C CYS C 321 -50.56 29.58 57.91
N VAL C 322 -49.40 28.94 58.12
CA VAL C 322 -48.13 29.64 58.35
C VAL C 322 -47.14 29.38 57.19
N ALA C 323 -46.88 30.43 56.39
CA ALA C 323 -45.96 30.34 55.25
C ALA C 323 -44.54 30.61 55.76
N THR C 324 -43.72 29.56 55.80
CA THR C 324 -42.35 29.61 56.32
C THR C 324 -41.29 29.83 55.25
N ASP C 325 -40.19 30.52 55.66
CA ASP C 325 -39.05 30.78 54.81
C ASP C 325 -37.73 30.43 55.48
N VAL C 326 -36.99 29.50 54.85
CA VAL C 326 -35.72 28.95 55.30
C VAL C 326 -34.58 29.77 54.74
N SER C 327 -33.63 30.13 55.60
CA SER C 327 -32.44 30.87 55.19
C SER C 327 -31.43 29.91 54.58
N ASP C 328 -31.04 30.18 53.32
CA ASP C 328 -29.99 29.45 52.58
C ASP C 328 -30.02 27.91 52.79
N HIS C 329 -31.15 27.25 52.45
CA HIS C 329 -31.38 25.81 52.65
C HIS C 329 -30.26 24.86 52.22
N ASP C 330 -29.81 24.94 50.96
CA ASP C 330 -28.80 24.06 50.39
C ASP C 330 -27.46 24.07 51.12
N THR C 331 -26.94 25.27 51.44
CA THR C 331 -25.64 25.42 52.11
C THR C 331 -25.68 25.02 53.59
N PHE C 332 -26.85 25.17 54.25
CA PHE C 332 -27.03 24.78 55.65
C PHE C 332 -27.45 23.32 55.82
N TRP C 333 -27.84 22.62 54.72
CA TRP C 333 -28.27 21.22 54.77
C TRP C 333 -27.23 20.35 55.49
N PRO C 334 -27.62 19.63 56.57
CA PRO C 334 -26.63 18.92 57.39
C PRO C 334 -26.15 17.55 56.91
N GLY C 335 -24.83 17.39 56.95
CA GLY C 335 -24.18 16.14 56.61
C GLY C 335 -24.59 15.04 57.56
N TRP C 336 -24.95 15.39 58.82
CA TRP C 336 -25.41 14.37 59.76
C TRP C 336 -26.69 13.72 59.28
N LEU C 337 -27.51 14.44 58.48
CA LEU C 337 -28.73 13.86 57.95
C LEU C 337 -28.41 12.82 56.86
N ARG C 338 -27.39 13.11 56.02
CA ARG C 338 -26.93 12.17 54.98
C ARG C 338 -26.54 10.87 55.70
N ASP C 339 -25.77 10.99 56.80
CA ASP C 339 -25.29 9.85 57.57
C ASP C 339 -26.42 9.08 58.27
N LEU C 340 -27.45 9.82 58.75
CA LEU C 340 -28.65 9.29 59.40
C LEU C 340 -29.45 8.48 58.39
N ILE C 341 -29.65 9.04 57.17
CA ILE C 341 -30.39 8.41 56.07
C ILE C 341 -29.70 7.13 55.64
N CYS C 342 -28.37 7.19 55.47
CA CYS C 342 -27.56 6.04 55.06
C CYS C 342 -27.62 4.92 56.09
N ASP C 343 -27.50 5.27 57.38
CA ASP C 343 -27.60 4.29 58.46
C ASP C 343 -28.96 3.62 58.48
N GLU C 344 -30.05 4.39 58.30
CA GLU C 344 -31.41 3.86 58.26
C GLU C 344 -31.66 2.96 57.06
N LEU C 345 -31.18 3.36 55.87
CA LEU C 345 -31.31 2.54 54.66
C LEU C 345 -30.63 1.19 54.87
N LEU C 346 -29.46 1.18 55.54
CA LEU C 346 -28.75 -0.05 55.85
C LEU C 346 -29.59 -0.94 56.77
N ASN C 347 -30.23 -0.33 57.80
CA ASN C 347 -31.13 -1.01 58.76
C ASN C 347 -32.35 -1.60 58.08
N MET C 348 -32.86 -0.93 57.03
CA MET C 348 -34.01 -1.38 56.23
C MET C 348 -33.68 -2.58 55.35
N GLY C 349 -32.38 -2.80 55.10
CA GLY C 349 -31.91 -3.91 54.27
C GLY C 349 -31.49 -3.53 52.86
N TYR C 350 -31.28 -2.21 52.60
CA TYR C 350 -30.81 -1.72 51.30
C TYR C 350 -29.39 -2.21 51.06
N ALA C 351 -29.06 -2.54 49.80
CA ALA C 351 -27.73 -3.01 49.40
C ALA C 351 -26.65 -2.07 49.92
N PRO C 352 -25.68 -2.55 50.74
CA PRO C 352 -24.65 -1.65 51.28
C PRO C 352 -23.85 -0.90 50.23
N TRP C 353 -23.60 -1.56 49.08
CA TRP C 353 -22.90 -0.94 47.94
C TRP C 353 -23.65 0.24 47.40
N TRP C 354 -24.99 0.17 47.32
CA TRP C 354 -25.81 1.29 46.82
C TRP C 354 -25.79 2.44 47.80
N VAL C 355 -25.93 2.14 49.10
CA VAL C 355 -25.92 3.14 50.16
C VAL C 355 -24.58 3.90 50.13
N LYS C 356 -23.46 3.17 49.91
CA LYS C 356 -22.13 3.77 49.80
C LYS C 356 -22.04 4.76 48.64
N LEU C 357 -22.63 4.42 47.47
CA LEU C 357 -22.66 5.28 46.28
C LEU C 357 -23.43 6.55 46.64
N PHE C 358 -24.59 6.40 47.29
CA PHE C 358 -25.46 7.49 47.74
C PHE C 358 -24.74 8.42 48.72
N GLU C 359 -24.06 7.82 49.74
CA GLU C 359 -23.29 8.55 50.75
C GLU C 359 -22.20 9.37 50.05
N THR C 360 -21.41 8.73 49.14
CA THR C 360 -20.33 9.34 48.39
C THR C 360 -20.78 10.53 47.56
N SER C 361 -21.99 10.44 46.94
CA SER C 361 -22.56 11.51 46.13
C SER C 361 -22.81 12.79 46.94
N LEU C 362 -22.95 12.67 48.28
CA LEU C 362 -23.21 13.81 49.15
C LEU C 362 -21.96 14.20 49.98
N LYS C 363 -20.77 13.70 49.59
CA LYS C 363 -19.47 13.94 50.23
C LYS C 363 -18.41 14.32 49.17
N LEU C 364 -18.81 14.38 47.89
CA LEU C 364 -17.93 14.56 46.74
C LEU C 364 -17.24 15.91 46.60
N PRO C 365 -15.97 15.92 46.12
CA PRO C 365 -15.27 17.18 45.81
C PRO C 365 -16.00 18.01 44.75
N VAL C 366 -15.60 19.29 44.58
CA VAL C 366 -16.24 20.20 43.61
C VAL C 366 -15.19 20.92 42.78
N TYR C 367 -15.37 20.92 41.45
CA TYR C 367 -14.47 21.62 40.54
C TYR C 367 -15.06 22.97 40.20
N VAL C 368 -14.36 24.04 40.62
CA VAL C 368 -14.77 25.43 40.42
C VAL C 368 -14.27 25.95 39.08
N GLY C 369 -15.23 26.34 38.23
CA GLY C 369 -14.95 26.85 36.90
C GLY C 369 -14.43 28.26 36.89
N ALA C 370 -15.33 29.23 36.67
CA ALA C 370 -14.95 30.63 36.58
C ALA C 370 -15.89 31.58 37.33
N PRO C 371 -15.64 31.81 38.65
CA PRO C 371 -16.50 32.73 39.42
C PRO C 371 -16.36 34.20 39.05
N ALA C 372 -15.22 34.57 38.45
CA ALA C 372 -14.88 35.94 38.05
C ALA C 372 -13.73 35.91 37.02
N PRO C 373 -13.41 37.02 36.30
CA PRO C 373 -12.25 37.01 35.40
C PRO C 373 -10.96 36.73 36.18
N GLU C 374 -10.06 35.90 35.62
CA GLU C 374 -8.77 35.52 36.22
C GLU C 374 -8.90 34.82 37.60
N GLN C 375 -10.00 34.04 37.79
CA GLN C 375 -10.29 33.27 39.00
C GLN C 375 -10.90 31.92 38.65
N GLY C 376 -10.69 30.93 39.52
CA GLY C 376 -11.25 29.60 39.36
C GLY C 376 -10.28 28.54 38.90
N HIS C 377 -10.81 27.56 38.14
CA HIS C 377 -10.07 26.41 37.62
C HIS C 377 -9.35 25.68 38.72
N THR C 378 -10.10 25.37 39.81
CA THR C 378 -9.58 24.74 41.01
C THR C 378 -10.51 23.64 41.53
N LEU C 379 -9.93 22.49 41.87
CA LEU C 379 -10.67 21.40 42.46
C LEU C 379 -10.58 21.55 43.98
N LEU C 380 -11.72 21.50 44.68
CA LEU C 380 -11.79 21.57 46.13
C LEU C 380 -12.14 20.18 46.62
N GLY C 381 -11.32 19.65 47.53
CA GLY C 381 -11.49 18.31 48.05
C GLY C 381 -10.72 17.27 47.26
N ASP C 382 -10.38 16.14 47.89
CA ASP C 382 -9.61 15.07 47.26
C ASP C 382 -10.52 13.92 46.79
N PRO C 383 -10.59 13.65 45.47
CA PRO C 383 -11.43 12.54 44.99
C PRO C 383 -11.05 11.15 45.50
N SER C 384 -9.81 10.96 46.00
CA SER C 384 -9.33 9.69 46.56
C SER C 384 -10.12 9.31 47.82
N ASN C 385 -10.57 10.31 48.60
CA ASN C 385 -11.31 10.10 49.83
C ASN C 385 -12.35 11.21 49.97
N PRO C 386 -13.52 11.07 49.29
CA PRO C 386 -14.57 12.10 49.38
C PRO C 386 -15.02 12.38 50.82
N ASP C 387 -14.80 13.62 51.28
CA ASP C 387 -15.09 14.04 52.65
C ASP C 387 -15.60 15.49 52.78
N LEU C 388 -16.22 16.04 51.72
CA LEU C 388 -16.74 17.40 51.74
C LEU C 388 -18.09 17.53 52.42
N GLU C 389 -18.31 18.66 53.11
CA GLU C 389 -19.56 18.98 53.81
C GLU C 389 -20.17 20.25 53.19
N VAL C 390 -20.41 20.24 51.87
CA VAL C 390 -20.92 21.39 51.10
C VAL C 390 -22.39 21.73 51.40
N GLY C 391 -23.06 20.80 52.08
CA GLY C 391 -24.49 20.88 52.31
C GLY C 391 -25.13 20.01 51.26
N LEU C 392 -25.97 20.59 50.40
CA LEU C 392 -26.64 19.86 49.34
C LEU C 392 -26.15 20.30 47.94
N SER C 393 -25.60 19.35 47.14
CA SER C 393 -25.08 19.61 45.78
C SER C 393 -26.22 19.54 44.77
N SER C 394 -26.74 20.70 44.29
CA SER C 394 -27.88 20.81 43.35
C SER C 394 -28.04 19.72 42.25
N GLY C 395 -26.93 19.19 41.77
CA GLY C 395 -26.95 18.17 40.73
C GLY C 395 -26.86 16.74 41.19
N GLN C 396 -27.06 16.50 42.50
CA GLN C 396 -27.08 15.14 43.07
C GLN C 396 -28.43 14.54 42.62
N GLY C 397 -28.43 13.25 42.32
CA GLY C 397 -29.60 12.55 41.82
C GLY C 397 -30.91 12.64 42.59
N ALA C 398 -30.85 13.00 43.89
CA ALA C 398 -32.02 13.07 44.75
C ALA C 398 -32.18 14.34 45.62
N THR C 399 -31.51 15.47 45.29
CA THR C 399 -31.55 16.71 46.10
C THR C 399 -32.91 17.23 46.52
N ASP C 400 -33.94 17.05 45.67
CA ASP C 400 -35.29 17.46 46.01
C ASP C 400 -35.78 16.65 47.21
N LEU C 401 -35.54 15.33 47.19
CA LEU C 401 -35.92 14.42 48.27
C LEU C 401 -35.13 14.69 49.54
N MET C 402 -33.86 15.09 49.41
CA MET C 402 -33.01 15.40 50.56
C MET C 402 -33.48 16.63 51.31
N GLY C 403 -33.88 17.65 50.56
CA GLY C 403 -34.42 18.87 51.13
C GLY C 403 -35.77 18.62 51.76
N THR C 404 -36.62 17.85 51.05
CA THR C 404 -37.98 17.47 51.47
C THR C 404 -37.94 16.67 52.77
N LEU C 405 -37.06 15.66 52.87
CA LEU C 405 -36.87 14.80 54.07
C LEU C 405 -36.50 15.69 55.26
N LEU C 406 -35.43 16.52 55.13
CA LEU C 406 -34.99 17.41 56.19
C LEU C 406 -36.09 18.34 56.63
N MET C 407 -36.62 19.10 55.67
CA MET C 407 -37.61 20.11 55.96
C MET C 407 -38.94 19.60 56.49
N SER C 408 -39.50 18.53 55.90
CA SER C 408 -40.79 17.98 56.36
C SER C 408 -40.75 17.62 57.84
N ILE C 409 -39.66 16.95 58.32
CA ILE C 409 -39.45 16.58 59.73
C ILE C 409 -39.10 17.83 60.57
N THR C 410 -38.33 18.78 60.01
CA THR C 410 -38.01 20.04 60.70
C THR C 410 -39.30 20.79 61.08
N TYR C 411 -40.23 20.94 60.11
CA TYR C 411 -41.50 21.63 60.32
C TYR C 411 -42.38 20.86 61.28
N LEU C 412 -42.43 19.51 61.16
CA LEU C 412 -43.22 18.66 62.07
C LEU C 412 -42.72 18.83 63.52
N VAL C 413 -41.38 18.83 63.71
CA VAL C 413 -40.75 19.01 65.02
C VAL C 413 -41.15 20.37 65.59
N MET C 414 -41.11 21.42 64.76
CA MET C 414 -41.52 22.79 65.11
C MET C 414 -42.96 22.80 65.62
N GLN C 415 -43.88 22.10 64.91
CA GLN C 415 -45.29 21.98 65.27
C GLN C 415 -45.44 21.21 66.59
N LEU C 416 -44.63 20.13 66.78
CA LEU C 416 -44.68 19.32 68.01
C LEU C 416 -44.17 20.11 69.20
N ASP C 417 -42.98 20.73 69.07
CA ASP C 417 -42.34 21.52 70.13
C ASP C 417 -43.17 22.69 70.61
N HIS C 418 -43.67 23.51 69.67
CA HIS C 418 -44.37 24.75 70.02
C HIS C 418 -45.88 24.72 70.11
N THR C 419 -46.52 23.66 69.55
CA THR C 419 -47.98 23.62 69.49
C THR C 419 -48.63 22.30 69.95
N ALA C 420 -48.01 21.15 69.67
CA ALA C 420 -48.63 19.87 69.98
C ALA C 420 -47.85 18.87 70.87
N PRO C 421 -47.49 19.24 72.13
CA PRO C 421 -46.81 18.27 73.01
C PRO C 421 -47.67 17.05 73.37
N HIS C 422 -49.00 17.15 73.16
CA HIS C 422 -49.95 16.07 73.39
C HIS C 422 -49.82 14.94 72.40
N LEU C 423 -49.12 15.19 71.29
CA LEU C 423 -48.88 14.16 70.28
C LEU C 423 -47.57 13.39 70.51
N ASN C 424 -46.67 13.92 71.37
CA ASN C 424 -45.40 13.27 71.71
C ASN C 424 -45.54 11.83 72.19
N SER C 425 -46.61 11.52 72.97
CA SER C 425 -46.89 10.18 73.48
C SER C 425 -47.13 9.15 72.35
N ARG C 426 -47.52 9.61 71.14
CA ARG C 426 -47.77 8.75 69.98
C ARG C 426 -46.45 8.31 69.31
N ILE C 427 -45.31 8.94 69.70
CA ILE C 427 -43.99 8.66 69.10
C ILE C 427 -43.09 8.08 70.19
N LYS C 428 -43.20 6.76 70.43
CA LYS C 428 -42.48 6.01 71.48
C LYS C 428 -41.33 5.16 70.96
N ASP C 429 -41.47 4.59 69.75
CA ASP C 429 -40.46 3.73 69.10
C ASP C 429 -40.49 3.92 67.58
N MET C 430 -39.83 3.03 66.81
CA MET C 430 -39.89 3.10 65.35
C MET C 430 -41.29 2.76 64.78
N PRO C 431 -41.97 1.64 65.18
CA PRO C 431 -43.30 1.36 64.62
C PRO C 431 -44.32 2.47 64.87
N SER C 432 -44.33 3.07 66.08
CA SER C 432 -45.25 4.16 66.41
C SER C 432 -44.88 5.47 65.71
N ALA C 433 -43.55 5.72 65.53
CA ALA C 433 -43.07 6.92 64.82
C ALA C 433 -43.54 6.85 63.37
N CYS C 434 -43.44 5.65 62.76
CA CYS C 434 -43.85 5.39 61.38
C CYS C 434 -45.35 5.56 61.22
N ARG C 435 -46.16 4.98 62.13
CA ARG C 435 -47.63 5.07 62.12
C ARG C 435 -48.12 6.53 62.21
N PHE C 436 -47.51 7.34 63.10
CA PHE C 436 -47.88 8.75 63.29
C PHE C 436 -47.50 9.57 62.08
N LEU C 437 -46.27 9.40 61.56
CA LEU C 437 -45.81 10.15 60.41
C LEU C 437 -46.64 9.84 59.17
N ASP C 438 -47.00 8.54 59.00
CA ASP C 438 -47.85 8.03 57.90
C ASP C 438 -49.19 8.75 57.94
N SER C 439 -49.78 8.89 59.13
CA SER C 439 -51.05 9.59 59.35
C SER C 439 -50.89 11.10 59.08
N TYR C 440 -49.79 11.71 59.60
CA TYR C 440 -49.45 13.13 59.47
C TYR C 440 -49.25 13.56 58.02
N TRP C 441 -48.50 12.75 57.26
CA TRP C 441 -48.21 13.01 55.85
C TRP C 441 -49.45 12.87 54.93
N GLN C 442 -50.47 12.12 55.39
CA GLN C 442 -51.71 11.94 54.63
C GLN C 442 -52.73 13.04 54.96
N GLY C 443 -52.35 13.94 55.85
CA GLY C 443 -53.17 15.06 56.30
C GLY C 443 -54.30 14.66 57.23
N HIS C 444 -54.10 13.56 57.98
CA HIS C 444 -55.10 13.02 58.90
C HIS C 444 -55.02 13.55 60.34
N GLU C 445 -54.00 14.38 60.64
CA GLU C 445 -53.83 14.94 61.99
C GLU C 445 -54.28 16.40 62.09
N GLU C 446 -54.42 16.92 63.35
CA GLU C 446 -54.81 18.31 63.65
C GLU C 446 -53.69 19.32 63.39
N ILE C 447 -52.51 18.81 62.99
CA ILE C 447 -51.35 19.55 62.53
C ILE C 447 -51.07 19.01 61.13
N ARG C 448 -50.92 19.91 60.16
CA ARG C 448 -50.73 19.54 58.76
C ARG C 448 -49.68 20.39 58.07
N GLN C 449 -49.27 20.00 56.86
CA GLN C 449 -48.32 20.76 56.06
C GLN C 449 -48.40 20.39 54.59
N ILE C 450 -47.98 21.32 53.76
CA ILE C 450 -47.82 21.13 52.31
C ILE C 450 -46.42 21.63 52.07
N SER C 451 -45.54 20.79 51.52
CA SER C 451 -44.16 21.21 51.34
C SER C 451 -43.48 20.63 50.10
N LYS C 452 -42.38 21.28 49.72
CA LYS C 452 -41.45 20.88 48.67
C LYS C 452 -40.15 21.61 49.03
N SER C 453 -39.16 20.83 49.51
CA SER C 453 -37.85 21.32 49.97
C SER C 453 -38.03 22.46 50.97
N ASP C 454 -37.47 23.64 50.67
CA ASP C 454 -37.53 24.83 51.53
C ASP C 454 -38.79 25.69 51.39
N ASP C 455 -39.79 25.26 50.57
CA ASP C 455 -41.05 25.99 50.45
C ASP C 455 -42.12 25.17 51.14
N ALA C 456 -42.87 25.80 52.04
CA ALA C 456 -43.92 25.12 52.78
C ALA C 456 -44.95 26.07 53.34
N MET C 457 -46.08 25.48 53.73
CA MET C 457 -47.18 26.13 54.42
C MET C 457 -47.65 25.15 55.48
N LEU C 458 -47.57 25.58 56.74
CA LEU C 458 -47.90 24.76 57.91
C LEU C 458 -49.31 25.06 58.38
N GLY C 459 -50.09 24.00 58.62
CA GLY C 459 -51.49 24.13 59.01
C GLY C 459 -51.93 23.53 60.33
N TRP C 460 -52.96 24.16 60.91
CA TRP C 460 -53.61 23.78 62.15
C TRP C 460 -55.12 23.79 61.92
N THR C 461 -55.80 22.70 62.30
CA THR C 461 -57.27 22.64 62.23
C THR C 461 -57.76 23.02 63.63
N LYS C 462 -59.07 22.87 63.90
CA LYS C 462 -59.62 23.13 65.23
C LYS C 462 -59.07 22.06 66.15
N GLY C 463 -58.67 22.45 67.35
CA GLY C 463 -58.11 21.52 68.31
C GLY C 463 -57.16 22.14 69.31
N ARG C 464 -56.55 21.27 70.13
CA ARG C 464 -55.61 21.63 71.19
C ARG C 464 -54.36 22.34 70.70
N ALA C 465 -53.86 21.97 69.50
CA ALA C 465 -52.65 22.56 68.91
C ALA C 465 -52.84 23.97 68.34
N LEU C 466 -54.08 24.30 67.93
CA LEU C 466 -54.46 25.58 67.32
C LEU C 466 -54.02 26.86 68.07
N VAL C 467 -54.12 26.88 69.41
CA VAL C 467 -53.70 28.02 70.23
C VAL C 467 -52.17 28.19 70.17
N GLY C 468 -51.47 27.05 70.23
CA GLY C 468 -50.02 26.97 70.13
C GLY C 468 -49.50 27.44 68.79
N GLY C 469 -50.26 27.15 67.74
CA GLY C 469 -49.98 27.59 66.38
C GLY C 469 -49.93 29.10 66.30
N HIS C 470 -50.92 29.78 66.91
CA HIS C 470 -50.97 31.23 66.95
C HIS C 470 -49.77 31.84 67.69
N ARG C 471 -49.30 31.20 68.78
CA ARG C 471 -48.12 31.66 69.52
C ARG C 471 -46.86 31.50 68.67
N LEU C 472 -46.74 30.36 67.93
CA LEU C 472 -45.61 30.08 67.04
C LEU C 472 -45.54 31.15 65.95
N PHE C 473 -46.70 31.48 65.34
CA PHE C 473 -46.83 32.50 64.29
C PHE C 473 -46.37 33.84 64.84
N GLU C 474 -46.75 34.14 66.10
CA GLU C 474 -46.36 35.38 66.79
C GLU C 474 -44.85 35.39 67.02
N MET C 475 -44.27 34.24 67.41
CA MET C 475 -42.82 34.08 67.62
C MET C 475 -42.03 34.36 66.33
N LEU C 476 -42.55 33.88 65.17
CA LEU C 476 -41.92 34.10 63.85
C LEU C 476 -42.02 35.56 63.42
N LYS C 477 -43.10 36.27 63.86
CA LYS C 477 -43.36 37.67 63.57
C LYS C 477 -42.30 38.57 64.22
N GLU C 478 -42.18 38.52 65.58
CA GLU C 478 -41.20 39.34 66.31
C GLU C 478 -39.74 38.91 66.06
N GLY C 479 -39.57 37.68 65.58
CA GLY C 479 -38.32 37.05 65.17
C GLY C 479 -37.05 37.34 65.95
N LYS C 480 -37.07 37.08 67.27
CA LYS C 480 -35.89 37.24 68.13
C LYS C 480 -35.42 35.88 68.64
N VAL C 481 -36.19 34.82 68.31
CA VAL C 481 -35.93 33.43 68.67
C VAL C 481 -36.21 32.52 67.46
N ASN C 482 -35.21 31.68 67.09
CA ASN C 482 -35.38 30.72 66.01
C ASN C 482 -36.22 29.55 66.55
N PRO C 483 -37.36 29.20 65.89
CA PRO C 483 -38.21 28.13 66.42
C PRO C 483 -37.70 26.70 66.19
N SER C 484 -36.61 26.55 65.45
CA SER C 484 -36.07 25.23 65.16
C SER C 484 -34.61 25.06 65.59
N PRO C 485 -34.19 23.87 66.06
CA PRO C 485 -32.75 23.66 66.32
C PRO C 485 -32.00 23.23 65.06
N TYR C 486 -32.73 22.91 63.97
CA TYR C 486 -32.17 22.35 62.74
C TYR C 486 -31.79 23.29 61.62
N MET C 487 -32.63 24.28 61.34
CA MET C 487 -32.43 25.26 60.28
C MET C 487 -32.91 26.64 60.75
N LYS C 488 -32.53 27.73 60.03
CA LYS C 488 -32.95 29.09 60.37
C LYS C 488 -34.32 29.32 59.75
N ILE C 489 -35.38 29.33 60.60
CA ILE C 489 -36.76 29.51 60.16
C ILE C 489 -37.34 30.86 60.55
N SER C 490 -38.09 31.46 59.64
CA SER C 490 -38.79 32.74 59.77
C SER C 490 -40.09 32.64 58.96
N TYR C 491 -40.87 33.72 58.90
CA TYR C 491 -42.07 33.71 58.09
C TYR C 491 -41.78 34.42 56.77
N GLU C 492 -42.45 34.00 55.69
CA GLU C 492 -42.30 34.61 54.37
C GLU C 492 -43.04 35.95 54.37
N HIS C 493 -42.34 37.05 54.05
CA HIS C 493 -42.99 38.37 53.98
C HIS C 493 -43.66 38.46 52.57
N GLY C 494 -44.88 37.94 52.51
CA GLY C 494 -45.69 37.82 51.30
C GLY C 494 -45.86 36.35 50.99
N GLY C 495 -46.64 35.66 51.83
CA GLY C 495 -46.87 34.21 51.77
C GLY C 495 -47.24 33.64 50.41
N ALA C 496 -46.43 32.68 49.95
CA ALA C 496 -46.66 32.01 48.67
C ALA C 496 -46.18 30.56 48.74
N PHE C 497 -46.80 29.68 47.94
CA PHE C 497 -46.40 28.28 47.89
C PHE C 497 -46.28 27.81 46.46
N LEU C 498 -45.05 27.43 46.08
CA LEU C 498 -44.69 26.93 44.75
C LEU C 498 -45.20 27.87 43.63
N GLY C 499 -44.88 29.15 43.79
CA GLY C 499 -45.19 30.22 42.84
C GLY C 499 -46.53 30.92 43.01
N ASP C 500 -47.48 30.26 43.68
CA ASP C 500 -48.83 30.75 43.91
C ASP C 500 -49.01 31.47 45.25
N ILE C 501 -49.37 32.76 45.17
CA ILE C 501 -49.60 33.66 46.30
C ILE C 501 -50.91 33.32 47.00
N LEU C 502 -50.86 33.14 48.33
CA LEU C 502 -52.08 32.91 49.08
C LEU C 502 -52.70 34.27 49.38
N LEU C 503 -53.77 34.62 48.62
CA LEU C 503 -54.48 35.89 48.76
C LEU C 503 -55.59 35.81 49.81
N TYR C 504 -55.41 36.56 50.89
CA TYR C 504 -56.38 36.64 51.98
C TYR C 504 -57.32 37.82 51.75
N ASP C 505 -58.50 37.77 52.37
CA ASP C 505 -59.44 38.90 52.32
C ASP C 505 -59.41 39.63 53.66
N SER C 506 -60.44 40.44 53.96
CA SER C 506 -60.57 41.21 55.20
C SER C 506 -60.50 40.37 56.47
N ARG C 507 -61.00 39.12 56.42
CA ARG C 507 -61.03 38.19 57.54
C ARG C 507 -59.66 37.63 57.94
N ARG C 508 -58.71 37.56 56.98
CA ARG C 508 -57.35 37.01 57.17
C ARG C 508 -57.39 35.58 57.74
N GLU C 509 -58.24 34.74 57.13
CA GLU C 509 -58.44 33.34 57.52
C GLU C 509 -58.26 32.43 56.31
N PRO C 510 -57.62 31.25 56.48
CA PRO C 510 -57.35 30.35 55.34
C PRO C 510 -58.56 29.81 54.56
N GLY C 511 -59.72 29.81 55.19
CA GLY C 511 -60.98 29.36 54.60
C GLY C 511 -61.50 30.26 53.49
N SER C 512 -61.33 31.58 53.67
CA SER C 512 -61.77 32.55 52.68
C SER C 512 -60.60 33.09 51.84
N ALA C 513 -59.41 32.49 51.99
CA ALA C 513 -58.22 32.86 51.22
C ALA C 513 -58.17 32.05 49.94
N ILE C 514 -57.62 32.63 48.88
CA ILE C 514 -57.52 31.96 47.58
C ILE C 514 -56.10 31.97 47.04
N PHE C 515 -55.74 30.91 46.29
CA PHE C 515 -54.45 30.80 45.64
C PHE C 515 -54.57 31.38 44.23
N VAL C 516 -53.81 32.47 43.98
CA VAL C 516 -53.74 33.19 42.71
C VAL C 516 -52.28 33.22 42.28
N GLY C 517 -52.02 33.47 41.00
CA GLY C 517 -50.66 33.53 40.48
C GLY C 517 -49.89 34.76 40.92
N ASN C 518 -48.55 34.73 40.77
CA ASN C 518 -47.69 35.87 41.09
C ASN C 518 -47.46 36.67 39.81
N ILE C 519 -48.04 37.89 39.72
CA ILE C 519 -47.90 38.74 38.53
C ILE C 519 -46.45 39.18 38.30
N ASN C 520 -45.67 39.31 39.38
CA ASN C 520 -44.26 39.66 39.27
C ASN C 520 -43.53 38.56 38.53
N SER C 521 -43.99 37.30 38.67
CA SER C 521 -43.46 36.16 37.95
C SER C 521 -43.81 36.24 36.46
N MET C 522 -44.96 36.86 36.08
CA MET C 522 -45.33 37.05 34.67
C MET C 522 -44.29 37.96 34.00
N LEU C 523 -43.95 39.07 34.67
CA LEU C 523 -42.97 40.07 34.23
C LEU C 523 -41.53 39.54 34.30
N ASN C 524 -41.17 38.85 35.42
CA ASN C 524 -39.85 38.21 35.62
C ASN C 524 -39.59 37.23 34.46
N ASN C 525 -40.62 36.47 34.03
CA ASN C 525 -40.51 35.49 32.95
C ASN C 525 -40.46 36.17 31.59
N GLN C 526 -41.41 37.09 31.34
CA GLN C 526 -41.55 37.78 30.06
C GLN C 526 -40.45 38.75 29.71
N PHE C 527 -39.99 39.57 30.66
CA PHE C 527 -38.97 40.59 30.37
C PHE C 527 -37.58 40.31 30.91
N SER C 528 -37.44 39.33 31.82
CA SER C 528 -36.14 38.94 32.34
C SER C 528 -35.95 37.42 32.29
N PRO C 529 -35.95 36.78 31.09
CA PRO C 529 -35.70 35.33 31.05
C PRO C 529 -34.27 35.00 31.51
N GLU C 530 -34.04 33.80 32.07
CA GLU C 530 -32.71 33.39 32.54
C GLU C 530 -31.75 33.18 31.36
N TYR C 531 -32.29 32.67 30.25
CA TYR C 531 -31.50 32.39 29.05
C TYR C 531 -32.01 33.17 27.85
N GLY C 532 -31.14 33.30 26.85
CA GLY C 532 -31.49 33.92 25.58
C GLY C 532 -32.33 32.97 24.74
N VAL C 533 -32.73 33.40 23.54
CA VAL C 533 -33.54 32.56 22.66
C VAL C 533 -32.79 31.42 21.97
N GLN C 534 -31.43 31.45 22.02
CA GLN C 534 -30.53 30.47 21.41
C GLN C 534 -30.91 30.24 19.95
N SER C 535 -31.11 31.34 19.19
CA SER C 535 -31.53 31.27 17.78
C SER C 535 -30.60 30.46 16.86
N GLY C 536 -29.35 30.24 17.32
CA GLY C 536 -28.33 29.47 16.63
C GLY C 536 -28.47 27.96 16.80
N VAL C 537 -29.19 27.51 17.87
CA VAL C 537 -29.44 26.09 18.16
C VAL C 537 -30.60 25.64 17.26
N ARG C 538 -30.30 24.89 16.15
CA ARG C 538 -31.27 24.41 15.16
C ARG C 538 -32.45 23.67 15.80
N ASP C 539 -32.14 22.67 16.64
CA ASP C 539 -33.11 21.86 17.37
C ASP C 539 -33.74 22.70 18.47
N ARG C 540 -35.02 22.43 18.80
CA ARG C 540 -35.77 23.14 19.85
C ARG C 540 -35.97 22.32 21.15
N SER C 541 -35.87 20.96 21.09
CA SER C 541 -36.03 20.04 22.22
C SER C 541 -34.91 20.15 23.26
N LYS C 542 -33.67 20.42 22.81
CA LYS C 542 -32.47 20.54 23.66
C LYS C 542 -32.24 21.95 24.22
N ARG C 543 -32.51 23.03 23.40
CA ARG C 543 -32.33 24.45 23.77
C ARG C 543 -33.10 24.85 25.03
N LYS C 544 -32.42 25.58 25.93
CA LYS C 544 -32.91 26.02 27.24
C LYS C 544 -34.23 26.82 27.25
N ARG C 545 -34.62 27.40 26.10
CA ARG C 545 -35.90 28.09 25.90
C ARG C 545 -36.44 27.58 24.57
N PRO C 546 -37.12 26.40 24.60
CA PRO C 546 -37.61 25.77 23.36
C PRO C 546 -38.59 26.62 22.57
N PHE C 547 -39.75 26.94 23.18
CA PHE C 547 -40.81 27.71 22.56
C PHE C 547 -41.28 28.90 23.45
N PRO C 548 -40.56 30.08 23.47
CA PRO C 548 -41.00 31.20 24.33
C PRO C 548 -42.39 31.79 24.05
N GLY C 549 -42.80 31.73 22.77
CA GLY C 549 -44.07 32.24 22.29
C GLY C 549 -45.30 31.61 22.92
N LEU C 550 -45.21 30.33 23.31
CA LEU C 550 -46.31 29.54 23.90
C LEU C 550 -46.89 30.09 25.19
N ALA C 551 -46.05 30.77 26.01
CA ALA C 551 -46.46 31.36 27.29
C ALA C 551 -47.64 32.34 27.15
N TRP C 552 -47.76 32.98 25.98
CA TRP C 552 -48.82 33.94 25.67
C TRP C 552 -50.19 33.27 25.68
N ALA C 553 -50.26 32.02 25.16
CA ALA C 553 -51.49 31.24 25.04
C ALA C 553 -52.27 30.95 26.30
N SER C 554 -51.66 30.47 27.38
CA SER C 554 -52.45 30.23 28.59
C SER C 554 -51.92 31.07 29.76
N MET C 555 -51.54 32.31 29.43
CA MET C 555 -51.11 33.37 30.33
C MET C 555 -52.33 33.74 31.18
N LYS C 556 -53.55 33.66 30.57
CA LYS C 556 -54.83 33.92 31.22
C LYS C 556 -55.09 32.86 32.28
N ASP C 557 -54.81 31.57 31.98
CA ASP C 557 -55.02 30.52 32.98
C ASP C 557 -54.05 30.67 34.15
N THR C 558 -52.78 30.98 33.83
CA THR C 558 -51.68 31.14 34.79
C THR C 558 -51.81 32.38 35.69
N TYR C 559 -51.93 33.57 35.06
CA TYR C 559 -51.95 34.85 35.76
C TYR C 559 -53.28 35.59 35.89
N GLY C 560 -54.27 35.21 35.07
CA GLY C 560 -55.60 35.81 35.04
C GLY C 560 -56.24 36.04 36.40
N ALA C 561 -56.03 35.08 37.34
CA ALA C 561 -56.53 35.12 38.72
C ALA C 561 -55.93 36.26 39.55
N CYS C 562 -54.77 36.84 39.14
CA CYS C 562 -54.17 37.95 39.87
C CYS C 562 -55.07 39.19 39.75
N PRO C 563 -55.41 39.84 40.90
CA PRO C 563 -56.29 41.02 40.84
C PRO C 563 -55.93 42.09 39.81
N ILE C 564 -54.63 42.28 39.55
CA ILE C 564 -54.13 43.33 38.64
C ILE C 564 -53.69 42.85 37.24
N TYR C 565 -54.11 41.64 36.81
CA TYR C 565 -53.76 41.04 35.52
C TYR C 565 -54.00 41.92 34.27
N SER C 566 -55.19 42.56 34.19
CA SER C 566 -55.62 43.45 33.10
C SER C 566 -54.87 44.79 33.10
N ASP C 567 -54.77 45.39 34.29
CA ASP C 567 -54.13 46.67 34.54
C ASP C 567 -52.65 46.69 34.15
N VAL C 568 -51.93 45.57 34.42
CA VAL C 568 -50.52 45.37 34.07
C VAL C 568 -50.36 45.19 32.57
N LEU C 569 -51.20 44.32 31.93
CA LEU C 569 -51.16 44.13 30.47
C LEU C 569 -51.34 45.48 29.75
N GLU C 570 -52.21 46.36 30.30
CA GLU C 570 -52.44 47.72 29.78
C GLU C 570 -51.21 48.60 29.98
N ALA C 571 -50.59 48.53 31.19
CA ALA C 571 -49.38 49.28 31.53
C ALA C 571 -48.20 48.86 30.65
N ILE C 572 -48.11 47.54 30.30
CA ILE C 572 -47.08 46.99 29.39
C ILE C 572 -47.29 47.59 27.99
N GLU C 573 -48.54 47.51 27.47
CA GLU C 573 -48.91 48.00 26.16
C GLU C 573 -48.54 49.48 25.97
N ARG C 574 -48.91 50.32 26.95
CA ARG C 574 -48.65 51.75 26.96
C ARG C 574 -47.13 52.03 26.93
N CYS C 575 -46.37 51.38 27.82
CA CYS C 575 -44.91 51.53 27.92
C CYS C 575 -44.14 51.01 26.72
N TRP C 576 -44.59 49.87 26.14
CA TRP C 576 -43.97 49.28 24.96
C TRP C 576 -44.22 50.17 23.78
N TRP C 577 -45.41 50.80 23.76
CA TRP C 577 -45.83 51.75 22.74
C TRP C 577 -44.90 52.97 22.74
N ASN C 578 -44.59 53.48 23.94
CA ASN C 578 -43.69 54.61 24.17
C ASN C 578 -42.26 54.30 23.76
N ALA C 579 -41.80 53.07 24.05
CA ALA C 579 -40.42 52.63 23.79
C ALA C 579 -40.12 52.13 22.40
N PHE C 580 -41.05 51.39 21.78
CA PHE C 580 -40.80 50.78 20.47
C PHE C 580 -41.67 51.27 19.33
N GLY C 581 -42.86 51.76 19.64
CA GLY C 581 -43.82 52.22 18.63
C GLY C 581 -44.88 51.16 18.39
N GLU C 582 -44.45 49.88 18.24
CA GLU C 582 -45.29 48.70 18.02
C GLU C 582 -46.20 48.39 19.23
N SER C 583 -47.20 47.54 19.01
CA SER C 583 -48.14 47.04 20.02
C SER C 583 -47.51 45.78 20.60
N TYR C 584 -47.34 45.69 21.93
CA TYR C 584 -46.75 44.50 22.54
C TYR C 584 -47.63 43.29 22.30
N ARG C 585 -48.96 43.44 22.48
CA ARG C 585 -49.93 42.37 22.26
C ARG C 585 -49.82 41.81 20.84
N ALA C 586 -49.75 42.68 19.82
CA ALA C 586 -49.62 42.25 18.43
C ALA C 586 -48.28 41.54 18.19
N TYR C 587 -47.20 42.04 18.85
CA TYR C 587 -45.85 41.48 18.77
C TYR C 587 -45.86 40.05 19.30
N ARG C 588 -46.56 39.83 20.43
CA ARG C 588 -46.71 38.54 21.11
C ARG C 588 -47.73 37.60 20.48
N GLU C 589 -48.59 38.13 19.63
CA GLU C 589 -49.54 37.34 18.84
C GLU C 589 -48.81 36.83 17.59
N ASP C 590 -48.00 37.68 16.92
CA ASP C 590 -47.18 37.29 15.75
C ASP C 590 -46.21 36.20 16.18
N MET C 591 -45.66 36.37 17.40
CA MET C 591 -44.73 35.47 18.05
C MET C 591 -45.43 34.12 18.22
N LEU C 592 -46.43 34.05 19.15
CA LEU C 592 -47.25 32.86 19.44
C LEU C 592 -47.80 32.18 18.17
N LYS C 593 -48.08 32.95 17.08
CA LYS C 593 -48.56 32.45 15.79
C LYS C 593 -47.45 31.59 15.13
N ARG C 594 -46.32 32.22 14.77
CA ARG C 594 -45.17 31.59 14.13
C ARG C 594 -44.37 30.66 15.09
N ASP C 595 -44.66 30.73 16.41
CA ASP C 595 -44.05 29.94 17.50
C ASP C 595 -44.89 28.67 17.84
N THR C 596 -46.23 28.70 17.63
CA THR C 596 -47.10 27.53 17.79
C THR C 596 -46.99 26.68 16.49
N LEU C 597 -46.51 27.33 15.39
CA LEU C 597 -46.25 26.76 14.06
C LEU C 597 -45.11 25.73 14.16
N GLU C 598 -44.08 26.01 14.97
CA GLU C 598 -42.90 25.16 15.18
C GLU C 598 -43.08 23.98 16.14
N LEU C 599 -44.09 24.03 17.03
CA LEU C 599 -44.40 22.95 17.97
C LEU C 599 -45.06 21.76 17.23
N SER C 600 -45.72 22.05 16.08
CA SER C 600 -46.40 21.09 15.19
C SER C 600 -45.52 19.88 14.82
N ARG C 601 -44.22 20.14 14.55
CA ARG C 601 -43.23 19.12 14.17
C ARG C 601 -42.83 18.20 15.34
N TYR C 602 -42.64 18.79 16.54
CA TYR C 602 -42.21 18.06 17.74
C TYR C 602 -43.26 17.17 18.45
N VAL C 603 -44.57 17.40 18.18
CA VAL C 603 -45.68 16.58 18.70
C VAL C 603 -46.46 15.92 17.56
N ALA C 604 -46.13 14.63 17.27
CA ALA C 604 -46.73 13.82 16.21
C ALA C 604 -48.26 13.69 16.31
N SER C 605 -48.80 13.76 17.55
CA SER C 605 -50.22 13.67 17.87
C SER C 605 -51.09 14.77 17.20
N MET C 606 -50.59 16.03 17.21
CA MET C 606 -51.30 17.19 16.67
C MET C 606 -50.92 17.48 15.22
N ALA C 613 -54.32 25.11 21.60
CA ALA C 613 -54.74 25.54 22.93
C ALA C 613 -55.39 24.41 23.77
N GLU C 614 -55.40 23.16 23.24
CA GLU C 614 -55.98 21.96 23.87
C GLU C 614 -55.15 21.40 25.04
N LEU C 615 -53.82 21.67 25.04
CA LEU C 615 -52.89 21.22 26.07
C LEU C 615 -53.13 21.87 27.44
N THR C 616 -52.75 21.17 28.52
CA THR C 616 -52.89 21.63 29.89
C THR C 616 -52.01 22.87 30.17
N PRO C 617 -52.52 23.87 30.94
CA PRO C 617 -51.73 25.09 31.23
C PRO C 617 -50.39 24.86 31.92
N ILE C 618 -50.24 23.70 32.63
CA ILE C 618 -48.99 23.32 33.32
C ILE C 618 -47.87 23.19 32.26
N ASP C 619 -48.12 22.42 31.19
CA ASP C 619 -47.21 22.15 30.06
C ASP C 619 -46.74 23.45 29.42
N LEU C 620 -47.69 24.34 29.07
CA LEU C 620 -47.52 25.67 28.47
C LEU C 620 -46.28 26.45 28.99
N GLU C 621 -46.16 26.59 30.33
CA GLU C 621 -45.08 27.30 31.00
C GLU C 621 -43.76 26.50 30.94
N VAL C 622 -43.85 25.15 31.01
CA VAL C 622 -42.71 24.23 30.91
C VAL C 622 -42.18 24.20 29.45
N LEU C 623 -43.05 24.48 28.46
CA LEU C 623 -42.62 24.53 27.06
C LEU C 623 -41.80 25.79 26.81
N ALA C 624 -42.18 26.91 27.47
CA ALA C 624 -41.54 28.24 27.39
C ALA C 624 -40.31 28.38 28.30
N ASP C 625 -40.36 27.70 29.46
CA ASP C 625 -39.36 27.66 30.55
C ASP C 625 -39.25 26.16 31.04
N PRO C 626 -38.45 25.27 30.37
CA PRO C 626 -38.39 23.85 30.79
C PRO C 626 -37.84 23.59 32.20
N ASN C 627 -37.12 24.59 32.73
CA ASN C 627 -36.61 24.67 34.09
C ASN C 627 -37.88 25.09 34.89
N LYS C 628 -37.76 25.77 36.05
CA LYS C 628 -38.93 26.17 36.86
C LYS C 628 -39.82 24.96 37.23
N LEU C 629 -39.62 23.85 36.50
CA LEU C 629 -40.16 22.52 36.70
C LEU C 629 -39.31 22.03 37.92
N GLN C 630 -38.04 22.51 37.97
CA GLN C 630 -36.98 22.36 38.99
C GLN C 630 -37.35 23.09 40.31
N TYR C 631 -38.05 24.25 40.21
CA TYR C 631 -38.54 25.10 41.30
C TYR C 631 -39.62 24.36 42.10
N HIS C 643 -46.54 16.45 26.00
CA HIS C 643 -45.99 17.02 27.24
C HIS C 643 -44.79 16.19 27.82
N GLU C 644 -43.94 15.66 26.91
CA GLU C 644 -42.78 14.83 27.25
C GLU C 644 -41.64 14.83 26.21
N VAL C 645 -41.66 15.80 25.25
CA VAL C 645 -40.64 16.00 24.18
C VAL C 645 -39.27 16.43 24.78
N LEU C 646 -39.22 16.54 26.12
CA LEU C 646 -38.11 16.98 26.97
C LEU C 646 -37.24 15.88 27.55
N MET C 647 -37.77 14.63 27.68
CA MET C 647 -37.05 13.50 28.28
C MET C 647 -37.01 12.25 27.40
N HIS C 648 -35.97 11.41 27.60
CA HIS C 648 -35.82 10.08 27.00
C HIS C 648 -35.43 9.10 28.12
N GLY C 649 -35.77 7.83 27.95
CA GLY C 649 -35.51 6.85 29.00
C GLY C 649 -34.78 5.57 28.62
N VAL C 650 -34.19 4.94 29.66
CA VAL C 650 -33.50 3.65 29.67
C VAL C 650 -34.60 2.67 30.07
N SER C 651 -34.78 1.56 29.31
CA SER C 651 -35.84 0.57 29.53
C SER C 651 -36.10 0.16 30.97
N VAL C 652 -37.38 -0.07 31.31
CA VAL C 652 -37.80 -0.51 32.63
C VAL C 652 -37.25 -1.93 32.94
N GLU C 653 -36.90 -2.71 31.91
CA GLU C 653 -36.32 -4.06 32.03
C GLU C 653 -34.95 -3.98 32.72
N LYS C 654 -34.10 -3.01 32.29
CA LYS C 654 -32.77 -2.76 32.84
C LYS C 654 -32.85 -2.16 34.25
N THR C 655 -33.82 -1.25 34.48
CA THR C 655 -33.98 -0.62 35.79
C THR C 655 -34.62 -1.55 36.80
N GLU C 656 -35.55 -2.42 36.35
CA GLU C 656 -36.25 -3.42 37.17
C GLU C 656 -35.24 -4.38 37.78
N ARG C 657 -34.28 -4.86 36.95
CA ARG C 657 -33.21 -5.77 37.34
C ARG C 657 -32.28 -5.08 38.34
N PHE C 658 -31.93 -3.80 38.06
CA PHE C 658 -31.09 -2.98 38.92
C PHE C 658 -31.75 -2.77 40.28
N LEU C 659 -33.01 -2.29 40.28
CA LEU C 659 -33.76 -2.02 41.50
C LEU C 659 -33.93 -3.24 42.42
N ARG C 660 -34.12 -4.44 41.83
CA ARG C 660 -34.26 -5.72 42.54
C ARG C 660 -33.01 -6.00 43.40
N SER C 661 -31.83 -5.68 42.85
CA SER C 661 -30.53 -5.87 43.49
C SER C 661 -30.21 -4.86 44.61
N VAL C 662 -30.90 -3.68 44.61
CA VAL C 662 -30.69 -2.58 45.56
C VAL C 662 -31.54 -2.76 46.82
N MET C 663 -32.82 -2.96 46.57
CA MET C 663 -33.87 -3.04 47.55
C MET C 663 -33.87 -4.23 48.47
N PRO C 664 -34.43 -4.06 49.69
CA PRO C 664 -34.45 -5.19 50.63
C PRO C 664 -35.31 -6.37 50.20
N ARG C 665 -34.92 -7.54 50.73
CA ARG C 665 -35.53 -8.87 50.68
C ARG C 665 -36.57 -9.08 49.55
#